data_3SQV
#
_entry.id   3SQV
#
_cell.length_a   302.313
_cell.length_b   72.012
_cell.length_c   125.669
_cell.angle_alpha   90.00
_cell.angle_beta   109.22
_cell.angle_gamma   90.00
#
_symmetry.space_group_name_H-M   'C 1 2 1'
#
loop_
_entity.id
_entity.type
_entity.pdbx_description
1 polymer 'secreted effector protein'
2 polymer 'Ubiquitin-conjugating enzyme E2 L3'
3 non-polymer 'SULFATE ION'
4 non-polymer GLYCEROL
5 water water
#
loop_
_entity_poly.entity_id
_entity_poly.type
_entity_poly.pdbx_seq_one_letter_code
_entity_poly.pdbx_strand_id
1 'polypeptide(L)'
;SNASQGRACLSKAELTADLIWLSANRTGEESAEELNYSGCDLSGLSLVGLNLSSVNFSGAVLDDTDLRMSDLSQAVLENC
SFKNSILNECNFCYANLSNCIIRALFENSNFSNSNLKNASFKGSSYIQYPPILNEADLTGAIIIPGMVLSGAILGDVKEL
FSEKSNTINLGGCYIDLSDIQENILSVLDNYTKSNKSILLTMNTSDDKYNHDKVRAAEELIKKISLDELAAFRPYVKMSL
ADSFSIHPYLNNANIQQWLEPICDDFFDTIMSWFNNSIMMYMENGSLLQAGMYFERHPGAMVSYNSSFIQIVMNGSRRDG
MQERFRELYEVYLKNEKVYPVTQQSDFGLCDGSGKPDWDDDSDLAYNWVLLSSQDDGMAMMCSLSHMVDMLSPNTSTNWM
SFFLYKDGEVQNTFGYSLSNLFSESFPIFSIPYHKAFSQNFVSGILDILISDNELKERFIEALNSNKSDYKMIADDQQRK
LACVWNPFLDGWELNAQHVDMIMGSHVLKDMPLRKQAEILFCLGGVFCKYSSSDMFGTEYDSPEILRRYANGLIEQAYKT
DPQVFGSVYYYNDILDRLQGRNNVFTCTAVLTDMLTEHAKESFPEIFSLYYPVAWR
;
A,B
2 'polypeptide(L)'
;GSMAASRRLMKELEEIRKCGMKNFRNIQVDEANLLTWQGLIVPDNPPYDKGAFRIEINFPAEYPFKPPKITFKTKIYHPN
IDEKGQVCLPVISAENWKPATKTDQVIQSLIALVNDPQPEHPLRADLAEEYSKDRKKFCKNAEEFTKKYGEKRPVD
;
C,D
#
# COMPACT_ATOMS: atom_id res chain seq x y z
N GLN A 5 19.58 -44.45 36.61
CA GLN A 5 19.35 -45.57 35.69
C GLN A 5 20.14 -45.37 34.41
N GLY A 6 21.41 -44.98 34.54
CA GLY A 6 22.22 -44.74 33.38
C GLY A 6 23.73 -44.83 33.62
N ARG A 7 24.45 -44.96 32.51
CA ARG A 7 25.90 -44.95 32.49
C ARG A 7 26.27 -44.82 31.02
N ALA A 8 27.11 -43.84 30.70
CA ALA A 8 27.38 -43.47 29.31
C ALA A 8 28.05 -44.57 28.49
N CYS A 9 28.24 -45.74 29.10
CA CYS A 9 28.97 -46.84 28.45
C CYS A 9 28.03 -47.84 27.77
N LEU A 10 26.73 -47.64 27.90
CA LEU A 10 25.74 -48.47 27.19
C LEU A 10 25.39 -47.82 25.86
N SER A 11 25.44 -48.59 24.78
CA SER A 11 25.32 -48.01 23.44
C SER A 11 24.02 -47.25 23.25
N LYS A 12 23.96 -46.46 22.17
CA LYS A 12 22.82 -45.60 21.89
C LYS A 12 21.52 -46.40 21.81
N ALA A 13 21.64 -47.72 21.73
CA ALA A 13 20.48 -48.60 21.69
C ALA A 13 20.03 -48.98 23.10
N GLU A 14 21.00 -49.30 23.95
CA GLU A 14 20.74 -49.71 25.32
C GLU A 14 20.05 -48.57 26.09
N LEU A 15 20.36 -47.34 25.70
CA LEU A 15 19.89 -46.16 26.40
C LEU A 15 18.41 -45.85 26.16
N THR A 16 18.02 -45.82 24.91
CA THR A 16 16.61 -45.61 24.56
C THR A 16 15.76 -46.43 25.52
N ALA A 17 15.95 -47.75 25.46
CA ALA A 17 15.21 -48.68 26.31
C ALA A 17 14.92 -48.12 27.70
N ASP A 18 15.97 -47.86 28.46
CA ASP A 18 15.83 -47.40 29.84
C ASP A 18 14.89 -46.21 29.95
N LEU A 19 14.98 -45.33 28.95
CA LEU A 19 14.19 -44.10 28.95
C LEU A 19 12.71 -44.34 28.66
N ILE A 20 12.43 -44.98 27.54
CA ILE A 20 11.04 -45.25 27.16
C ILE A 20 10.36 -45.98 28.31
N TRP A 21 11.09 -46.89 28.96
CA TRP A 21 10.57 -47.55 30.16
C TRP A 21 10.23 -46.50 31.20
N LEU A 22 11.21 -45.65 31.48
CA LEU A 22 11.05 -44.57 32.43
C LEU A 22 9.76 -43.77 32.19
N SER A 23 9.55 -43.29 30.97
CA SER A 23 8.38 -42.49 30.66
C SER A 23 7.11 -43.20 31.11
N ALA A 24 7.06 -44.50 30.89
CA ALA A 24 5.87 -45.28 31.20
C ALA A 24 5.52 -45.18 32.68
N ASN A 25 6.25 -45.96 33.47
CA ASN A 25 6.09 -45.95 34.91
C ASN A 25 6.68 -44.68 35.51
N ARG A 26 5.81 -43.71 35.77
CA ARG A 26 6.26 -42.44 36.32
C ARG A 26 5.95 -42.35 37.80
N THR A 27 6.95 -42.68 38.61
CA THR A 27 6.84 -42.66 40.06
C THR A 27 6.58 -41.23 40.52
N GLY A 28 7.43 -40.31 40.10
CA GLY A 28 7.34 -38.93 40.52
C GLY A 28 8.38 -38.67 41.59
N GLU A 29 8.31 -39.45 42.66
CA GLU A 29 9.29 -39.37 43.73
C GLU A 29 10.32 -40.46 43.56
N GLU A 30 10.93 -40.50 42.37
CA GLU A 30 12.05 -41.39 42.09
C GLU A 30 13.26 -41.06 42.95
N SER A 31 14.26 -41.93 42.92
CA SER A 31 15.48 -41.72 43.71
C SER A 31 16.60 -41.23 42.81
N ALA A 32 17.50 -40.45 43.38
CA ALA A 32 18.62 -39.88 42.63
C ALA A 32 19.27 -40.85 41.65
N GLU A 33 19.35 -42.13 42.04
CA GLU A 33 19.97 -43.14 41.21
C GLU A 33 19.15 -43.43 39.96
N GLU A 34 17.84 -43.47 40.14
CA GLU A 34 16.92 -43.74 39.03
C GLU A 34 16.94 -42.63 37.96
N LEU A 35 16.87 -41.37 38.40
CA LEU A 35 16.75 -40.25 37.48
C LEU A 35 18.07 -39.84 36.84
N ASN A 36 19.17 -40.39 37.33
CA ASN A 36 20.49 -40.01 36.87
C ASN A 36 20.85 -40.52 35.48
N TYR A 37 20.89 -39.62 34.51
CA TYR A 37 21.30 -39.93 33.14
C TYR A 37 22.28 -38.87 32.64
N SER A 38 23.43 -38.77 33.29
CA SER A 38 24.37 -37.71 32.98
C SER A 38 25.57 -38.15 32.14
N GLY A 39 26.05 -37.26 31.27
CA GLY A 39 27.21 -37.55 30.44
C GLY A 39 26.93 -38.53 29.32
N CYS A 40 25.70 -39.03 29.26
CA CYS A 40 25.32 -40.07 28.30
C CYS A 40 25.26 -39.58 26.85
N ASP A 41 25.84 -40.34 25.95
CA ASP A 41 25.80 -40.00 24.54
C ASP A 41 24.44 -40.36 23.94
N LEU A 42 23.62 -39.34 23.70
CA LEU A 42 22.30 -39.53 23.11
C LEU A 42 22.23 -38.94 21.71
N SER A 43 23.38 -38.86 21.06
CA SER A 43 23.46 -38.31 19.71
C SER A 43 22.68 -39.14 18.68
N GLY A 44 21.46 -38.71 18.38
CA GLY A 44 20.77 -39.23 17.22
C GLY A 44 19.44 -39.91 17.44
N LEU A 45 19.09 -40.20 18.68
CA LEU A 45 17.84 -40.92 18.94
C LEU A 45 16.62 -40.02 19.05
N SER A 46 15.45 -40.59 18.83
CA SER A 46 14.20 -39.88 19.00
C SER A 46 13.77 -40.06 20.45
N LEU A 47 13.23 -39.00 21.04
CA LEU A 47 12.71 -39.08 22.40
C LEU A 47 11.40 -38.32 22.49
N VAL A 48 10.72 -38.22 21.36
CA VAL A 48 9.54 -37.39 21.26
C VAL A 48 8.40 -37.91 22.12
N GLY A 49 7.67 -37.01 22.78
CA GLY A 49 6.49 -37.40 23.52
C GLY A 49 6.70 -37.92 24.93
N LEU A 50 7.95 -38.29 25.25
CA LEU A 50 8.26 -38.89 26.55
C LEU A 50 7.98 -37.96 27.73
N ASN A 51 7.81 -38.54 28.92
CA ASN A 51 7.66 -37.76 30.15
C ASN A 51 8.98 -37.81 30.90
N LEU A 52 9.79 -36.77 30.75
CA LEU A 52 11.11 -36.79 31.33
C LEU A 52 11.28 -35.67 32.31
N SER A 53 10.27 -35.48 33.15
CA SER A 53 10.38 -34.50 34.23
C SER A 53 11.49 -34.92 35.19
N SER A 54 12.18 -33.93 35.73
CA SER A 54 13.08 -34.13 36.86
C SER A 54 14.29 -34.96 36.51
N VAL A 55 14.41 -35.36 35.24
CA VAL A 55 15.53 -36.21 34.83
C VAL A 55 16.86 -35.48 34.84
N ASN A 56 17.93 -36.18 35.20
CA ASN A 56 19.26 -35.60 35.15
C ASN A 56 19.97 -35.89 33.84
N PHE A 57 20.58 -34.88 33.23
CA PHE A 57 21.29 -35.07 31.98
C PHE A 57 22.56 -34.25 31.93
N SER A 58 22.86 -33.60 33.04
CA SER A 58 24.04 -32.73 33.11
C SER A 58 25.25 -33.43 32.51
N GLY A 59 25.71 -32.92 31.37
CA GLY A 59 26.85 -33.50 30.69
C GLY A 59 26.45 -34.23 29.43
N ALA A 60 25.18 -34.61 29.35
CA ALA A 60 24.67 -35.38 28.21
C ALA A 60 25.00 -34.75 26.87
N VAL A 61 25.04 -35.55 25.81
CA VAL A 61 25.31 -35.02 24.47
C VAL A 61 24.16 -35.29 23.51
N LEU A 62 23.13 -34.44 23.58
CA LEU A 62 21.93 -34.61 22.77
C LEU A 62 22.02 -34.07 21.35
N ASP A 63 23.22 -33.70 20.91
CA ASP A 63 23.36 -33.19 19.55
C ASP A 63 22.62 -34.09 18.58
N ASP A 64 22.04 -33.48 17.56
CA ASP A 64 21.33 -34.23 16.53
C ASP A 64 20.19 -35.06 17.10
N THR A 65 19.55 -34.57 18.15
CA THR A 65 18.43 -35.31 18.73
C THR A 65 17.10 -34.63 18.50
N ASP A 66 16.02 -35.42 18.55
CA ASP A 66 14.67 -34.93 18.28
C ASP A 66 13.78 -35.13 19.50
N LEU A 67 13.80 -34.17 20.42
CA LEU A 67 13.11 -34.35 21.70
C LEU A 67 11.78 -33.61 21.73
N ARG A 68 11.18 -33.43 20.57
CA ARG A 68 9.97 -32.62 20.45
C ARG A 68 8.80 -33.19 21.24
N MET A 69 7.85 -32.34 21.59
CA MET A 69 6.61 -32.77 22.23
C MET A 69 6.78 -33.24 23.68
N SER A 70 7.98 -33.69 24.04
CA SER A 70 8.22 -34.33 25.33
C SER A 70 8.36 -33.39 26.51
N ASP A 71 7.94 -33.85 27.67
CA ASP A 71 7.98 -33.04 28.89
C ASP A 71 9.36 -33.10 29.56
N LEU A 72 9.77 -31.99 30.17
CA LEU A 72 11.09 -31.89 30.80
C LEU A 72 11.11 -30.96 32.01
N SER A 73 9.94 -30.59 32.53
CA SER A 73 9.92 -29.69 33.67
C SER A 73 10.84 -30.23 34.77
N GLN A 74 11.52 -29.31 35.46
CA GLN A 74 12.41 -29.66 36.57
C GLN A 74 13.62 -30.47 36.15
N ALA A 75 13.78 -30.68 34.85
CA ALA A 75 14.97 -31.38 34.34
C ALA A 75 16.25 -30.67 34.82
N VAL A 76 17.39 -31.33 34.67
CA VAL A 76 18.66 -30.65 34.87
C VAL A 76 19.65 -30.96 33.74
N LEU A 77 19.81 -30.01 32.84
CA LEU A 77 20.67 -30.19 31.68
C LEU A 77 21.90 -29.30 31.75
N GLU A 78 22.28 -28.94 32.97
CA GLU A 78 23.47 -28.15 33.19
C GLU A 78 24.62 -28.72 32.37
N ASN A 79 25.06 -27.96 31.37
CA ASN A 79 26.23 -28.32 30.56
C ASN A 79 25.96 -29.28 29.41
N CYS A 80 24.73 -29.31 28.93
CA CYS A 80 24.36 -30.22 27.83
C CYS A 80 24.70 -29.67 26.46
N SER A 81 24.59 -30.50 25.43
CA SER A 81 24.84 -30.07 24.05
C SER A 81 23.64 -30.35 23.15
N PHE A 82 23.41 -29.49 22.17
CA PHE A 82 22.20 -29.57 21.35
C PHE A 82 22.42 -29.23 19.89
N LYS A 83 23.63 -29.41 19.37
CA LYS A 83 23.90 -29.07 17.98
C LYS A 83 22.90 -29.69 16.99
N ASN A 84 22.18 -28.85 16.27
CA ASN A 84 21.14 -29.32 15.34
C ASN A 84 20.14 -30.32 15.92
N SER A 85 19.57 -29.98 17.07
CA SER A 85 18.50 -30.77 17.67
C SER A 85 17.14 -30.23 17.27
N ILE A 86 16.09 -30.83 17.82
CA ILE A 86 14.72 -30.39 17.55
C ILE A 86 13.94 -30.44 18.83
N LEU A 87 13.45 -29.29 19.28
CA LEU A 87 12.81 -29.21 20.58
C LEU A 87 11.41 -28.64 20.52
N ASN A 88 10.86 -28.51 19.31
CA ASN A 88 9.58 -27.83 19.12
C ASN A 88 8.52 -28.25 20.12
N GLU A 89 7.61 -27.34 20.45
CA GLU A 89 6.44 -27.71 21.26
C GLU A 89 6.81 -28.35 22.58
N CYS A 90 8.09 -28.37 22.90
CA CYS A 90 8.57 -29.02 24.11
C CYS A 90 8.05 -28.36 25.39
N ASN A 91 8.53 -28.84 26.53
CA ASN A 91 8.23 -28.22 27.82
C ASN A 91 9.51 -28.31 28.66
N PHE A 92 9.93 -27.15 29.18
CA PHE A 92 11.19 -27.02 29.89
C PHE A 92 11.02 -26.27 31.19
N CYS A 93 9.80 -25.84 31.48
CA CYS A 93 9.54 -25.06 32.67
C CYS A 93 10.43 -25.44 33.85
N TYR A 94 11.15 -24.46 34.39
CA TYR A 94 11.88 -24.65 35.62
C TYR A 94 13.13 -25.49 35.45
N ALA A 95 13.33 -26.02 34.25
CA ALA A 95 14.53 -26.82 34.00
C ALA A 95 15.80 -26.01 34.27
N ASN A 96 16.92 -26.70 34.43
CA ASN A 96 18.21 -26.03 34.55
C ASN A 96 19.02 -26.25 33.29
N LEU A 97 19.31 -25.17 32.59
CA LEU A 97 20.09 -25.26 31.36
C LEU A 97 21.22 -24.24 31.36
N SER A 98 21.79 -23.98 32.54
CA SER A 98 22.91 -23.07 32.65
C SER A 98 24.07 -23.51 31.74
N ASN A 99 24.86 -22.55 31.27
CA ASN A 99 26.07 -22.85 30.51
C ASN A 99 25.95 -24.00 29.50
N CYS A 100 24.85 -24.07 28.77
CA CYS A 100 24.66 -25.18 27.83
C CYS A 100 24.26 -24.78 26.40
N ILE A 101 25.02 -25.29 25.43
CA ILE A 101 24.86 -24.90 24.02
C ILE A 101 23.57 -25.42 23.40
N ILE A 102 22.72 -24.51 22.92
CA ILE A 102 21.49 -24.90 22.25
C ILE A 102 21.50 -24.43 20.80
N ARG A 103 21.65 -25.36 19.86
CA ARG A 103 21.67 -25.00 18.44
C ARG A 103 20.60 -25.77 17.69
N ALA A 104 19.34 -25.48 17.97
CA ALA A 104 18.26 -26.27 17.43
C ALA A 104 16.97 -25.50 17.16
N LEU A 105 16.04 -26.17 16.51
CA LEU A 105 14.73 -25.60 16.25
C LEU A 105 13.91 -25.63 17.52
N PHE A 106 13.59 -24.45 18.04
CA PHE A 106 12.77 -24.36 19.24
C PHE A 106 11.43 -23.70 18.98
N GLU A 107 10.62 -24.34 18.14
CA GLU A 107 9.29 -23.83 17.86
C GLU A 107 8.41 -23.96 19.10
N ASN A 108 7.75 -22.88 19.49
CA ASN A 108 6.91 -22.87 20.67
C ASN A 108 7.44 -23.70 21.84
N SER A 109 8.75 -23.76 22.02
CA SER A 109 9.32 -24.52 23.12
C SER A 109 9.29 -23.71 24.40
N ASN A 110 8.62 -24.23 25.42
CA ASN A 110 8.37 -23.45 26.61
C ASN A 110 9.54 -23.48 27.60
N PHE A 111 10.15 -22.33 27.84
CA PHE A 111 11.25 -22.22 28.80
C PHE A 111 10.85 -21.48 30.06
N SER A 112 9.55 -21.24 30.25
CA SER A 112 9.10 -20.46 31.39
C SER A 112 9.91 -20.80 32.65
N ASN A 113 10.36 -19.79 33.36
CA ASN A 113 10.99 -19.99 34.66
C ASN A 113 12.25 -20.84 34.63
N SER A 114 12.85 -21.00 33.45
CA SER A 114 14.01 -21.89 33.33
C SER A 114 15.30 -21.19 33.70
N ASN A 115 16.36 -21.96 33.89
CA ASN A 115 17.66 -21.37 34.16
C ASN A 115 18.49 -21.43 32.90
N LEU A 116 18.69 -20.27 32.28
CA LEU A 116 19.46 -20.20 31.05
C LEU A 116 20.75 -19.39 31.24
N LYS A 117 21.07 -19.07 32.49
CA LYS A 117 22.27 -18.31 32.81
C LYS A 117 23.48 -18.92 32.11
N ASN A 118 24.06 -18.13 31.21
CA ASN A 118 25.24 -18.56 30.48
C ASN A 118 24.95 -19.56 29.38
N ALA A 119 23.69 -19.63 28.94
CA ALA A 119 23.35 -20.48 27.81
C ALA A 119 23.61 -19.71 26.50
N SER A 120 23.75 -20.42 25.39
CA SER A 120 23.92 -19.74 24.10
C SER A 120 23.15 -20.38 22.95
N PHE A 121 22.09 -19.69 22.51
CA PHE A 121 21.26 -20.17 21.41
C PHE A 121 21.89 -19.92 20.04
N LYS A 122 23.19 -20.15 19.95
CA LYS A 122 23.91 -19.93 18.71
C LYS A 122 23.11 -20.48 17.53
N GLY A 123 22.76 -19.59 16.60
CA GLY A 123 22.07 -19.97 15.38
C GLY A 123 20.93 -20.96 15.51
N SER A 124 19.98 -20.67 16.40
CA SER A 124 18.77 -21.48 16.48
C SER A 124 17.81 -21.03 15.39
N SER A 125 16.53 -21.26 15.63
CA SER A 125 15.52 -20.86 14.68
C SER A 125 14.13 -21.19 15.18
N TYR A 126 13.15 -20.46 14.71
CA TYR A 126 11.78 -20.90 14.82
C TYR A 126 11.05 -20.34 13.61
N ILE A 127 10.03 -21.06 13.16
CA ILE A 127 9.45 -20.83 11.85
C ILE A 127 8.22 -19.91 11.90
N GLN A 128 7.48 -19.94 13.00
CA GLN A 128 6.29 -19.10 13.09
C GLN A 128 5.93 -18.80 14.51
N TYR A 129 6.23 -19.71 15.41
CA TYR A 129 5.95 -19.49 16.83
C TYR A 129 7.25 -19.48 17.63
N PRO A 130 7.51 -18.40 18.37
CA PRO A 130 8.77 -18.19 19.07
C PRO A 130 8.80 -19.01 20.35
N PRO A 131 10.01 -19.30 20.88
CA PRO A 131 10.09 -19.97 22.18
C PRO A 131 9.37 -19.13 23.26
N ILE A 132 9.17 -19.69 24.44
CA ILE A 132 8.60 -18.94 25.55
C ILE A 132 9.66 -18.61 26.61
N LEU A 133 9.74 -17.37 27.08
CA LEU A 133 10.84 -17.02 27.96
C LEU A 133 10.48 -16.25 29.21
N ASN A 134 9.23 -16.28 29.64
CA ASN A 134 8.88 -15.60 30.90
C ASN A 134 9.69 -16.13 32.07
N GLU A 135 10.09 -15.23 32.96
CA GLU A 135 10.87 -15.59 34.13
C GLU A 135 12.04 -16.52 33.84
N ALA A 136 12.58 -16.48 32.62
CA ALA A 136 13.80 -17.24 32.33
C ALA A 136 15.06 -16.42 32.62
N ASP A 137 16.00 -17.02 33.31
CA ASP A 137 17.23 -16.31 33.65
C ASP A 137 18.20 -16.39 32.50
N LEU A 138 18.37 -15.28 31.78
CA LEU A 138 19.26 -15.24 30.62
C LEU A 138 20.53 -14.47 30.90
N THR A 139 20.69 -14.04 32.14
CA THR A 139 21.89 -13.35 32.59
C THR A 139 23.14 -14.02 32.06
N GLY A 140 23.74 -13.45 31.03
CA GLY A 140 24.98 -13.97 30.52
C GLY A 140 24.77 -14.90 29.35
N ALA A 141 23.50 -15.12 29.01
CA ALA A 141 23.15 -15.95 27.88
C ALA A 141 23.38 -15.24 26.55
N ILE A 142 23.61 -16.00 25.49
CA ILE A 142 23.74 -15.43 24.17
C ILE A 142 22.53 -15.71 23.29
N ILE A 143 21.58 -14.77 23.24
CA ILE A 143 20.35 -14.98 22.50
C ILE A 143 20.47 -14.46 21.07
N ILE A 144 19.75 -15.09 20.14
CA ILE A 144 19.77 -14.70 18.74
C ILE A 144 18.55 -13.86 18.40
N PRO A 145 18.65 -12.98 17.41
CA PRO A 145 17.58 -12.02 17.12
C PRO A 145 16.27 -12.72 16.76
N GLY A 146 15.14 -12.08 17.05
CA GLY A 146 13.84 -12.64 16.73
C GLY A 146 13.20 -13.26 17.94
N MET A 147 14.03 -13.71 18.88
CA MET A 147 13.53 -14.27 20.12
C MET A 147 12.76 -13.21 20.86
N VAL A 148 11.52 -13.52 21.21
CA VAL A 148 10.69 -12.62 21.98
C VAL A 148 11.11 -12.71 23.43
N LEU A 149 11.44 -11.57 24.03
CA LEU A 149 12.01 -11.55 25.37
C LEU A 149 11.05 -11.04 26.42
N SER A 150 9.75 -11.04 26.11
CA SER A 150 8.78 -10.48 27.05
C SER A 150 8.66 -11.30 28.34
N GLY A 151 8.64 -10.61 29.47
CA GLY A 151 8.57 -11.26 30.77
C GLY A 151 9.91 -11.82 31.22
N ALA A 152 10.84 -11.99 30.28
CA ALA A 152 12.13 -12.60 30.58
C ALA A 152 13.00 -11.77 31.53
N ILE A 153 14.15 -12.32 31.89
CA ILE A 153 15.00 -11.72 32.90
C ILE A 153 16.46 -11.70 32.47
N LEU A 154 16.96 -10.53 32.13
CA LEU A 154 18.36 -10.37 31.77
C LEU A 154 19.08 -9.65 32.91
N GLY A 155 20.38 -9.90 33.05
CA GLY A 155 21.11 -9.36 34.17
C GLY A 155 21.27 -7.86 34.08
N ASP A 156 21.50 -7.21 35.20
CA ASP A 156 21.98 -5.83 35.17
C ASP A 156 23.23 -5.94 34.32
N VAL A 157 23.57 -4.86 33.61
CA VAL A 157 24.63 -4.93 32.61
C VAL A 157 26.03 -4.97 33.22
N LYS A 158 26.85 -5.91 32.77
CA LYS A 158 28.21 -6.05 33.29
C LYS A 158 29.15 -5.04 32.64
N GLU A 159 29.09 -4.97 31.30
CA GLU A 159 29.82 -3.94 30.55
C GLU A 159 28.85 -3.04 29.79
N LEU A 160 28.76 -1.77 30.21
CA LEU A 160 27.91 -0.80 29.53
C LEU A 160 28.09 -0.88 28.02
N PHE A 161 29.33 -0.74 27.57
CA PHE A 161 29.67 -0.85 26.15
C PHE A 161 30.13 -2.28 25.82
N SER A 162 29.92 -2.70 24.58
CA SER A 162 30.26 -4.05 24.14
C SER A 162 31.39 -4.07 23.13
N GLU A 163 32.22 -5.11 23.17
CA GLU A 163 33.43 -5.19 22.35
C GLU A 163 33.21 -5.90 21.02
N LYS A 164 33.28 -7.23 21.03
CA LYS A 164 33.17 -8.03 19.81
C LYS A 164 32.12 -7.49 18.84
N SER A 165 32.54 -7.25 17.60
CA SER A 165 31.68 -6.64 16.58
C SER A 165 30.58 -7.58 16.09
N ASN A 166 30.48 -8.73 16.71
CA ASN A 166 29.47 -9.72 16.36
C ASN A 166 28.32 -9.77 17.36
N THR A 167 28.52 -9.23 18.55
CA THR A 167 27.50 -9.29 19.59
C THR A 167 26.92 -7.92 20.00
N ILE A 168 25.61 -7.87 20.24
CA ILE A 168 24.97 -6.67 20.75
C ILE A 168 24.49 -6.93 22.16
N ASN A 169 24.70 -5.99 23.07
CA ASN A 169 24.42 -6.24 24.46
C ASN A 169 23.12 -5.61 24.94
N LEU A 170 22.20 -6.44 25.39
CA LEU A 170 20.94 -5.97 25.90
C LEU A 170 20.78 -6.46 27.33
N GLY A 171 21.19 -5.66 28.31
CA GLY A 171 21.11 -6.07 29.70
C GLY A 171 22.21 -7.02 30.14
N GLY A 172 21.84 -8.22 30.57
CA GLY A 172 22.82 -9.17 31.08
C GLY A 172 23.41 -10.05 30.01
N CYS A 173 22.75 -10.11 28.86
CA CYS A 173 23.05 -11.11 27.87
C CYS A 173 23.53 -10.52 26.55
N TYR A 174 23.80 -11.42 25.60
CA TYR A 174 24.37 -11.04 24.31
C TYR A 174 23.45 -11.45 23.16
N ILE A 175 23.39 -10.64 22.11
CA ILE A 175 22.58 -10.96 20.96
C ILE A 175 23.44 -11.33 19.77
N ASP A 176 23.97 -12.55 19.74
CA ASP A 176 24.91 -12.95 18.68
C ASP A 176 24.45 -12.58 17.27
N LEU A 177 25.42 -12.29 16.41
CA LEU A 177 25.14 -11.93 15.01
C LEU A 177 26.04 -12.67 14.01
N SER A 178 26.57 -13.82 14.41
CA SER A 178 27.36 -14.63 13.50
C SER A 178 26.55 -14.99 12.25
N ASP A 179 25.65 -15.96 12.40
CA ASP A 179 24.79 -16.36 11.30
C ASP A 179 23.67 -15.34 11.06
N ILE A 180 24.02 -14.22 10.43
CA ILE A 180 23.05 -13.16 10.16
C ILE A 180 22.78 -13.02 8.67
N GLN A 181 23.11 -14.07 7.91
CA GLN A 181 22.96 -14.05 6.45
C GLN A 181 23.85 -12.97 5.84
N GLU A 182 24.81 -12.50 6.62
CA GLU A 182 25.81 -11.53 6.17
C GLU A 182 25.24 -10.15 5.82
N ASN A 183 24.01 -9.87 6.24
CA ASN A 183 23.37 -8.59 5.97
C ASN A 183 22.48 -8.12 7.12
N ILE A 184 22.87 -6.99 7.71
CA ILE A 184 22.20 -6.45 8.88
C ILE A 184 20.77 -6.02 8.57
N LEU A 185 20.35 -6.19 7.33
CA LEU A 185 19.00 -5.81 6.96
C LEU A 185 17.98 -6.89 7.34
N SER A 186 18.32 -8.15 7.08
CA SER A 186 17.40 -9.26 7.37
C SER A 186 16.86 -9.15 8.79
N VAL A 187 17.74 -8.75 9.69
CA VAL A 187 17.42 -8.71 11.10
C VAL A 187 16.49 -7.55 11.50
N LEU A 188 16.12 -6.70 10.53
CA LEU A 188 15.34 -5.50 10.80
C LEU A 188 14.03 -5.45 10.07
N ASP A 189 13.42 -6.60 9.81
CA ASP A 189 12.14 -6.59 9.12
C ASP A 189 11.04 -7.12 10.00
N ASN A 190 10.32 -6.22 10.65
CA ASN A 190 9.22 -6.61 11.49
C ASN A 190 8.12 -7.27 10.70
N TYR A 191 7.88 -6.79 9.49
CA TYR A 191 6.73 -7.25 8.71
C TYR A 191 6.85 -8.64 8.09
N THR A 192 8.03 -9.00 7.58
CA THR A 192 8.18 -10.30 6.90
C THR A 192 9.19 -11.26 7.54
N LYS A 193 10.23 -10.76 8.20
CA LYS A 193 11.11 -11.65 8.95
C LYS A 193 10.86 -11.46 10.43
N SER A 194 9.60 -11.48 10.84
CA SER A 194 9.27 -11.17 12.22
C SER A 194 10.02 -12.11 13.14
N ASN A 195 10.36 -13.28 12.63
CA ASN A 195 11.07 -14.28 13.40
C ASN A 195 12.58 -14.07 13.43
N LYS A 196 13.07 -13.14 12.62
CA LYS A 196 14.50 -12.84 12.59
C LYS A 196 14.76 -11.42 13.11
N SER A 197 13.68 -10.68 13.32
CA SER A 197 13.74 -9.26 13.72
C SER A 197 14.40 -9.00 15.07
N ILE A 198 15.57 -8.36 15.05
CA ILE A 198 16.22 -7.98 16.29
C ILE A 198 15.51 -6.78 16.88
N LEU A 199 14.78 -6.05 16.04
CA LEU A 199 13.94 -4.95 16.51
C LEU A 199 12.83 -5.49 17.39
N LEU A 200 12.39 -6.72 17.08
CA LEU A 200 11.41 -7.42 17.90
C LEU A 200 12.05 -7.87 19.20
N THR A 201 13.24 -8.46 19.11
CA THR A 201 13.95 -8.90 20.31
C THR A 201 14.05 -7.76 21.31
N MET A 202 14.64 -6.65 20.87
CA MET A 202 14.82 -5.48 21.71
C MET A 202 13.52 -4.90 22.27
N ASN A 203 12.56 -4.64 21.39
CA ASN A 203 11.36 -3.91 21.76
C ASN A 203 10.40 -4.66 22.67
N THR A 204 10.80 -5.85 23.10
CA THR A 204 9.91 -6.64 23.96
C THR A 204 10.50 -7.06 25.31
N SER A 205 11.69 -6.56 25.62
CA SER A 205 12.24 -6.67 26.97
C SER A 205 11.41 -5.84 27.96
N ASP A 206 11.18 -6.36 29.15
CA ASP A 206 10.37 -5.64 30.12
C ASP A 206 10.85 -4.20 30.20
N ASP A 207 9.97 -3.28 30.59
CA ASP A 207 10.31 -1.86 30.73
C ASP A 207 11.59 -1.67 31.55
N LYS A 208 11.77 -2.52 32.54
CA LYS A 208 12.94 -2.49 33.41
C LYS A 208 14.25 -2.34 32.64
N TYR A 209 14.24 -2.64 31.35
CA TYR A 209 15.48 -2.65 30.60
C TYR A 209 15.53 -1.55 29.55
N ASN A 210 14.65 -0.57 29.70
CA ASN A 210 14.62 0.58 28.81
C ASN A 210 15.99 1.14 28.49
N HIS A 211 16.73 1.55 29.51
CA HIS A 211 18.07 2.12 29.30
C HIS A 211 18.92 1.20 28.45
N ASP A 212 18.79 -0.11 28.69
CA ASP A 212 19.53 -1.08 27.90
C ASP A 212 19.05 -1.02 26.45
N LYS A 213 17.74 -0.97 26.26
CA LYS A 213 17.15 -0.93 24.93
C LYS A 213 17.73 0.22 24.11
N VAL A 214 17.94 1.35 24.78
CA VAL A 214 18.43 2.55 24.13
C VAL A 214 19.92 2.38 23.88
N ARG A 215 20.62 1.91 24.89
CA ARG A 215 22.04 1.62 24.79
C ARG A 215 22.28 0.71 23.58
N ALA A 216 21.52 -0.38 23.52
CA ALA A 216 21.63 -1.33 22.45
C ALA A 216 21.25 -0.70 21.11
N ALA A 217 20.09 -0.06 21.09
CA ALA A 217 19.61 0.63 19.89
C ALA A 217 20.70 1.52 19.28
N GLU A 218 21.22 2.42 20.11
CA GLU A 218 22.29 3.30 19.71
C GLU A 218 23.47 2.52 19.14
N GLU A 219 23.66 1.30 19.64
CA GLU A 219 24.78 0.47 19.23
C GLU A 219 24.48 -0.30 17.94
N LEU A 220 23.20 -0.50 17.65
CA LEU A 220 22.77 -1.18 16.43
C LEU A 220 23.05 -0.32 15.22
N ILE A 221 22.92 0.99 15.39
CA ILE A 221 23.05 1.97 14.31
C ILE A 221 24.43 1.92 13.67
N LYS A 222 25.46 1.94 14.51
CA LYS A 222 26.83 1.91 14.03
C LYS A 222 27.11 0.64 13.20
N LYS A 223 26.11 -0.23 13.11
CA LYS A 223 26.20 -1.47 12.37
C LYS A 223 25.55 -1.34 10.99
N ILE A 224 24.67 -0.36 10.87
CA ILE A 224 23.86 -0.15 9.69
C ILE A 224 24.56 0.62 8.57
N SER A 225 24.55 0.05 7.38
CA SER A 225 25.08 0.72 6.20
C SER A 225 24.01 1.60 5.57
N LEU A 226 24.33 2.87 5.35
CA LEU A 226 23.39 3.77 4.68
C LEU A 226 23.51 3.63 3.16
N ASP A 227 24.67 3.16 2.71
CA ASP A 227 24.86 2.84 1.30
C ASP A 227 24.17 1.52 0.94
N GLU A 228 23.76 0.78 1.97
CA GLU A 228 22.98 -0.44 1.79
C GLU A 228 21.51 -0.17 2.10
N LEU A 229 21.21 1.07 2.48
CA LEU A 229 19.83 1.51 2.64
C LEU A 229 19.34 2.24 1.39
N ALA A 230 20.20 2.31 0.38
CA ALA A 230 19.81 2.91 -0.89
C ALA A 230 18.58 2.20 -1.45
N ALA A 231 18.76 0.96 -1.88
CA ALA A 231 17.65 0.14 -2.35
C ALA A 231 16.46 0.39 -1.44
N PHE A 232 15.27 0.45 -2.01
CA PHE A 232 14.15 0.95 -1.22
C PHE A 232 13.86 0.12 0.02
N ARG A 233 13.90 -1.21 -0.11
CA ARG A 233 13.62 -2.10 1.01
C ARG A 233 12.72 -1.37 2.01
N PRO A 234 11.43 -1.23 1.64
CA PRO A 234 10.40 -0.42 2.31
C PRO A 234 10.00 -0.97 3.68
N TYR A 235 10.01 -2.28 3.81
CA TYR A 235 9.60 -2.91 5.06
C TYR A 235 10.66 -2.79 6.13
N VAL A 236 11.89 -2.52 5.71
CA VAL A 236 12.99 -2.26 6.64
C VAL A 236 12.94 -0.80 7.07
N LYS A 237 12.92 0.11 6.12
CA LYS A 237 12.79 1.53 6.45
C LYS A 237 11.54 1.74 7.31
N MET A 238 10.40 1.23 6.85
CA MET A 238 9.17 1.28 7.62
C MET A 238 9.45 0.73 9.00
N SER A 239 9.94 -0.50 9.06
CA SER A 239 10.24 -1.19 10.32
C SER A 239 11.03 -0.31 11.30
N LEU A 240 12.00 0.44 10.76
CA LEU A 240 12.83 1.34 11.55
C LEU A 240 11.99 2.37 12.27
N ALA A 241 11.10 3.04 11.53
CA ALA A 241 10.19 4.04 12.10
C ALA A 241 9.35 3.57 13.29
N ASP A 242 8.75 2.38 13.17
CA ASP A 242 7.83 1.89 14.19
C ASP A 242 8.53 1.54 15.49
N SER A 243 9.75 1.04 15.40
CA SER A 243 10.47 0.55 16.57
C SER A 243 11.16 1.67 17.35
N PHE A 244 11.79 2.58 16.64
CA PHE A 244 12.68 3.55 17.24
C PHE A 244 12.06 4.92 17.34
N SER A 245 10.78 5.02 17.05
CA SER A 245 10.08 6.28 17.26
C SER A 245 9.06 6.11 18.39
N ILE A 246 9.46 5.35 19.40
CA ILE A 246 8.65 5.14 20.58
C ILE A 246 9.49 5.18 21.88
N HIS A 247 8.88 5.64 22.96
CA HIS A 247 9.56 5.65 24.24
C HIS A 247 10.20 4.29 24.47
N PRO A 248 11.40 4.26 25.04
CA PRO A 248 12.12 5.46 25.49
C PRO A 248 12.94 6.06 24.37
N TYR A 249 12.88 5.48 23.18
CA TYR A 249 13.72 5.92 22.08
C TYR A 249 13.58 7.42 21.71
N LEU A 250 12.39 7.99 21.87
CA LEU A 250 12.15 9.38 21.47
C LEU A 250 13.15 10.35 22.07
N ASN A 251 13.43 10.19 23.36
CA ASN A 251 14.26 11.15 24.09
C ASN A 251 15.73 11.19 23.67
N ASN A 252 16.31 10.03 23.39
CA ASN A 252 17.71 9.97 23.00
C ASN A 252 18.02 10.66 21.69
N ALA A 253 18.83 11.70 21.76
CA ALA A 253 19.20 12.47 20.59
C ALA A 253 19.97 11.63 19.60
N ASN A 254 21.13 11.14 20.02
CA ASN A 254 22.02 10.41 19.12
C ASN A 254 21.30 9.44 18.20
N ILE A 255 20.11 8.99 18.62
CA ILE A 255 19.26 8.14 17.78
C ILE A 255 18.40 8.96 16.83
N GLN A 256 17.48 9.72 17.41
CA GLN A 256 16.56 10.54 16.63
C GLN A 256 17.23 11.24 15.45
N GLN A 257 18.32 11.97 15.70
CA GLN A 257 19.00 12.70 14.65
C GLN A 257 19.39 11.77 13.50
N TRP A 258 19.54 10.49 13.80
CA TRP A 258 19.92 9.51 12.80
C TRP A 258 18.70 9.11 11.96
N LEU A 259 17.52 9.21 12.56
CA LEU A 259 16.28 8.85 11.86
C LEU A 259 15.77 9.91 10.89
N GLU A 260 15.69 11.17 11.34
CA GLU A 260 15.20 12.23 10.47
C GLU A 260 15.64 11.99 9.03
N PRO A 261 16.96 12.02 8.76
CA PRO A 261 17.43 11.84 7.37
C PRO A 261 16.85 10.58 6.73
N ILE A 262 16.94 9.45 7.44
CA ILE A 262 16.48 8.17 6.94
C ILE A 262 14.95 8.12 6.83
N CYS A 263 14.26 8.93 7.62
CA CYS A 263 12.79 8.92 7.62
C CYS A 263 12.20 9.87 6.58
N ASP A 264 12.80 11.05 6.44
CA ASP A 264 12.29 12.04 5.50
C ASP A 264 12.18 11.48 4.08
N ASP A 265 13.30 11.03 3.53
CA ASP A 265 13.30 10.46 2.18
C ASP A 265 12.25 9.37 2.05
N PHE A 266 12.16 8.50 3.06
CA PHE A 266 11.22 7.39 3.04
C PHE A 266 9.78 7.89 3.00
N PHE A 267 9.36 8.57 4.06
CA PHE A 267 7.98 9.04 4.16
C PHE A 267 7.59 9.98 3.02
N ASP A 268 8.57 10.73 2.52
CA ASP A 268 8.36 11.48 1.29
C ASP A 268 8.00 10.49 0.19
N THR A 269 8.92 9.57 -0.10
CA THR A 269 8.64 8.56 -1.13
C THR A 269 7.29 7.90 -0.92
N ILE A 270 6.96 7.60 0.35
CA ILE A 270 5.64 7.05 0.70
C ILE A 270 4.50 7.99 0.34
N MET A 271 4.40 9.13 1.03
CA MET A 271 3.32 10.08 0.73
C MET A 271 3.07 10.24 -0.76
N SER A 272 4.14 10.12 -1.55
CA SER A 272 4.07 10.27 -3.00
C SER A 272 3.43 9.07 -3.66
N TRP A 273 3.93 7.90 -3.31
CA TRP A 273 3.54 6.64 -3.95
C TRP A 273 2.10 6.25 -3.59
N PHE A 274 1.61 6.70 -2.43
CA PHE A 274 0.26 6.38 -1.98
C PHE A 274 -0.68 7.56 -2.07
N ASN A 275 -0.34 8.54 -2.90
CA ASN A 275 -1.21 9.70 -3.06
C ASN A 275 -2.39 9.37 -3.97
N ASN A 276 -3.56 9.90 -3.62
CA ASN A 276 -4.78 9.63 -4.36
C ASN A 276 -5.14 8.14 -4.32
N SER A 277 -4.66 7.48 -3.28
CA SER A 277 -4.95 6.06 -3.05
C SER A 277 -5.14 5.86 -1.56
N ILE A 278 -5.67 4.71 -1.18
CA ILE A 278 -5.98 4.46 0.22
C ILE A 278 -4.70 4.38 1.08
N MET A 279 -4.74 4.99 2.25
CA MET A 279 -3.55 5.07 3.12
C MET A 279 -3.36 3.85 4.01
N MET A 280 -2.18 3.23 3.89
CA MET A 280 -1.88 2.02 4.64
C MET A 280 -1.84 2.27 6.14
N TYR A 281 -2.44 1.38 6.92
CA TYR A 281 -2.42 1.50 8.38
C TYR A 281 -1.01 1.35 8.88
N MET A 282 -0.63 2.19 9.83
CA MET A 282 0.73 2.14 10.37
C MET A 282 0.78 2.31 11.89
N GLU A 283 1.81 1.74 12.50
CA GLU A 283 2.00 1.78 13.95
C GLU A 283 2.15 3.21 14.43
N ASN A 284 2.34 3.38 15.72
CA ASN A 284 2.51 4.72 16.27
C ASN A 284 3.82 5.35 15.83
N GLY A 285 4.88 4.57 15.86
CA GLY A 285 6.18 5.05 15.40
C GLY A 285 6.06 5.58 13.99
N SER A 286 5.59 4.75 13.07
CA SER A 286 5.43 5.17 11.69
C SER A 286 4.52 6.40 11.56
N LEU A 287 3.28 6.29 12.04
CA LEU A 287 2.28 7.36 11.96
C LEU A 287 2.83 8.71 12.45
N LEU A 288 3.29 8.75 13.68
CA LEU A 288 3.94 9.94 14.22
C LEU A 288 4.98 10.49 13.24
N GLN A 289 5.90 9.62 12.83
CA GLN A 289 6.98 9.97 11.92
C GLN A 289 6.49 10.63 10.65
N ALA A 290 5.30 10.26 10.20
CA ALA A 290 4.69 10.88 9.04
C ALA A 290 4.24 12.30 9.37
N GLY A 291 3.57 12.48 10.50
CA GLY A 291 3.16 13.80 10.93
C GLY A 291 4.31 14.81 10.97
N MET A 292 5.48 14.35 11.37
CA MET A 292 6.65 15.22 11.45
C MET A 292 7.17 15.64 10.08
N TYR A 293 7.00 14.78 9.09
CA TYR A 293 7.35 15.12 7.72
C TYR A 293 6.41 16.17 7.15
N PHE A 294 5.17 16.16 7.63
CA PHE A 294 4.18 17.17 7.25
C PHE A 294 4.38 18.47 8.05
N GLU A 295 4.92 18.36 9.26
CA GLU A 295 5.27 19.53 10.05
C GLU A 295 6.47 20.22 9.43
N ARG A 296 7.47 19.42 9.04
CA ARG A 296 8.70 19.93 8.46
C ARG A 296 8.53 20.45 7.03
N HIS A 297 7.68 19.78 6.25
CA HIS A 297 7.46 20.17 4.87
C HIS A 297 6.03 20.65 4.61
N PRO A 298 5.73 21.92 4.97
CA PRO A 298 4.38 22.47 4.86
C PRO A 298 3.82 22.36 3.45
N GLY A 299 4.68 21.98 2.50
CA GLY A 299 4.30 21.90 1.11
C GLY A 299 3.52 20.65 0.74
N ALA A 300 3.98 19.50 1.23
CA ALA A 300 3.32 18.25 0.90
C ALA A 300 1.83 18.31 1.27
N MET A 301 1.50 19.16 2.24
CA MET A 301 0.11 19.31 2.64
C MET A 301 -0.74 19.46 1.39
N VAL A 302 -0.14 20.05 0.36
CA VAL A 302 -0.87 20.34 -0.87
C VAL A 302 -0.51 19.38 -1.99
N SER A 303 0.78 19.08 -2.15
CA SER A 303 1.26 18.22 -3.23
C SER A 303 0.72 16.79 -3.17
N TYR A 304 0.38 16.34 -1.96
CA TYR A 304 -0.16 15.00 -1.75
C TYR A 304 -1.42 15.06 -0.90
N ASN A 305 -2.28 16.03 -1.22
CA ASN A 305 -3.41 16.39 -0.37
C ASN A 305 -4.21 15.21 0.22
N SER A 306 -4.69 14.33 -0.64
CA SER A 306 -5.44 13.16 -0.18
C SER A 306 -4.61 12.35 0.81
N SER A 307 -3.45 11.92 0.34
CA SER A 307 -2.42 11.25 1.15
C SER A 307 -2.25 11.95 2.50
N PHE A 308 -2.45 13.27 2.52
CA PHE A 308 -2.29 14.03 3.75
C PHE A 308 -3.50 13.96 4.66
N ILE A 309 -4.70 14.08 4.10
CA ILE A 309 -5.88 14.07 4.94
C ILE A 309 -5.97 12.78 5.75
N GLN A 310 -5.80 11.64 5.08
CA GLN A 310 -5.96 10.34 5.73
C GLN A 310 -5.01 10.19 6.91
N ILE A 311 -3.74 10.53 6.68
CA ILE A 311 -2.77 10.54 7.76
C ILE A 311 -3.34 11.26 8.96
N VAL A 312 -3.73 12.52 8.75
CA VAL A 312 -4.32 13.34 9.80
C VAL A 312 -5.62 12.77 10.42
N MET A 313 -6.33 11.95 9.66
CA MET A 313 -7.53 11.32 10.18
C MET A 313 -7.20 10.18 11.11
N ASN A 314 -6.05 9.54 10.88
CA ASN A 314 -5.58 8.46 11.74
C ASN A 314 -4.84 9.02 12.92
N GLY A 315 -4.12 10.11 12.69
CA GLY A 315 -3.42 10.80 13.77
C GLY A 315 -4.41 11.29 14.79
N SER A 316 -5.26 12.23 14.37
CA SER A 316 -6.31 12.75 15.23
C SER A 316 -6.95 11.70 16.13
N ARG A 317 -7.17 10.50 15.59
CA ARG A 317 -7.84 9.44 16.34
C ARG A 317 -6.87 8.69 17.25
N ARG A 318 -5.58 8.73 16.92
CA ARG A 318 -4.57 7.92 17.60
C ARG A 318 -4.21 8.38 19.00
N ASP A 319 -4.62 7.61 20.00
CA ASP A 319 -4.34 7.95 21.39
C ASP A 319 -2.84 8.12 21.63
N GLY A 320 -2.48 9.19 22.34
CA GLY A 320 -1.10 9.47 22.65
C GLY A 320 -0.49 10.53 21.77
N MET A 321 -1.23 10.97 20.76
CA MET A 321 -0.70 11.93 19.80
C MET A 321 -1.83 12.71 19.15
N GLN A 322 -2.99 12.68 19.77
CA GLN A 322 -4.18 13.29 19.21
C GLN A 322 -4.06 14.80 19.05
N GLU A 323 -3.52 15.46 20.06
CA GLU A 323 -3.45 16.92 20.02
C GLU A 323 -2.36 17.43 19.08
N ARG A 324 -1.31 16.65 18.92
CA ARG A 324 -0.23 17.04 18.03
C ARG A 324 -0.68 17.06 16.59
N PHE A 325 -1.58 16.13 16.24
CA PHE A 325 -2.10 16.11 14.88
C PHE A 325 -3.17 17.20 14.68
N ARG A 326 -4.08 17.31 15.63
CA ARG A 326 -5.09 18.36 15.58
C ARG A 326 -4.43 19.73 15.39
N GLU A 327 -3.28 19.90 16.02
CA GLU A 327 -2.51 21.12 15.81
C GLU A 327 -2.12 21.21 14.34
N LEU A 328 -1.30 20.27 13.88
CA LEU A 328 -0.80 20.31 12.50
C LEU A 328 -1.89 20.65 11.48
N TYR A 329 -3.11 20.16 11.71
CA TYR A 329 -4.21 20.43 10.79
C TYR A 329 -4.54 21.91 10.76
N GLU A 330 -4.71 22.52 11.92
CA GLU A 330 -5.15 23.90 12.01
C GLU A 330 -4.06 24.89 11.57
N VAL A 331 -2.94 24.35 11.12
CA VAL A 331 -1.88 25.15 10.52
C VAL A 331 -1.93 24.99 9.00
N TYR A 332 -2.65 23.95 8.57
CA TYR A 332 -2.89 23.67 7.16
C TYR A 332 -4.04 24.54 6.65
N LEU A 333 -5.13 24.55 7.40
CA LEU A 333 -6.32 25.26 6.97
C LEU A 333 -6.18 26.78 7.07
N LYS A 334 -4.94 27.24 7.23
CA LYS A 334 -4.64 28.66 7.15
C LYS A 334 -4.27 28.98 5.72
N ASN A 335 -4.18 27.94 4.89
CA ASN A 335 -3.76 28.12 3.50
C ASN A 335 -4.73 29.03 2.77
N GLU A 336 -4.20 29.95 1.98
CA GLU A 336 -5.05 30.86 1.21
C GLU A 336 -5.95 30.08 0.25
N LYS A 337 -5.60 28.81 0.05
CA LYS A 337 -6.40 27.91 -0.77
C LYS A 337 -7.46 27.19 0.06
N VAL A 338 -7.33 27.27 1.37
CA VAL A 338 -8.27 26.58 2.28
C VAL A 338 -9.12 27.53 3.11
N TYR A 339 -8.48 28.54 3.71
CA TYR A 339 -9.17 29.48 4.58
C TYR A 339 -10.55 29.87 4.06
N PRO A 340 -10.65 30.26 2.79
CA PRO A 340 -11.96 30.64 2.27
C PRO A 340 -13.03 29.65 2.72
N VAL A 341 -12.71 28.37 2.63
CA VAL A 341 -13.62 27.32 3.03
C VAL A 341 -13.92 27.40 4.52
N THR A 342 -12.87 27.42 5.33
CA THR A 342 -12.99 27.38 6.79
C THR A 342 -14.07 28.33 7.34
N GLN A 343 -14.19 29.51 6.75
CA GLN A 343 -15.21 30.46 7.17
C GLN A 343 -16.51 30.25 6.39
N GLN A 344 -17.01 29.02 6.41
CA GLN A 344 -18.22 28.67 5.68
C GLN A 344 -19.42 28.44 6.58
N SER A 345 -20.59 28.88 6.13
CA SER A 345 -21.83 28.82 6.90
C SER A 345 -21.98 27.56 7.77
N ASP A 346 -21.68 26.40 7.20
CA ASP A 346 -21.78 25.15 7.94
C ASP A 346 -20.57 24.23 7.78
N PHE A 347 -19.44 24.65 8.35
CA PHE A 347 -18.23 23.82 8.42
C PHE A 347 -17.76 23.69 9.86
N GLY A 348 -17.15 22.55 10.18
CA GLY A 348 -16.65 22.32 11.53
C GLY A 348 -17.75 22.43 12.56
N LEU A 349 -17.44 23.06 13.69
CA LEU A 349 -18.38 23.17 14.80
C LEU A 349 -19.64 23.95 14.40
N CYS A 350 -19.56 24.68 13.29
CA CYS A 350 -20.66 25.53 12.84
C CYS A 350 -20.73 26.81 13.65
N ASP A 351 -19.94 26.88 14.72
CA ASP A 351 -19.88 28.10 15.53
C ASP A 351 -19.40 29.30 14.70
N GLY A 352 -19.14 29.07 13.41
CA GLY A 352 -18.56 30.09 12.56
C GLY A 352 -17.16 30.40 13.02
N SER A 353 -16.65 29.56 13.92
CA SER A 353 -15.34 29.74 14.52
C SER A 353 -14.21 29.58 13.52
N GLY A 354 -14.47 28.85 12.44
CA GLY A 354 -13.47 28.62 11.43
C GLY A 354 -12.43 27.60 11.88
N LYS A 355 -12.80 26.83 12.90
CA LYS A 355 -11.93 25.78 13.41
C LYS A 355 -12.65 24.44 13.34
N PRO A 356 -11.91 23.34 13.11
CA PRO A 356 -12.49 21.99 13.03
C PRO A 356 -13.13 21.48 14.33
N ASP A 357 -14.12 20.60 14.22
CA ASP A 357 -14.82 20.05 15.38
C ASP A 357 -14.31 18.66 15.72
N TRP A 358 -13.62 18.55 16.85
CA TRP A 358 -12.97 17.30 17.25
C TRP A 358 -13.81 16.44 18.20
N ASP A 359 -14.87 17.02 18.75
CA ASP A 359 -15.74 16.28 19.67
C ASP A 359 -16.97 15.74 18.97
N ASP A 360 -16.80 14.64 18.24
CA ASP A 360 -17.93 13.94 17.66
C ASP A 360 -17.90 12.47 18.03
N ASP A 361 -19.08 11.84 18.00
CA ASP A 361 -19.28 10.50 18.51
C ASP A 361 -19.75 9.56 17.39
N SER A 362 -19.79 10.10 16.16
CA SER A 362 -20.18 9.32 15.00
C SER A 362 -19.46 9.81 13.75
N ASP A 363 -18.38 10.57 13.94
CA ASP A 363 -17.56 11.09 12.85
C ASP A 363 -18.36 11.59 11.64
N LEU A 364 -19.42 12.35 11.92
CA LEU A 364 -20.30 12.87 10.86
C LEU A 364 -20.26 14.40 10.76
N ALA A 365 -19.26 15.01 11.40
CA ALA A 365 -19.08 16.46 11.31
C ALA A 365 -18.26 16.83 10.08
N TYR A 366 -18.44 18.04 9.57
CA TYR A 366 -17.75 18.42 8.33
C TYR A 366 -16.46 19.18 8.59
N ASN A 367 -15.39 18.45 8.87
CA ASN A 367 -14.10 19.08 9.13
C ASN A 367 -13.18 19.00 7.93
N TRP A 368 -13.05 17.81 7.37
CA TRP A 368 -12.04 17.55 6.35
C TRP A 368 -12.26 18.33 5.05
N VAL A 369 -11.18 18.96 4.57
CA VAL A 369 -11.23 19.78 3.37
C VAL A 369 -10.15 19.36 2.39
N LEU A 370 -10.57 18.75 1.28
CA LEU A 370 -9.63 18.32 0.25
C LEU A 370 -9.45 19.36 -0.86
N LEU A 371 -8.26 19.36 -1.46
CA LEU A 371 -7.96 20.25 -2.58
C LEU A 371 -7.73 19.46 -3.86
N SER A 372 -8.07 20.07 -5.00
CA SER A 372 -7.95 19.41 -6.28
C SER A 372 -6.51 19.03 -6.59
N SER A 373 -6.32 17.85 -7.18
CA SER A 373 -5.00 17.38 -7.56
C SER A 373 -4.53 18.09 -8.82
N GLN A 374 -5.33 19.05 -9.30
CA GLN A 374 -4.96 19.86 -10.46
C GLN A 374 -5.19 21.34 -10.17
N ASP A 375 -4.53 22.21 -10.92
CA ASP A 375 -4.73 23.65 -10.76
C ASP A 375 -6.04 24.08 -11.42
N ASP A 376 -7.14 24.02 -10.67
CA ASP A 376 -8.42 24.54 -11.15
C ASP A 376 -9.28 25.10 -10.01
N GLY A 377 -8.63 25.53 -8.94
CA GLY A 377 -9.32 26.13 -7.81
C GLY A 377 -10.57 25.39 -7.38
N MET A 378 -10.40 24.12 -7.02
CA MET A 378 -11.51 23.30 -6.57
C MET A 378 -11.17 22.57 -5.28
N ALA A 379 -12.16 22.48 -4.40
CA ALA A 379 -11.96 21.88 -3.08
C ALA A 379 -13.30 21.45 -2.51
N MET A 380 -13.38 20.21 -2.02
CA MET A 380 -14.62 19.74 -1.43
C MET A 380 -14.52 19.67 0.09
N MET A 381 -15.68 19.60 0.74
CA MET A 381 -15.77 19.46 2.19
C MET A 381 -16.63 18.24 2.51
N CYS A 382 -16.22 17.41 3.48
CA CYS A 382 -16.92 16.15 3.76
C CYS A 382 -16.86 15.68 5.21
N SER A 383 -17.48 14.55 5.48
CA SER A 383 -17.48 13.96 6.81
C SER A 383 -16.83 12.58 6.82
N LEU A 384 -16.01 12.31 7.83
CA LEU A 384 -15.35 11.01 7.91
C LEU A 384 -16.26 9.88 7.45
N SER A 385 -17.48 9.86 7.96
CA SER A 385 -18.43 8.82 7.58
C SER A 385 -18.70 8.88 6.10
N HIS A 386 -18.92 10.07 5.57
CA HIS A 386 -19.21 10.24 4.16
C HIS A 386 -17.98 9.94 3.32
N MET A 387 -16.87 10.55 3.68
CA MET A 387 -15.60 10.28 3.01
C MET A 387 -15.46 8.77 2.85
N VAL A 388 -15.70 8.04 3.93
CA VAL A 388 -15.65 6.58 3.88
C VAL A 388 -16.63 5.97 2.86
N ASP A 389 -17.92 6.15 3.08
CA ASP A 389 -18.95 5.65 2.16
C ASP A 389 -18.49 5.66 0.72
N MET A 390 -18.19 6.86 0.23
CA MET A 390 -17.81 7.10 -1.16
C MET A 390 -16.46 6.47 -1.51
N LEU A 391 -15.94 5.66 -0.59
CA LEU A 391 -14.66 4.99 -0.79
C LEU A 391 -14.84 3.55 -1.24
N SER A 392 -16.07 3.04 -1.22
CA SER A 392 -16.28 1.68 -1.67
C SER A 392 -17.35 1.57 -2.73
N PRO A 393 -17.06 0.82 -3.82
CA PRO A 393 -18.09 0.61 -4.82
C PRO A 393 -19.42 0.18 -4.17
N ASN A 394 -19.42 -1.03 -3.62
CA ASN A 394 -20.63 -1.66 -3.11
C ASN A 394 -21.62 -0.78 -2.32
N THR A 395 -21.11 0.24 -1.62
CA THR A 395 -21.98 1.10 -0.82
C THR A 395 -23.12 1.66 -1.67
N SER A 396 -24.25 1.91 -1.03
CA SER A 396 -25.44 2.39 -1.73
C SER A 396 -25.44 3.92 -1.82
N THR A 397 -24.34 4.50 -2.27
CA THR A 397 -24.22 5.95 -2.33
C THR A 397 -24.33 6.52 -3.75
N ASN A 398 -23.95 7.77 -3.93
CA ASN A 398 -24.04 8.43 -5.23
C ASN A 398 -22.93 9.45 -5.42
N TRP A 399 -21.95 9.39 -4.53
CA TRP A 399 -20.75 10.23 -4.65
C TRP A 399 -21.00 11.73 -4.76
N MET A 400 -22.12 12.18 -4.19
CA MET A 400 -22.45 13.59 -4.14
C MET A 400 -22.54 14.07 -2.69
N SER A 401 -22.10 13.21 -1.76
CA SER A 401 -22.21 13.43 -0.31
C SER A 401 -21.16 14.39 0.23
N PHE A 402 -21.13 15.62 -0.28
CA PHE A 402 -20.13 16.60 0.13
C PHE A 402 -20.48 18.01 -0.34
N PHE A 403 -19.58 18.95 -0.09
CA PHE A 403 -19.76 20.31 -0.53
C PHE A 403 -18.63 20.70 -1.47
N LEU A 404 -18.95 20.82 -2.76
CA LEU A 404 -17.96 21.22 -3.77
C LEU A 404 -17.78 22.74 -3.83
N TYR A 405 -16.53 23.18 -4.00
CA TYR A 405 -16.22 24.61 -4.04
C TYR A 405 -15.26 24.98 -5.17
N LYS A 406 -15.69 25.85 -6.07
CA LYS A 406 -14.80 26.43 -7.08
C LYS A 406 -14.38 27.82 -6.62
N ASP A 407 -13.10 27.96 -6.31
CA ASP A 407 -12.57 29.23 -5.82
C ASP A 407 -13.35 29.75 -4.62
N GLY A 408 -13.57 28.87 -3.65
CA GLY A 408 -14.23 29.25 -2.41
C GLY A 408 -15.69 29.65 -2.52
N GLU A 409 -16.29 29.38 -3.68
CA GLU A 409 -17.70 29.68 -3.90
C GLU A 409 -18.51 28.39 -3.99
N VAL A 410 -19.52 28.27 -3.14
CA VAL A 410 -20.34 27.07 -3.10
C VAL A 410 -20.85 26.73 -4.48
N GLN A 411 -21.28 25.49 -4.69
CA GLN A 411 -21.67 25.05 -6.01
C GLN A 411 -22.85 24.10 -5.99
N ASN A 412 -23.60 24.07 -7.09
CA ASN A 412 -24.61 23.05 -7.32
C ASN A 412 -23.93 21.83 -7.92
N THR A 413 -23.45 20.95 -7.07
CA THR A 413 -22.70 19.78 -7.49
C THR A 413 -23.28 19.11 -8.74
N PHE A 414 -24.60 19.09 -8.84
CA PHE A 414 -25.27 18.30 -9.87
C PHE A 414 -24.87 18.67 -11.29
N GLY A 415 -24.53 19.94 -11.51
CA GLY A 415 -24.13 20.38 -12.83
C GLY A 415 -22.71 19.98 -13.16
N TYR A 416 -22.23 18.92 -12.50
CA TYR A 416 -20.83 18.49 -12.65
C TYR A 416 -20.73 17.06 -13.13
N SER A 417 -19.78 16.81 -14.03
CA SER A 417 -19.48 15.47 -14.47
C SER A 417 -18.74 14.73 -13.37
N LEU A 418 -19.37 13.71 -12.82
CA LEU A 418 -18.78 12.96 -11.72
C LEU A 418 -17.44 12.34 -12.11
N SER A 419 -17.40 11.69 -13.28
CA SER A 419 -16.14 11.17 -13.78
C SER A 419 -15.07 12.26 -13.87
N ASN A 420 -15.27 13.20 -14.78
CA ASN A 420 -14.31 14.30 -14.95
C ASN A 420 -13.95 15.00 -13.64
N LEU A 421 -14.80 14.84 -12.63
CA LEU A 421 -14.56 15.48 -11.33
C LEU A 421 -13.64 14.64 -10.47
N PHE A 422 -13.99 13.37 -10.32
CA PHE A 422 -13.17 12.45 -9.53
C PHE A 422 -11.88 12.06 -10.27
N SER A 423 -11.86 12.23 -11.58
CA SER A 423 -10.72 11.75 -12.35
C SER A 423 -9.58 12.78 -12.44
N GLU A 424 -9.91 14.05 -12.28
CA GLU A 424 -8.89 15.08 -12.47
C GLU A 424 -8.70 16.01 -11.28
N SER A 425 -9.70 16.08 -10.40
CA SER A 425 -9.63 16.97 -9.24
C SER A 425 -9.41 16.21 -7.94
N PHE A 426 -10.13 15.12 -7.73
CA PHE A 426 -10.01 14.34 -6.51
C PHE A 426 -9.98 12.86 -6.84
N PRO A 427 -8.84 12.40 -7.37
CA PRO A 427 -8.64 11.04 -7.91
C PRO A 427 -8.90 9.90 -6.92
N ILE A 428 -9.08 10.21 -5.65
CA ILE A 428 -9.35 9.19 -4.64
C ILE A 428 -10.69 8.51 -4.93
N PHE A 429 -11.77 9.28 -4.82
CA PHE A 429 -13.13 8.76 -5.04
C PHE A 429 -13.35 8.20 -6.43
N SER A 430 -12.29 8.24 -7.26
CA SER A 430 -12.40 7.86 -8.66
C SER A 430 -12.43 6.35 -8.88
N ILE A 431 -11.62 5.61 -8.12
CA ILE A 431 -11.62 4.15 -8.26
C ILE A 431 -12.94 3.53 -7.80
N PRO A 432 -13.41 3.95 -6.62
CA PRO A 432 -14.72 3.49 -6.12
C PRO A 432 -15.88 3.90 -7.04
N TYR A 433 -15.77 5.06 -7.68
CA TYR A 433 -16.84 5.52 -8.56
C TYR A 433 -16.86 4.82 -9.93
N HIS A 434 -15.70 4.77 -10.59
CA HIS A 434 -15.63 4.16 -11.92
C HIS A 434 -15.69 2.63 -11.89
N LYS A 435 -15.94 2.08 -10.70
CA LYS A 435 -16.23 0.66 -10.59
C LYS A 435 -17.71 0.48 -10.35
N ALA A 436 -18.29 1.41 -9.59
CA ALA A 436 -19.72 1.41 -9.36
C ALA A 436 -20.44 1.71 -10.66
N PHE A 437 -19.66 2.25 -11.61
CA PHE A 437 -20.16 2.55 -12.95
C PHE A 437 -20.14 1.28 -13.76
N SER A 438 -18.96 0.67 -13.86
CA SER A 438 -18.81 -0.59 -14.59
C SER A 438 -19.94 -1.53 -14.22
N GLN A 439 -20.20 -1.65 -12.93
CA GLN A 439 -21.24 -2.55 -12.45
C GLN A 439 -22.63 -2.16 -12.98
N ASN A 440 -22.93 -0.87 -12.96
CA ASN A 440 -24.24 -0.37 -13.42
C ASN A 440 -24.51 -0.71 -14.89
N PHE A 441 -25.65 -1.35 -15.15
CA PHE A 441 -25.96 -1.85 -16.48
C PHE A 441 -26.77 -0.90 -17.36
N VAL A 442 -27.11 0.27 -16.83
CA VAL A 442 -27.90 1.24 -17.56
C VAL A 442 -27.26 1.58 -18.89
N SER A 443 -25.96 1.84 -18.86
CA SER A 443 -25.21 2.25 -20.05
C SER A 443 -25.13 1.11 -21.07
N GLY A 444 -25.20 -0.12 -20.59
CA GLY A 444 -25.17 -1.28 -21.46
C GLY A 444 -26.52 -1.50 -22.13
N ILE A 445 -27.59 -1.23 -21.38
CA ILE A 445 -28.94 -1.32 -21.93
C ILE A 445 -29.14 -0.22 -22.96
N LEU A 446 -28.82 1.02 -22.58
CA LEU A 446 -28.91 2.16 -23.50
C LEU A 446 -28.05 1.96 -24.74
N ASP A 447 -27.24 0.89 -24.77
CA ASP A 447 -26.42 0.61 -25.94
C ASP A 447 -27.19 -0.26 -26.93
N ILE A 448 -28.13 -1.06 -26.41
CA ILE A 448 -28.99 -1.89 -27.26
C ILE A 448 -30.11 -1.06 -27.87
N LEU A 449 -30.88 -0.38 -27.02
CA LEU A 449 -31.99 0.46 -27.48
C LEU A 449 -31.61 1.35 -28.67
N ILE A 450 -30.89 2.44 -28.41
CA ILE A 450 -30.46 3.33 -29.48
C ILE A 450 -29.31 2.70 -30.28
N SER A 451 -29.10 3.18 -31.50
CA SER A 451 -28.03 2.67 -32.36
C SER A 451 -27.38 3.79 -33.19
N ASP A 452 -27.87 5.00 -33.00
CA ASP A 452 -27.29 6.18 -33.65
C ASP A 452 -26.22 6.79 -32.75
N ASN A 453 -24.95 6.54 -33.09
CA ASN A 453 -23.84 7.02 -32.30
C ASN A 453 -23.88 8.53 -32.02
N GLU A 454 -24.18 9.33 -33.03
CA GLU A 454 -24.24 10.78 -32.88
C GLU A 454 -25.16 11.17 -31.73
N LEU A 455 -26.11 10.29 -31.42
CA LEU A 455 -27.03 10.51 -30.32
C LEU A 455 -26.68 9.63 -29.11
N LYS A 456 -26.37 8.36 -29.37
CA LYS A 456 -26.10 7.41 -28.28
C LYS A 456 -25.12 7.97 -27.26
N GLU A 457 -23.95 8.39 -27.71
CA GLU A 457 -22.95 8.97 -26.83
C GLU A 457 -23.34 10.39 -26.40
N ARG A 458 -24.64 10.67 -26.42
CA ARG A 458 -25.14 11.97 -25.98
C ARG A 458 -26.04 11.82 -24.75
N PHE A 459 -26.52 10.61 -24.53
CA PHE A 459 -27.33 10.32 -23.35
C PHE A 459 -26.51 9.59 -22.30
N ILE A 460 -25.53 8.82 -22.75
CA ILE A 460 -24.62 8.15 -21.82
C ILE A 460 -23.78 9.17 -21.03
N GLU A 461 -23.21 10.14 -21.74
CA GLU A 461 -22.34 11.12 -21.12
C GLU A 461 -23.13 12.16 -20.32
N ALA A 462 -24.45 12.02 -20.30
CA ALA A 462 -25.29 12.92 -19.51
C ALA A 462 -25.86 12.19 -18.31
N LEU A 463 -25.72 10.87 -18.29
CA LEU A 463 -26.18 10.05 -17.17
C LEU A 463 -25.10 9.95 -16.12
N ASN A 464 -23.99 10.64 -16.33
CA ASN A 464 -22.95 10.68 -15.31
C ASN A 464 -23.08 11.96 -14.50
N SER A 465 -24.16 12.69 -14.73
CA SER A 465 -24.47 13.90 -13.98
C SER A 465 -25.97 14.08 -13.80
N ASN A 466 -26.38 15.11 -13.06
CA ASN A 466 -27.80 15.34 -12.83
C ASN A 466 -28.39 16.40 -13.76
N LYS A 467 -28.23 17.67 -13.40
CA LYS A 467 -28.68 18.76 -14.26
C LYS A 467 -27.76 18.87 -15.47
N SER A 468 -28.34 19.13 -16.65
CA SER A 468 -27.54 19.31 -17.85
C SER A 468 -27.82 20.67 -18.50
N ASP A 469 -26.77 21.46 -18.67
CA ASP A 469 -26.90 22.75 -19.35
C ASP A 469 -27.06 22.54 -20.85
N TYR A 470 -27.45 21.33 -21.23
CA TYR A 470 -27.70 20.97 -22.63
C TYR A 470 -29.17 20.61 -22.83
N LYS A 471 -29.83 21.29 -23.76
CA LYS A 471 -31.26 21.07 -24.00
C LYS A 471 -31.52 20.36 -25.33
N MET A 472 -32.75 19.86 -25.49
CA MET A 472 -33.15 19.22 -26.73
C MET A 472 -34.66 19.34 -26.98
N ILE A 473 -35.26 20.43 -26.49
CA ILE A 473 -36.69 20.64 -26.62
C ILE A 473 -37.04 21.46 -27.87
N ALA A 474 -36.01 21.97 -28.54
CA ALA A 474 -36.20 22.81 -29.72
C ALA A 474 -36.99 22.10 -30.82
N ASP A 475 -37.57 22.89 -31.73
CA ASP A 475 -38.34 22.33 -32.84
C ASP A 475 -37.46 21.50 -33.76
N ASP A 476 -36.15 21.71 -33.65
CA ASP A 476 -35.19 20.97 -34.47
C ASP A 476 -34.52 19.86 -33.65
N GLN A 477 -34.54 20.01 -32.33
CA GLN A 477 -33.98 19.01 -31.44
C GLN A 477 -34.91 17.81 -31.30
N GLN A 478 -36.19 18.09 -31.07
CA GLN A 478 -37.21 17.04 -31.04
C GLN A 478 -37.29 16.38 -32.41
N ARG A 479 -36.72 17.06 -33.41
CA ARG A 479 -36.65 16.52 -34.76
C ARG A 479 -35.56 15.47 -34.87
N LYS A 480 -34.54 15.60 -34.02
CA LYS A 480 -33.49 14.61 -33.94
C LYS A 480 -33.97 13.39 -33.14
N LEU A 481 -34.63 13.65 -32.02
CA LEU A 481 -35.07 12.59 -31.13
C LEU A 481 -36.20 11.74 -31.73
N ALA A 482 -37.29 12.40 -32.12
CA ALA A 482 -38.43 11.71 -32.71
C ALA A 482 -37.98 10.74 -33.80
N CYS A 483 -36.98 11.15 -34.57
CA CYS A 483 -36.43 10.31 -35.63
C CYS A 483 -35.99 8.96 -35.06
N VAL A 484 -35.47 8.99 -33.85
CA VAL A 484 -34.94 7.78 -33.22
C VAL A 484 -36.03 6.81 -32.77
N TRP A 485 -36.98 7.30 -31.96
CA TRP A 485 -37.95 6.42 -31.28
C TRP A 485 -39.23 6.11 -32.04
N ASN A 486 -39.50 6.84 -33.12
CA ASN A 486 -40.70 6.58 -33.91
C ASN A 486 -40.87 5.09 -34.22
N PRO A 487 -39.80 4.43 -34.70
CA PRO A 487 -39.85 3.00 -35.01
C PRO A 487 -39.97 2.08 -33.80
N PHE A 488 -39.92 2.64 -32.60
CA PHE A 488 -39.92 1.83 -31.39
C PHE A 488 -41.23 1.94 -30.62
N LEU A 489 -41.73 3.17 -30.49
CA LEU A 489 -42.96 3.41 -29.74
C LEU A 489 -44.20 3.07 -30.55
N ASP A 490 -45.37 3.26 -29.94
CA ASP A 490 -46.65 2.98 -30.57
C ASP A 490 -47.71 3.93 -30.02
N GLY A 491 -47.59 5.20 -30.37
CA GLY A 491 -48.45 6.22 -29.78
C GLY A 491 -48.03 6.46 -28.34
N TRP A 492 -48.66 5.73 -27.43
CA TRP A 492 -48.33 5.81 -26.01
C TRP A 492 -48.24 4.42 -25.37
N GLU A 493 -47.98 3.40 -26.17
CA GLU A 493 -47.80 2.05 -25.66
C GLU A 493 -46.61 1.36 -26.34
N LEU A 494 -46.27 0.16 -25.88
CA LEU A 494 -45.06 -0.52 -26.37
C LEU A 494 -45.28 -1.30 -27.66
N ASN A 495 -44.71 -0.80 -28.75
CA ASN A 495 -44.81 -1.47 -30.06
C ASN A 495 -44.41 -2.94 -29.99
N ALA A 496 -45.39 -3.82 -30.13
CA ALA A 496 -45.20 -5.26 -29.93
C ALA A 496 -43.87 -5.83 -30.42
N GLN A 497 -43.40 -5.38 -31.59
CA GLN A 497 -42.16 -5.90 -32.15
C GLN A 497 -40.98 -5.68 -31.20
N HIS A 498 -41.02 -4.57 -30.48
CA HIS A 498 -39.99 -4.20 -29.51
C HIS A 498 -39.96 -5.19 -28.34
N VAL A 499 -41.12 -5.38 -27.73
CA VAL A 499 -41.28 -6.35 -26.64
C VAL A 499 -40.76 -7.74 -27.01
N ASP A 500 -40.52 -7.95 -28.30
CA ASP A 500 -39.92 -9.20 -28.74
C ASP A 500 -38.42 -9.15 -28.44
N MET A 501 -37.76 -8.12 -28.97
CA MET A 501 -36.33 -7.95 -28.75
C MET A 501 -36.03 -7.79 -27.26
N ILE A 502 -36.80 -6.92 -26.61
CA ILE A 502 -36.59 -6.62 -25.20
C ILE A 502 -36.51 -7.87 -24.33
N MET A 503 -37.61 -8.62 -24.24
CA MET A 503 -37.65 -9.78 -23.37
C MET A 503 -36.87 -10.95 -23.95
N GLY A 504 -36.12 -10.71 -25.02
CA GLY A 504 -35.37 -11.77 -25.67
C GLY A 504 -33.87 -11.61 -25.56
N SER A 505 -33.41 -10.37 -25.57
CA SER A 505 -31.97 -10.07 -25.55
C SER A 505 -31.31 -10.49 -24.24
N HIS A 506 -29.98 -10.48 -24.23
CA HIS A 506 -29.19 -10.84 -23.06
C HIS A 506 -29.70 -10.16 -21.81
N VAL A 507 -30.46 -9.10 -21.99
CA VAL A 507 -31.01 -8.32 -20.87
C VAL A 507 -31.92 -9.14 -19.96
N LEU A 508 -33.05 -9.59 -20.48
CA LEU A 508 -34.03 -10.31 -19.67
C LEU A 508 -34.11 -11.80 -19.97
N LYS A 509 -33.37 -12.25 -20.98
CA LYS A 509 -33.42 -13.65 -21.38
C LYS A 509 -33.06 -14.56 -20.22
N ASP A 510 -34.01 -15.40 -19.82
CA ASP A 510 -33.81 -16.34 -18.72
C ASP A 510 -33.90 -15.65 -17.36
N MET A 511 -34.92 -14.81 -17.18
CA MET A 511 -35.10 -14.08 -15.93
C MET A 511 -36.51 -14.20 -15.38
N PRO A 512 -36.63 -14.68 -14.13
CA PRO A 512 -37.91 -14.89 -13.45
C PRO A 512 -38.87 -13.72 -13.67
N LEU A 513 -40.16 -14.01 -13.68
CA LEU A 513 -41.19 -12.98 -13.89
C LEU A 513 -41.11 -11.92 -12.81
N ARG A 514 -40.63 -12.31 -11.64
CA ARG A 514 -40.48 -11.38 -10.54
C ARG A 514 -39.41 -10.33 -10.87
N LYS A 515 -38.21 -10.80 -11.17
CA LYS A 515 -37.07 -9.93 -11.44
C LYS A 515 -37.15 -9.26 -12.81
N GLN A 516 -37.62 -10.01 -13.80
CA GLN A 516 -37.79 -9.49 -15.16
C GLN A 516 -38.69 -8.26 -15.14
N ALA A 517 -39.84 -8.39 -14.48
CA ALA A 517 -40.76 -7.28 -14.32
C ALA A 517 -40.06 -6.14 -13.60
N GLU A 518 -39.55 -6.44 -12.42
CA GLU A 518 -38.82 -5.46 -11.62
C GLU A 518 -37.99 -4.53 -12.51
N ILE A 519 -37.07 -5.12 -13.27
CA ILE A 519 -36.16 -4.36 -14.12
C ILE A 519 -36.89 -3.27 -14.90
N LEU A 520 -37.97 -3.67 -15.58
CA LEU A 520 -38.68 -2.76 -16.47
C LEU A 520 -39.04 -1.44 -15.79
N PHE A 521 -39.41 -1.50 -14.52
CA PHE A 521 -39.78 -0.30 -13.80
C PHE A 521 -38.66 0.73 -13.81
N CYS A 522 -37.44 0.27 -13.53
CA CYS A 522 -36.28 1.15 -13.48
C CYS A 522 -36.03 1.85 -14.80
N LEU A 523 -35.86 1.06 -15.86
CA LEU A 523 -35.60 1.60 -17.19
C LEU A 523 -36.68 2.61 -17.57
N GLY A 524 -37.92 2.31 -17.22
CA GLY A 524 -38.99 3.27 -17.39
C GLY A 524 -38.68 4.52 -16.60
N GLY A 525 -38.26 4.34 -15.36
CA GLY A 525 -37.89 5.46 -14.50
C GLY A 525 -36.80 6.32 -15.08
N VAL A 526 -35.87 5.68 -15.81
CA VAL A 526 -34.72 6.37 -16.38
C VAL A 526 -35.14 7.49 -17.33
N PHE A 527 -36.02 7.16 -18.28
CA PHE A 527 -36.40 8.12 -19.32
C PHE A 527 -37.30 9.24 -18.80
N CYS A 528 -37.97 9.01 -17.67
CA CYS A 528 -38.72 10.09 -17.07
C CYS A 528 -37.76 11.21 -16.71
N LYS A 529 -36.65 10.85 -16.07
CA LYS A 529 -35.65 11.83 -15.63
C LYS A 529 -35.00 12.52 -16.82
N TYR A 530 -34.91 11.81 -17.93
CA TYR A 530 -34.36 12.38 -19.15
C TYR A 530 -35.16 13.59 -19.60
N SER A 531 -36.48 13.45 -19.60
CA SER A 531 -37.37 14.53 -20.02
C SER A 531 -37.74 15.42 -18.85
N SER A 532 -36.94 15.37 -17.78
CA SER A 532 -37.25 16.11 -16.58
C SER A 532 -36.82 17.56 -16.69
N SER A 533 -37.45 18.42 -15.91
CA SER A 533 -37.06 19.83 -15.83
C SER A 533 -35.57 19.90 -15.50
N ASP A 534 -35.07 18.83 -14.89
CA ASP A 534 -33.67 18.75 -14.48
C ASP A 534 -32.73 18.51 -15.65
N MET A 535 -33.18 17.69 -16.61
CA MET A 535 -32.33 17.32 -17.75
C MET A 535 -32.70 18.04 -19.05
N PHE A 536 -32.96 17.25 -20.09
CA PHE A 536 -33.24 17.75 -21.43
C PHE A 536 -34.41 18.73 -21.52
N GLY A 537 -35.54 18.36 -20.93
CA GLY A 537 -36.69 19.25 -20.96
C GLY A 537 -36.58 20.41 -19.99
N THR A 538 -37.29 21.49 -20.28
CA THR A 538 -37.44 22.58 -19.34
C THR A 538 -38.67 22.32 -18.47
N GLU A 539 -38.81 23.08 -17.39
CA GLU A 539 -39.95 22.88 -16.48
C GLU A 539 -41.25 23.37 -17.11
N TYR A 540 -41.13 24.13 -18.18
CA TYR A 540 -42.30 24.63 -18.90
C TYR A 540 -42.68 23.67 -20.02
N ASP A 541 -41.73 23.39 -20.90
CA ASP A 541 -41.94 22.46 -22.00
C ASP A 541 -41.08 21.21 -21.84
N SER A 542 -41.65 20.05 -22.12
CA SER A 542 -40.95 18.77 -21.96
C SER A 542 -41.10 17.88 -23.20
N PRO A 543 -39.99 17.24 -23.63
CA PRO A 543 -39.91 16.35 -24.79
C PRO A 543 -40.93 15.19 -24.74
N GLU A 544 -41.98 15.30 -25.54
CA GLU A 544 -43.12 14.38 -25.48
C GLU A 544 -42.80 12.97 -25.98
N ILE A 545 -41.73 12.82 -26.74
CA ILE A 545 -41.37 11.52 -27.30
C ILE A 545 -40.83 10.58 -26.23
N LEU A 546 -40.11 11.15 -25.25
CA LEU A 546 -39.54 10.37 -24.15
C LEU A 546 -40.59 9.96 -23.12
N ARG A 547 -41.34 10.95 -22.63
CA ARG A 547 -42.46 10.69 -21.74
C ARG A 547 -43.31 9.57 -22.34
N ARG A 548 -43.48 9.64 -23.66
CA ARG A 548 -44.19 8.59 -24.39
C ARG A 548 -43.58 7.23 -24.12
N TYR A 549 -42.31 7.06 -24.50
CA TYR A 549 -41.63 5.77 -24.33
C TYR A 549 -41.76 5.26 -22.92
N ALA A 550 -41.41 6.12 -21.96
CA ALA A 550 -41.52 5.80 -20.54
C ALA A 550 -42.82 5.06 -20.25
N ASN A 551 -43.93 5.69 -20.61
CA ASN A 551 -45.26 5.14 -20.34
C ASN A 551 -45.38 3.66 -20.73
N GLY A 552 -44.72 3.29 -21.81
CA GLY A 552 -44.78 1.92 -22.30
C GLY A 552 -44.01 0.97 -21.41
N LEU A 553 -42.86 1.41 -20.93
CA LEU A 553 -42.02 0.58 -20.09
C LEU A 553 -42.68 0.31 -18.74
N ILE A 554 -43.25 1.36 -18.14
CA ILE A 554 -43.97 1.20 -16.88
C ILE A 554 -45.20 0.30 -17.08
N GLU A 555 -45.66 0.20 -18.32
CA GLU A 555 -46.81 -0.64 -18.65
C GLU A 555 -46.43 -2.09 -18.92
N GLN A 556 -45.54 -2.31 -19.88
CA GLN A 556 -45.13 -3.65 -20.25
C GLN A 556 -44.48 -4.37 -19.07
N ALA A 557 -44.17 -3.62 -18.03
CA ALA A 557 -43.68 -4.17 -16.78
C ALA A 557 -44.85 -4.81 -16.05
N TYR A 558 -45.97 -4.09 -16.06
CA TYR A 558 -47.18 -4.51 -15.38
C TYR A 558 -47.60 -5.90 -15.82
N LYS A 559 -47.64 -6.12 -17.14
CA LYS A 559 -48.10 -7.38 -17.69
C LYS A 559 -47.07 -8.50 -17.53
N THR A 560 -45.96 -8.20 -16.86
CA THR A 560 -44.94 -9.21 -16.62
C THR A 560 -45.07 -9.79 -15.21
N ASP A 561 -45.36 -8.92 -14.25
CA ASP A 561 -45.58 -9.34 -12.86
C ASP A 561 -46.00 -8.12 -12.05
N PRO A 562 -47.30 -8.00 -11.77
CA PRO A 562 -47.88 -6.84 -11.06
C PRO A 562 -47.47 -6.79 -9.59
N GLN A 563 -47.01 -7.91 -9.05
CA GLN A 563 -46.57 -7.98 -7.66
C GLN A 563 -45.32 -7.14 -7.43
N VAL A 564 -44.99 -6.31 -8.42
CA VAL A 564 -43.85 -5.42 -8.35
C VAL A 564 -44.31 -3.99 -8.12
N PHE A 565 -45.43 -3.63 -8.74
CA PHE A 565 -46.01 -2.30 -8.56
C PHE A 565 -46.73 -2.17 -7.23
N GLY A 566 -47.12 -3.31 -6.66
CA GLY A 566 -47.88 -3.33 -5.44
C GLY A 566 -49.26 -2.72 -5.65
N SER A 567 -49.45 -1.52 -5.12
CA SER A 567 -50.71 -0.80 -5.28
C SER A 567 -50.98 -0.49 -6.75
N VAL A 568 -52.25 -0.30 -7.09
CA VAL A 568 -52.63 0.10 -8.44
C VAL A 568 -53.09 1.55 -8.45
N TYR A 569 -53.37 2.09 -7.26
CA TYR A 569 -53.65 3.51 -7.12
C TYR A 569 -52.45 4.25 -7.66
N TYR A 570 -51.28 3.71 -7.34
CA TYR A 570 -50.01 4.24 -7.80
C TYR A 570 -49.95 4.20 -9.33
N TYR A 571 -50.01 3.00 -9.86
CA TYR A 571 -49.90 2.76 -11.30
C TYR A 571 -50.76 3.72 -12.14
N ASN A 572 -51.98 3.98 -11.68
CA ASN A 572 -52.88 4.88 -12.39
C ASN A 572 -52.45 6.35 -12.30
N ASP A 573 -51.91 6.72 -11.14
CA ASP A 573 -51.42 8.08 -10.95
C ASP A 573 -50.08 8.28 -11.64
N ILE A 574 -49.34 7.19 -11.85
CA ILE A 574 -48.07 7.26 -12.56
C ILE A 574 -48.32 7.70 -14.00
N LEU A 575 -49.36 7.15 -14.61
CA LEU A 575 -49.74 7.52 -15.97
C LEU A 575 -50.49 8.85 -15.94
N ASP A 576 -51.32 9.03 -14.91
CA ASP A 576 -52.08 10.26 -14.74
C ASP A 576 -51.15 11.46 -14.61
N ARG A 577 -49.85 11.22 -14.71
CA ARG A 577 -48.86 12.28 -14.59
C ARG A 577 -47.91 12.33 -15.79
N LEU A 578 -47.43 11.17 -16.24
CA LEU A 578 -46.48 11.11 -17.34
C LEU A 578 -47.09 11.53 -18.68
N GLN A 579 -48.42 11.46 -18.78
CA GLN A 579 -49.12 11.81 -20.02
C GLN A 579 -49.90 13.11 -19.88
N GLY A 580 -50.80 13.15 -18.90
CA GLY A 580 -51.63 14.33 -18.68
C GLY A 580 -52.87 14.01 -17.87
N CYS A 587 -45.01 18.47 -14.83
CA CYS A 587 -43.65 18.58 -14.29
C CYS A 587 -43.04 17.19 -14.16
N THR A 588 -42.29 16.78 -15.18
CA THR A 588 -41.67 15.47 -15.22
C THR A 588 -40.66 15.29 -14.09
N ALA A 589 -40.46 16.37 -13.33
CA ALA A 589 -39.52 16.35 -12.22
C ALA A 589 -40.08 15.60 -11.02
N VAL A 590 -41.23 16.03 -10.52
CA VAL A 590 -41.84 15.46 -9.32
C VAL A 590 -41.99 13.94 -9.41
N LEU A 591 -42.17 13.45 -10.63
CA LEU A 591 -42.40 12.02 -10.87
C LEU A 591 -41.14 11.16 -10.72
N THR A 592 -40.01 11.68 -11.18
CA THR A 592 -38.75 10.93 -11.18
C THR A 592 -38.43 10.33 -9.81
N ASP A 593 -38.17 11.19 -8.83
CA ASP A 593 -37.89 10.74 -7.46
C ASP A 593 -39.05 9.93 -6.92
N MET A 594 -40.26 10.36 -7.23
CA MET A 594 -41.47 9.65 -6.84
C MET A 594 -41.34 8.17 -7.18
N LEU A 595 -40.69 7.88 -8.31
CA LEU A 595 -40.50 6.50 -8.75
C LEU A 595 -39.15 5.91 -8.32
N THR A 596 -38.14 6.77 -8.14
CA THR A 596 -36.82 6.34 -7.68
C THR A 596 -36.88 5.85 -6.25
N GLU A 597 -37.64 6.56 -5.42
CA GLU A 597 -37.70 6.28 -3.98
C GLU A 597 -38.51 5.03 -3.66
N HIS A 598 -39.46 4.69 -4.52
CA HIS A 598 -40.27 3.50 -4.33
C HIS A 598 -39.45 2.26 -4.69
N ALA A 599 -38.51 2.43 -5.61
CA ALA A 599 -37.68 1.34 -6.07
C ALA A 599 -36.60 0.99 -5.05
N LYS A 600 -35.98 2.01 -4.48
CA LYS A 600 -35.00 1.81 -3.42
C LYS A 600 -35.69 1.21 -2.20
N GLU A 601 -37.02 1.17 -2.24
CA GLU A 601 -37.81 0.67 -1.13
C GLU A 601 -38.40 -0.72 -1.39
N SER A 602 -38.87 -0.95 -2.61
CA SER A 602 -39.52 -2.21 -2.96
C SER A 602 -38.53 -3.30 -3.38
N PHE A 603 -37.43 -2.90 -3.99
CA PHE A 603 -36.40 -3.84 -4.43
C PHE A 603 -35.05 -3.16 -4.69
N PRO A 604 -34.46 -2.60 -3.62
CA PRO A 604 -33.20 -1.87 -3.67
C PRO A 604 -32.10 -2.60 -4.45
N GLU A 605 -31.99 -3.90 -4.25
CA GLU A 605 -30.89 -4.65 -4.83
C GLU A 605 -30.85 -4.60 -6.35
N ILE A 606 -32.03 -4.55 -6.97
CA ILE A 606 -32.13 -4.49 -8.42
C ILE A 606 -32.01 -3.06 -8.92
N PHE A 607 -32.29 -2.11 -8.03
CA PHE A 607 -32.23 -0.68 -8.36
C PHE A 607 -30.80 -0.11 -8.35
N SER A 608 -29.96 -0.63 -7.46
CA SER A 608 -28.59 -0.17 -7.37
C SER A 608 -27.78 -0.77 -8.50
N LEU A 609 -28.44 -1.56 -9.33
CA LEU A 609 -27.76 -2.26 -10.40
C LEU A 609 -28.25 -1.81 -11.79
N TYR A 610 -29.46 -1.25 -11.84
CA TYR A 610 -30.07 -0.89 -13.11
C TYR A 610 -30.61 0.55 -13.13
N TYR A 611 -29.75 1.50 -12.80
CA TYR A 611 -30.14 2.92 -12.71
C TYR A 611 -28.92 3.76 -12.36
N PRO A 612 -28.70 4.84 -13.12
CA PRO A 612 -27.49 5.68 -13.05
C PRO A 612 -27.00 5.97 -11.62
N VAL A 613 -25.84 5.40 -11.28
CA VAL A 613 -25.23 5.63 -9.98
C VAL A 613 -25.27 7.10 -9.58
N ALA A 614 -25.09 7.99 -10.56
CA ALA A 614 -24.98 9.42 -10.27
C ALA A 614 -26.35 10.09 -10.10
N TRP A 615 -27.40 9.30 -10.18
CA TRP A 615 -28.76 9.79 -9.99
C TRP A 615 -29.40 9.17 -8.75
N ARG A 616 -28.67 8.26 -8.12
CA ARG A 616 -29.20 7.54 -6.95
C ARG A 616 -29.75 8.52 -5.91
N GLN B 5 -2.68 -20.22 57.44
CA GLN B 5 -2.51 -18.93 58.09
C GLN B 5 -3.62 -17.99 57.67
N GLY B 6 -4.85 -18.49 57.68
CA GLY B 6 -5.97 -17.68 57.30
C GLY B 6 -7.31 -18.11 57.85
N ARG B 7 -8.26 -17.18 57.76
CA ARG B 7 -9.65 -17.43 58.11
C ARG B 7 -10.41 -16.21 57.60
N ALA B 8 -11.45 -16.46 56.82
CA ALA B 8 -12.13 -15.39 56.08
C ALA B 8 -12.79 -14.33 56.97
N CYS B 9 -12.61 -14.47 58.29
CA CYS B 9 -13.28 -13.58 59.24
C CYS B 9 -12.40 -12.39 59.68
N LEU B 10 -11.16 -12.36 59.21
CA LEU B 10 -10.26 -11.25 59.46
C LEU B 10 -10.41 -10.23 58.33
N SER B 11 -10.61 -8.96 58.67
CA SER B 11 -10.92 -7.95 57.66
C SER B 11 -9.87 -7.85 56.56
N LYS B 12 -10.23 -7.18 55.47
CA LYS B 12 -9.35 -7.04 54.31
C LYS B 12 -8.00 -6.43 54.67
N ALA B 13 -7.91 -5.87 55.88
CA ALA B 13 -6.66 -5.28 56.36
C ALA B 13 -5.81 -6.33 57.06
N GLU B 14 -6.46 -7.14 57.89
CA GLU B 14 -5.77 -8.18 58.65
C GLU B 14 -5.14 -9.20 57.72
N LEU B 15 -5.74 -9.37 56.55
CA LEU B 15 -5.32 -10.39 55.59
C LEU B 15 -4.03 -10.04 54.86
N THR B 16 -3.98 -8.84 54.32
CA THR B 16 -2.78 -8.37 53.65
C THR B 16 -1.57 -8.75 54.48
N ALA B 17 -1.54 -8.26 55.72
CA ALA B 17 -0.45 -8.51 56.65
C ALA B 17 0.10 -9.94 56.54
N ASP B 18 -0.76 -10.91 56.83
CA ASP B 18 -0.34 -12.30 56.84
C ASP B 18 0.37 -12.70 55.55
N LEU B 19 -0.11 -12.16 54.43
CA LEU B 19 0.42 -12.50 53.11
C LEU B 19 1.78 -11.88 52.86
N ILE B 20 1.87 -10.56 52.97
CA ILE B 20 3.13 -9.89 52.76
C ILE B 20 4.20 -10.54 53.64
N TRP B 21 3.84 -10.88 54.87
CA TRP B 21 4.76 -11.62 55.73
C TRP B 21 5.17 -12.90 55.02
N LEU B 22 4.16 -13.65 54.59
CA LEU B 22 4.39 -14.91 53.92
C LEU B 22 5.39 -14.79 52.79
N SER B 23 5.20 -13.81 51.91
CA SER B 23 6.10 -13.64 50.78
C SER B 23 7.54 -13.57 51.23
N ALA B 24 7.77 -12.83 52.31
CA ALA B 24 9.12 -12.63 52.82
C ALA B 24 9.81 -13.96 53.13
N ASN B 25 9.42 -14.55 54.25
CA ASN B 25 9.98 -15.82 54.69
C ASN B 25 9.39 -17.00 53.91
N ARG B 26 10.17 -17.55 52.99
CA ARG B 26 9.68 -18.56 52.06
C ARG B 26 10.45 -19.88 52.13
N THR B 27 9.94 -20.81 52.94
CA THR B 27 10.62 -22.07 53.20
C THR B 27 10.36 -23.07 52.08
N GLY B 28 9.19 -22.95 51.47
CA GLY B 28 8.82 -23.83 50.37
C GLY B 28 8.54 -25.24 50.85
N GLU B 29 8.16 -25.36 52.12
CA GLU B 29 7.85 -26.66 52.71
C GLU B 29 6.78 -26.47 53.77
N GLU B 30 5.95 -25.45 53.58
CA GLU B 30 4.93 -25.06 54.54
C GLU B 30 3.93 -26.18 54.81
N SER B 31 3.12 -25.99 55.84
CA SER B 31 2.13 -26.99 56.21
C SER B 31 0.75 -26.54 55.75
N ALA B 32 -0.10 -27.51 55.46
CA ALA B 32 -1.45 -27.24 54.97
C ALA B 32 -2.15 -26.08 55.69
N GLU B 33 -1.91 -25.98 57.00
CA GLU B 33 -2.54 -24.94 57.81
C GLU B 33 -2.01 -23.55 57.47
N GLU B 34 -0.71 -23.47 57.22
CA GLU B 34 -0.05 -22.20 56.88
C GLU B 34 -0.50 -21.65 55.53
N LEU B 35 -0.56 -22.51 54.52
CA LEU B 35 -0.86 -22.06 53.16
C LEU B 35 -2.34 -21.82 52.91
N ASN B 36 -3.19 -22.29 53.81
CA ASN B 36 -4.63 -22.22 53.65
C ASN B 36 -5.22 -20.81 53.76
N TYR B 37 -5.64 -20.26 52.62
CA TYR B 37 -6.31 -18.97 52.57
C TYR B 37 -7.56 -19.08 51.69
N SER B 38 -8.52 -19.89 52.10
CA SER B 38 -9.68 -20.17 51.25
C SER B 38 -10.95 -19.45 51.69
N GLY B 39 -11.77 -19.06 50.70
CA GLY B 39 -13.02 -18.39 50.98
C GLY B 39 -12.87 -16.95 51.43
N CYS B 40 -11.62 -16.50 51.55
CA CYS B 40 -11.32 -15.18 52.10
C CYS B 40 -11.70 -14.04 51.17
N ASP B 41 -12.35 -13.02 51.72
CA ASP B 41 -12.71 -11.85 50.94
C ASP B 41 -11.49 -10.94 50.73
N LEU B 42 -10.95 -10.97 49.51
CA LEU B 42 -9.80 -10.14 49.19
C LEU B 42 -10.18 -9.06 48.17
N SER B 43 -11.45 -8.67 48.18
CA SER B 43 -11.95 -7.67 47.26
C SER B 43 -11.32 -6.29 47.48
N GLY B 44 -10.29 -5.97 46.70
CA GLY B 44 -9.83 -4.61 46.62
C GLY B 44 -8.39 -4.33 46.97
N LEU B 45 -7.70 -5.30 47.55
CA LEU B 45 -6.33 -5.07 47.98
C LEU B 45 -5.28 -5.30 46.89
N SER B 46 -4.13 -4.68 47.06
CA SER B 46 -3.01 -4.90 46.15
C SER B 46 -2.21 -6.08 46.67
N LEU B 47 -1.73 -6.92 45.77
CA LEU B 47 -0.90 -8.04 46.17
C LEU B 47 0.23 -8.20 45.18
N VAL B 48 0.58 -7.09 44.56
CA VAL B 48 1.56 -7.11 43.50
C VAL B 48 2.95 -7.50 43.98
N GLY B 49 3.65 -8.33 43.21
CA GLY B 49 5.03 -8.64 43.49
C GLY B 49 5.26 -9.78 44.48
N LEU B 50 4.21 -10.15 45.20
CA LEU B 50 4.33 -11.15 46.25
C LEU B 50 4.76 -12.53 45.72
N ASN B 51 5.30 -13.38 46.59
CA ASN B 51 5.60 -14.77 46.26
C ASN B 51 4.54 -15.68 46.86
N LEU B 52 3.55 -16.04 46.06
CA LEU B 52 2.41 -16.78 46.60
C LEU B 52 2.29 -18.13 45.95
N SER B 53 3.43 -18.81 45.80
CA SER B 53 3.43 -20.16 45.27
C SER B 53 2.69 -21.08 46.24
N SER B 54 2.00 -22.06 45.68
CA SER B 54 1.44 -23.16 46.47
C SER B 54 0.32 -22.75 47.41
N VAL B 55 -0.02 -21.46 47.41
CA VAL B 55 -1.04 -20.94 48.32
C VAL B 55 -2.44 -21.42 47.97
N ASN B 56 -3.25 -21.67 48.99
CA ASN B 56 -4.64 -22.08 48.77
C ASN B 56 -5.57 -20.88 48.81
N PHE B 57 -6.48 -20.81 47.85
CA PHE B 57 -7.44 -19.70 47.78
C PHE B 57 -8.80 -20.18 47.32
N SER B 58 -8.93 -21.50 47.16
CA SER B 58 -10.18 -22.07 46.68
C SER B 58 -11.37 -21.47 47.41
N GLY B 59 -12.17 -20.70 46.69
CA GLY B 59 -13.34 -20.05 47.27
C GLY B 59 -13.14 -18.56 47.41
N ALA B 60 -11.88 -18.13 47.41
CA ALA B 60 -11.53 -16.74 47.65
C ALA B 60 -12.27 -15.80 46.71
N VAL B 61 -12.41 -14.54 47.09
CA VAL B 61 -13.11 -13.56 46.24
C VAL B 61 -12.21 -12.38 45.88
N LEU B 62 -11.36 -12.58 44.87
CA LEU B 62 -10.37 -11.58 44.49
C LEU B 62 -10.91 -10.50 43.56
N ASP B 63 -12.22 -10.44 43.38
CA ASP B 63 -12.77 -9.42 42.51
C ASP B 63 -12.14 -8.07 42.83
N ASP B 64 -11.93 -7.26 41.79
CA ASP B 64 -11.39 -5.92 41.97
C ASP B 64 -10.01 -5.93 42.63
N THR B 65 -9.23 -6.98 42.38
CA THR B 65 -7.90 -7.05 42.97
C THR B 65 -6.80 -6.86 41.93
N ASP B 66 -5.62 -6.43 42.39
CA ASP B 66 -4.48 -6.15 41.52
C ASP B 66 -3.30 -7.05 41.87
N LEU B 67 -3.27 -8.26 41.32
CA LEU B 67 -2.26 -9.24 41.72
C LEU B 67 -1.10 -9.32 40.73
N ARG B 68 -0.82 -8.22 40.05
CA ARG B 68 0.14 -8.22 38.96
C ARG B 68 1.53 -8.53 39.46
N MET B 69 2.38 -9.01 38.55
CA MET B 69 3.79 -9.22 38.83
C MET B 69 4.07 -10.41 39.77
N SER B 70 3.11 -10.74 40.62
CA SER B 70 3.31 -11.71 41.69
C SER B 70 3.29 -13.17 41.23
N ASP B 71 4.06 -14.01 41.93
CA ASP B 71 4.17 -15.43 41.61
C ASP B 71 3.03 -16.24 42.23
N LEU B 72 2.61 -17.28 41.51
CA LEU B 72 1.49 -18.11 41.94
C LEU B 72 1.59 -19.56 41.47
N SER B 73 2.78 -19.98 41.04
CA SER B 73 2.92 -21.36 40.60
C SER B 73 2.40 -22.32 41.68
N GLN B 74 1.75 -23.40 41.24
CA GLN B 74 1.26 -24.43 42.15
C GLN B 74 0.12 -23.95 43.04
N ALA B 75 -0.30 -22.71 42.86
CA ALA B 75 -1.43 -22.19 43.61
C ALA B 75 -2.66 -23.11 43.44
N VAL B 76 -3.68 -22.91 44.26
CA VAL B 76 -4.97 -23.56 44.02
C VAL B 76 -6.11 -22.58 44.17
N LEU B 77 -6.66 -22.14 43.05
CA LEU B 77 -7.74 -21.16 43.06
C LEU B 77 -9.05 -21.76 42.58
N GLU B 78 -9.18 -23.07 42.74
CA GLU B 78 -10.40 -23.77 42.36
C GLU B 78 -11.60 -23.00 42.90
N ASN B 79 -12.40 -22.44 41.99
CA ASN B 79 -13.65 -21.76 42.35
C ASN B 79 -13.50 -20.31 42.79
N CYS B 80 -12.43 -19.65 42.34
CA CYS B 80 -12.20 -18.26 42.73
C CYS B 80 -12.96 -17.25 41.86
N SER B 81 -12.97 -15.99 42.26
CA SER B 81 -13.61 -14.92 41.48
C SER B 81 -12.64 -13.80 41.16
N PHE B 82 -12.80 -13.20 39.98
CA PHE B 82 -11.83 -12.22 39.50
C PHE B 82 -12.45 -11.03 38.76
N LYS B 83 -13.71 -10.70 39.07
CA LYS B 83 -14.37 -9.60 38.36
C LYS B 83 -13.53 -8.31 38.38
N ASN B 84 -13.16 -7.84 37.20
CA ASN B 84 -12.34 -6.64 37.05
C ASN B 84 -11.08 -6.62 37.91
N SER B 85 -10.31 -7.72 37.85
CA SER B 85 -9.00 -7.79 38.48
C SER B 85 -7.88 -7.37 37.52
N ILE B 86 -6.63 -7.47 37.99
CA ILE B 86 -5.49 -7.17 37.15
C ILE B 86 -4.42 -8.21 37.43
N LEU B 87 -4.02 -8.93 36.40
CA LEU B 87 -3.13 -10.05 36.61
C LEU B 87 -1.91 -9.97 35.71
N ASN B 88 -1.71 -8.83 35.07
CA ASN B 88 -0.64 -8.70 34.07
C ASN B 88 0.69 -9.29 34.52
N GLU B 89 1.50 -9.76 33.58
CA GLU B 89 2.86 -10.17 33.88
C GLU B 89 2.95 -11.21 34.98
N CYS B 90 1.80 -11.71 35.42
CA CYS B 90 1.74 -12.66 36.52
C CYS B 90 2.45 -13.98 36.21
N ASN B 91 2.36 -14.93 37.15
CA ASN B 91 2.84 -16.29 36.93
C ASN B 91 1.86 -17.24 37.58
N PHE B 92 1.37 -18.20 36.79
CA PHE B 92 0.32 -19.11 37.22
C PHE B 92 0.68 -20.55 36.92
N CYS B 93 1.86 -20.77 36.34
CA CYS B 93 2.25 -22.12 35.94
C CYS B 93 1.75 -23.20 36.88
N TYR B 94 1.04 -24.17 36.34
CA TYR B 94 0.68 -25.34 37.12
C TYR B 94 -0.42 -25.07 38.15
N ALA B 95 -0.81 -23.81 38.31
CA ALA B 95 -1.89 -23.51 39.22
C ALA B 95 -3.18 -24.26 38.88
N ASN B 96 -4.09 -24.33 39.84
CA ASN B 96 -5.42 -24.91 39.59
C ASN B 96 -6.47 -23.81 39.60
N LEU B 97 -7.12 -23.62 38.45
CA LEU B 97 -8.14 -22.60 38.31
C LEU B 97 -9.38 -23.18 37.67
N SER B 98 -9.68 -24.44 37.95
CA SER B 98 -10.87 -25.08 37.41
C SER B 98 -12.12 -24.26 37.77
N ASN B 99 -13.15 -24.32 36.95
CA ASN B 99 -14.44 -23.73 37.30
C ASN B 99 -14.37 -22.36 37.99
N CYS B 100 -13.47 -21.48 37.55
CA CYS B 100 -13.34 -20.18 38.20
C CYS B 100 -13.40 -18.97 37.27
N ILE B 101 -14.27 -18.01 37.60
CA ILE B 101 -14.52 -16.84 36.76
C ILE B 101 -13.36 -15.85 36.72
N ILE B 102 -12.82 -15.61 35.53
CA ILE B 102 -11.75 -14.64 35.35
C ILE B 102 -12.20 -13.50 34.46
N ARG B 103 -12.41 -12.33 35.04
CA ARG B 103 -12.82 -11.16 34.27
C ARG B 103 -11.84 -10.01 34.47
N ALA B 104 -10.63 -10.17 33.97
CA ALA B 104 -9.58 -9.21 34.25
C ALA B 104 -8.56 -9.04 33.14
N LEU B 105 -7.71 -8.03 33.28
CA LEU B 105 -6.62 -7.77 32.36
C LEU B 105 -5.53 -8.80 32.59
N PHE B 106 -5.30 -9.65 31.60
CA PHE B 106 -4.24 -10.65 31.71
C PHE B 106 -3.12 -10.43 30.69
N GLU B 107 -2.47 -9.27 30.80
CA GLU B 107 -1.34 -9.00 29.93
C GLU B 107 -0.19 -9.94 30.25
N ASN B 108 0.33 -10.59 29.23
CA ASN B 108 1.45 -11.51 29.40
C ASN B 108 1.37 -12.38 30.63
N SER B 109 0.17 -12.73 31.09
CA SER B 109 0.02 -13.54 32.31
C SER B 109 0.21 -15.00 31.99
N ASN B 110 1.22 -15.63 32.60
CA ASN B 110 1.61 -16.98 32.22
C ASN B 110 0.73 -18.07 32.83
N PHE B 111 0.01 -18.80 31.99
CA PHE B 111 -0.82 -19.92 32.47
C PHE B 111 -0.24 -21.28 32.12
N SER B 112 1.00 -21.32 31.68
CA SER B 112 1.59 -22.59 31.25
C SER B 112 1.16 -23.72 32.16
N ASN B 113 0.74 -24.84 31.57
CA ASN B 113 0.47 -26.05 32.33
C ASN B 113 -0.58 -25.89 33.41
N SER B 114 -1.40 -24.86 33.34
CA SER B 114 -2.39 -24.62 34.37
C SER B 114 -3.65 -25.47 34.18
N ASN B 115 -4.49 -25.50 35.21
CA ASN B 115 -5.77 -26.18 35.07
C ASN B 115 -6.87 -25.16 34.93
N LEU B 116 -7.44 -25.07 33.73
CA LEU B 116 -8.48 -24.08 33.47
C LEU B 116 -9.79 -24.78 33.09
N LYS B 117 -9.83 -26.09 33.29
CA LYS B 117 -11.03 -26.86 32.98
C LYS B 117 -12.25 -26.19 33.61
N ASN B 118 -13.17 -25.78 32.74
CA ASN B 118 -14.39 -25.13 33.17
C ASN B 118 -14.22 -23.70 33.65
N ALA B 119 -13.11 -23.09 33.28
CA ALA B 119 -12.91 -21.68 33.58
C ALA B 119 -13.60 -20.82 32.52
N SER B 120 -13.87 -19.56 32.82
CA SER B 120 -14.47 -18.66 31.84
C SER B 120 -13.90 -17.26 31.84
N PHE B 121 -13.12 -16.93 30.81
CA PHE B 121 -12.52 -15.61 30.71
C PHE B 121 -13.49 -14.56 30.19
N LYS B 122 -14.72 -14.58 30.71
CA LYS B 122 -15.75 -13.65 30.28
C LYS B 122 -15.18 -12.25 30.19
N GLY B 123 -15.21 -11.69 28.98
CA GLY B 123 -14.80 -10.31 28.76
C GLY B 123 -13.53 -9.88 29.44
N SER B 124 -12.45 -10.63 29.21
CA SER B 124 -11.13 -10.20 29.67
C SER B 124 -10.56 -9.23 28.65
N SER B 125 -9.23 -9.14 28.62
CA SER B 125 -8.57 -8.25 27.70
C SER B 125 -7.07 -8.35 27.84
N TYR B 126 -6.38 -8.03 26.76
CA TYR B 126 -4.97 -7.72 26.87
C TYR B 126 -4.67 -6.72 25.79
N ILE B 127 -3.68 -5.87 26.04
CA ILE B 127 -3.47 -4.66 25.26
C ILE B 127 -2.48 -4.86 24.13
N GLN B 128 -1.46 -5.69 24.34
CA GLN B 128 -0.45 -5.89 23.31
C GLN B 128 0.18 -7.27 23.40
N TYR B 129 0.26 -7.79 24.62
CA TYR B 129 0.85 -9.11 24.83
C TYR B 129 -0.20 -10.07 25.39
N PRO B 130 -0.43 -11.18 24.70
CA PRO B 130 -1.50 -12.12 25.04
C PRO B 130 -1.10 -12.97 26.23
N PRO B 131 -2.08 -13.54 26.96
CA PRO B 131 -1.71 -14.51 28.00
C PRO B 131 -0.92 -15.69 27.40
N ILE B 132 -0.34 -16.54 28.25
CA ILE B 132 0.34 -17.73 27.78
C ILE B 132 -0.46 -18.98 28.14
N LEU B 133 -0.65 -19.88 27.17
CA LEU B 133 -1.53 -21.01 27.41
C LEU B 133 -0.99 -22.38 27.04
N ASN B 134 0.33 -22.55 26.90
CA ASN B 134 0.83 -23.87 26.60
C ASN B 134 0.44 -24.90 27.65
N GLU B 135 0.12 -26.11 27.22
CA GLU B 135 -0.27 -27.17 28.13
C GLU B 135 -1.33 -26.76 29.17
N ALA B 136 -2.14 -25.77 28.85
CA ALA B 136 -3.24 -25.42 29.75
C ALA B 136 -4.50 -26.21 29.39
N ASP B 137 -5.16 -26.76 30.40
CA ASP B 137 -6.35 -27.55 30.17
C ASP B 137 -7.55 -26.61 30.11
N LEU B 138 -8.08 -26.40 28.91
CA LEU B 138 -9.21 -25.51 28.71
C LEU B 138 -10.50 -26.26 28.44
N THR B 139 -10.42 -27.59 28.47
CA THR B 139 -11.57 -28.44 28.26
C THR B 139 -12.80 -27.92 29.03
N GLY B 140 -13.71 -27.28 28.32
CA GLY B 140 -14.94 -26.84 28.93
C GLY B 140 -14.87 -25.40 29.32
N ALA B 141 -13.71 -24.80 29.13
CA ALA B 141 -13.51 -23.40 29.46
C ALA B 141 -14.15 -22.49 28.41
N ILE B 142 -14.48 -21.27 28.83
CA ILE B 142 -15.03 -20.30 27.88
C ILE B 142 -14.02 -19.19 27.58
N ILE B 143 -13.30 -19.33 26.48
CA ILE B 143 -12.28 -18.36 26.11
C ILE B 143 -12.84 -17.29 25.19
N ILE B 144 -12.28 -16.07 25.27
CA ILE B 144 -12.72 -14.94 24.46
C ILE B 144 -11.76 -14.74 23.29
N PRO B 145 -12.24 -14.15 22.19
CA PRO B 145 -11.45 -14.08 20.95
C PRO B 145 -10.18 -13.27 21.14
N GLY B 146 -9.14 -13.62 20.40
CA GLY B 146 -7.88 -12.89 20.48
C GLY B 146 -6.86 -13.66 21.28
N MET B 147 -7.35 -14.49 22.21
CA MET B 147 -6.48 -15.31 23.01
C MET B 147 -5.74 -16.27 22.10
N VAL B 148 -4.42 -16.27 22.20
CA VAL B 148 -3.60 -17.18 21.41
C VAL B 148 -3.62 -18.53 22.09
N LEU B 149 -3.99 -19.55 21.32
CA LEU B 149 -4.21 -20.88 21.86
C LEU B 149 -3.11 -21.85 21.49
N SER B 150 -1.94 -21.35 21.08
CA SER B 150 -0.89 -22.26 20.64
C SER B 150 -0.34 -23.12 21.77
N GLY B 151 -0.17 -24.41 21.50
CA GLY B 151 0.35 -25.33 22.50
C GLY B 151 -0.72 -25.77 23.49
N ALA B 152 -1.81 -24.99 23.58
CA ALA B 152 -2.87 -25.26 24.55
C ALA B 152 -3.59 -26.57 24.33
N ILE B 153 -4.53 -26.88 25.23
CA ILE B 153 -5.20 -28.17 25.22
C ILE B 153 -6.69 -28.03 25.45
N LEU B 154 -7.45 -28.22 24.37
CA LEU B 154 -8.90 -28.22 24.42
C LEU B 154 -9.44 -29.66 24.32
N GLY B 155 -10.58 -29.92 24.93
CA GLY B 155 -11.08 -31.27 24.96
C GLY B 155 -11.51 -31.75 23.59
N ASP B 156 -11.58 -33.07 23.43
CA ASP B 156 -12.31 -33.62 22.29
C ASP B 156 -13.69 -33.01 22.41
N VAL B 157 -14.38 -32.84 21.28
CA VAL B 157 -15.61 -32.06 21.29
C VAL B 157 -16.79 -32.84 21.86
N LYS B 158 -17.54 -32.20 22.76
CA LYS B 158 -18.66 -32.85 23.46
C LYS B 158 -19.98 -32.72 22.69
N GLU B 159 -20.14 -31.61 21.98
CA GLU B 159 -21.32 -31.40 21.14
C GLU B 159 -20.90 -30.76 19.82
N LEU B 160 -21.03 -31.51 18.73
CA LEU B 160 -20.58 -31.06 17.41
C LEU B 160 -20.69 -29.55 17.22
N PHE B 161 -21.91 -29.02 17.31
CA PHE B 161 -22.13 -27.59 17.16
C PHE B 161 -22.77 -26.99 18.41
N SER B 162 -22.94 -25.67 18.42
CA SER B 162 -23.44 -24.96 19.59
C SER B 162 -24.74 -24.22 19.31
N GLU B 163 -25.75 -24.47 20.14
CA GLU B 163 -27.07 -23.87 19.97
C GLU B 163 -27.04 -22.35 20.15
N LYS B 164 -26.30 -21.89 21.16
CA LYS B 164 -26.23 -20.47 21.45
C LYS B 164 -25.55 -19.72 20.33
N SER B 165 -26.20 -18.69 19.84
CA SER B 165 -25.63 -17.81 18.84
C SER B 165 -24.37 -17.18 19.42
N ASN B 166 -24.40 -16.93 20.74
CA ASN B 166 -23.36 -16.14 21.37
C ASN B 166 -22.01 -16.87 21.46
N THR B 167 -22.03 -18.19 21.41
CA THR B 167 -20.79 -18.96 21.57
C THR B 167 -20.38 -19.75 20.32
N ILE B 168 -19.08 -19.77 20.04
CA ILE B 168 -18.53 -20.57 18.95
C ILE B 168 -17.69 -21.69 19.55
N ASN B 169 -17.84 -22.91 19.02
CA ASN B 169 -17.20 -24.06 19.64
C ASN B 169 -15.95 -24.50 18.92
N LEU B 170 -14.83 -24.44 19.61
CA LEU B 170 -13.57 -24.88 19.03
C LEU B 170 -13.01 -25.98 19.93
N GLY B 171 -13.29 -27.24 19.60
CA GLY B 171 -12.82 -28.35 20.40
C GLY B 171 -13.60 -28.59 21.69
N GLY B 172 -12.95 -28.45 22.84
CA GLY B 172 -13.62 -28.74 24.09
C GLY B 172 -14.31 -27.54 24.70
N CYS B 173 -13.93 -26.36 24.22
CA CYS B 173 -14.30 -25.13 24.88
C CYS B 173 -15.15 -24.23 24.03
N TYR B 174 -15.47 -23.07 24.59
CA TYR B 174 -16.38 -22.12 23.96
C TYR B 174 -15.71 -20.77 23.76
N ILE B 175 -16.03 -20.10 22.65
CA ILE B 175 -15.48 -18.79 22.37
C ILE B 175 -16.54 -17.70 22.52
N ASP B 176 -16.86 -17.31 23.76
CA ASP B 176 -17.94 -16.37 24.00
C ASP B 176 -17.88 -15.13 23.11
N LEU B 177 -19.07 -14.59 22.79
CA LEU B 177 -19.20 -13.41 21.95
C LEU B 177 -20.18 -12.37 22.50
N SER B 178 -20.40 -12.39 23.81
CA SER B 178 -21.23 -11.38 24.45
C SER B 178 -20.68 -9.99 24.16
N ASP B 179 -19.63 -9.61 24.88
CA ASP B 179 -18.99 -8.31 24.69
C ASP B 179 -18.15 -8.29 23.42
N ILE B 180 -18.81 -8.17 22.27
CA ILE B 180 -18.12 -8.16 20.99
C ILE B 180 -18.21 -6.79 20.31
N GLN B 181 -18.42 -5.75 21.11
CA GLN B 181 -18.67 -4.40 20.59
C GLN B 181 -19.88 -4.44 19.67
N GLU B 182 -20.76 -5.40 19.91
CA GLU B 182 -21.99 -5.60 19.15
C GLU B 182 -21.77 -5.52 17.63
N ASN B 183 -20.57 -5.93 17.20
CA ASN B 183 -20.21 -5.98 15.78
C ASN B 183 -19.33 -7.18 15.48
N ILE B 184 -19.76 -8.04 14.56
CA ILE B 184 -18.97 -9.24 14.29
C ILE B 184 -17.75 -8.86 13.49
N LEU B 185 -17.62 -7.59 13.13
CA LEU B 185 -16.47 -7.19 12.34
C LEU B 185 -15.24 -6.95 13.22
N SER B 186 -15.42 -6.30 14.35
CA SER B 186 -14.29 -5.99 15.23
C SER B 186 -13.45 -7.26 15.45
N VAL B 187 -14.13 -8.39 15.58
CA VAL B 187 -13.50 -9.62 15.97
C VAL B 187 -12.69 -10.27 14.83
N LEU B 188 -12.72 -9.64 13.66
CA LEU B 188 -12.11 -10.21 12.45
C LEU B 188 -11.02 -9.34 11.85
N ASP B 189 -10.32 -8.57 12.67
CA ASP B 189 -9.29 -7.73 12.12
C ASP B 189 -7.95 -8.18 12.64
N ASN B 190 -7.22 -8.94 11.83
CA ASN B 190 -5.90 -9.41 12.22
C ASN B 190 -4.92 -8.27 12.30
N TYR B 191 -5.06 -7.30 11.41
CA TYR B 191 -4.09 -6.22 11.30
C TYR B 191 -4.13 -5.15 12.40
N THR B 192 -5.31 -4.76 12.85
CA THR B 192 -5.42 -3.68 13.85
C THR B 192 -6.07 -4.07 15.18
N LYS B 193 -6.99 -5.02 15.18
CA LYS B 193 -7.50 -5.53 16.45
C LYS B 193 -6.93 -6.92 16.70
N SER B 194 -5.63 -7.07 16.55
CA SER B 194 -5.04 -8.39 16.66
C SER B 194 -5.38 -9.00 18.00
N ASN B 195 -5.62 -8.14 18.98
CA ASN B 195 -5.96 -8.59 20.33
C ASN B 195 -7.45 -8.93 20.50
N LYS B 196 -8.26 -8.61 19.50
CA LYS B 196 -9.67 -8.94 19.54
C LYS B 196 -10.03 -9.99 18.49
N SER B 197 -9.07 -10.29 17.61
CA SER B 197 -9.26 -11.20 16.48
C SER B 197 -9.61 -12.63 16.85
N ILE B 198 -10.83 -13.05 16.54
CA ILE B 198 -11.23 -14.44 16.75
C ILE B 198 -10.60 -15.31 15.69
N LEU B 199 -10.21 -14.69 14.57
CA LEU B 199 -9.49 -15.39 13.52
C LEU B 199 -8.13 -15.80 14.04
N LEU B 200 -7.59 -14.99 14.94
CA LEU B 200 -6.33 -15.32 15.61
C LEU B 200 -6.56 -16.45 16.59
N THR B 201 -7.62 -16.34 17.40
CA THR B 201 -7.93 -17.38 18.38
C THR B 201 -8.01 -18.74 17.71
N MET B 202 -8.80 -18.83 16.65
CA MET B 202 -8.99 -20.07 15.92
C MET B 202 -7.70 -20.60 15.26
N ASN B 203 -7.04 -19.72 14.52
CA ASN B 203 -5.93 -20.15 13.69
C ASN B 203 -4.67 -20.56 14.45
N THR B 204 -4.76 -20.55 15.78
CA THR B 204 -3.58 -20.90 16.57
C THR B 204 -3.77 -22.05 17.54
N SER B 205 -4.91 -22.73 17.45
CA SER B 205 -5.10 -24.01 18.13
C SER B 205 -4.19 -25.08 17.51
N ASP B 206 -3.60 -25.94 18.34
CA ASP B 206 -2.70 -26.96 17.82
C ASP B 206 -3.38 -27.65 16.64
N ASP B 207 -2.59 -28.22 15.73
CA ASP B 207 -3.12 -28.93 14.56
C ASP B 207 -4.17 -29.97 14.95
N LYS B 208 -3.96 -30.60 16.09
CA LYS B 208 -4.89 -31.59 16.64
C LYS B 208 -6.36 -31.15 16.56
N TYR B 209 -6.60 -29.86 16.41
CA TYR B 209 -7.98 -29.38 16.46
C TYR B 209 -8.47 -28.86 15.12
N ASN B 210 -7.74 -29.22 14.06
CA ASN B 210 -8.10 -28.81 12.70
C ASN B 210 -9.58 -28.94 12.41
N HIS B 211 -10.11 -30.15 12.56
CA HIS B 211 -11.52 -30.39 12.28
C HIS B 211 -12.39 -29.40 13.04
N ASP B 212 -12.00 -29.11 14.27
CA ASP B 212 -12.74 -28.15 15.08
C ASP B 212 -12.66 -26.78 14.43
N LYS B 213 -11.45 -26.41 14.01
CA LYS B 213 -11.19 -25.10 13.39
C LYS B 213 -12.12 -24.88 12.19
N VAL B 214 -12.35 -25.96 11.45
CA VAL B 214 -13.18 -25.90 10.26
C VAL B 214 -14.64 -25.85 10.68
N ARG B 215 -14.99 -26.72 11.61
CA ARG B 215 -16.33 -26.73 12.18
C ARG B 215 -16.70 -25.33 12.68
N ALA B 216 -15.83 -24.77 13.50
CA ALA B 216 -16.04 -23.43 14.02
C ALA B 216 -16.11 -22.39 12.89
N ALA B 217 -15.11 -22.42 12.00
CA ALA B 217 -15.03 -21.50 10.88
C ALA B 217 -16.35 -21.46 10.13
N GLU B 218 -16.80 -22.62 9.71
CA GLU B 218 -18.06 -22.76 9.02
C GLU B 218 -19.19 -22.16 9.83
N GLU B 219 -19.06 -22.18 11.15
CA GLU B 219 -20.09 -21.68 12.03
C GLU B 219 -19.99 -20.16 12.24
N LEU B 220 -18.81 -19.61 12.01
CA LEU B 220 -18.59 -18.17 12.14
C LEU B 220 -19.28 -17.43 11.00
N ILE B 221 -19.32 -18.08 9.84
CA ILE B 221 -19.85 -17.47 8.63
C ILE B 221 -21.31 -17.11 8.78
N LYS B 222 -22.11 -18.05 9.29
CA LYS B 222 -23.53 -17.82 9.49
C LYS B 222 -23.79 -16.63 10.43
N LYS B 223 -22.72 -16.05 10.95
CA LYS B 223 -22.80 -14.91 11.87
C LYS B 223 -22.52 -13.61 11.14
N ILE B 224 -21.84 -13.72 10.00
CA ILE B 224 -21.38 -12.57 9.22
C ILE B 224 -22.44 -11.97 8.32
N SER B 225 -22.65 -10.66 8.44
CA SER B 225 -23.53 -9.94 7.54
C SER B 225 -22.79 -9.51 6.28
N LEU B 226 -23.34 -9.83 5.11
CA LEU B 226 -22.75 -9.41 3.85
C LEU B 226 -23.19 -7.99 3.50
N ASP B 227 -24.33 -7.58 4.06
CA ASP B 227 -24.82 -6.21 3.93
C ASP B 227 -24.04 -5.29 4.85
N GLU B 228 -23.29 -5.88 5.77
CA GLU B 228 -22.38 -5.13 6.65
C GLU B 228 -20.94 -5.25 6.15
N LEU B 229 -20.76 -6.01 5.07
CA LEU B 229 -19.47 -6.12 4.40
C LEU B 229 -19.44 -5.18 3.19
N ALA B 230 -20.51 -4.42 3.00
CA ALA B 230 -20.54 -3.42 1.93
C ALA B 230 -19.37 -2.45 2.12
N ALA B 231 -19.45 -1.61 3.15
CA ALA B 231 -18.36 -0.71 3.48
C ALA B 231 -17.05 -1.43 3.26
N PHE B 232 -16.05 -0.74 2.73
CA PHE B 232 -14.88 -1.46 2.27
C PHE B 232 -14.16 -2.23 3.38
N ARG B 233 -14.02 -1.61 4.55
CA ARG B 233 -13.35 -2.27 5.68
C ARG B 233 -12.35 -3.30 5.13
N PRO B 234 -11.25 -2.81 4.56
CA PRO B 234 -10.21 -3.56 3.82
C PRO B 234 -9.43 -4.54 4.68
N TYR B 235 -9.17 -4.15 5.93
CA TYR B 235 -8.39 -4.99 6.83
C TYR B 235 -9.17 -6.21 7.34
N VAL B 236 -10.49 -6.12 7.24
CA VAL B 236 -11.37 -7.26 7.56
C VAL B 236 -11.43 -8.19 6.35
N LYS B 237 -11.78 -7.65 5.19
CA LYS B 237 -11.82 -8.44 3.98
C LYS B 237 -10.44 -9.10 3.77
N MET B 238 -9.39 -8.30 3.82
CA MET B 238 -8.03 -8.84 3.74
C MET B 238 -7.88 -9.95 4.77
N SER B 239 -8.17 -9.61 6.02
CA SER B 239 -8.05 -10.55 7.14
C SER B 239 -8.71 -11.91 6.85
N LEU B 240 -9.88 -11.85 6.21
CA LEU B 240 -10.64 -13.03 5.85
C LEU B 240 -9.85 -13.95 4.96
N ALA B 241 -9.28 -13.39 3.89
CA ALA B 241 -8.41 -14.13 2.94
C ALA B 241 -7.24 -14.90 3.56
N ASP B 242 -6.48 -14.23 4.44
CA ASP B 242 -5.29 -14.83 5.04
C ASP B 242 -5.60 -16.01 5.97
N SER B 243 -6.70 -15.92 6.69
CA SER B 243 -7.05 -16.92 7.71
C SER B 243 -7.71 -18.17 7.12
N PHE B 244 -8.66 -17.95 6.20
CA PHE B 244 -9.49 -19.02 5.70
C PHE B 244 -9.09 -19.53 4.33
N SER B 245 -7.95 -19.10 3.82
CA SER B 245 -7.42 -19.66 2.59
C SER B 245 -6.16 -20.46 2.88
N ILE B 246 -6.16 -21.14 4.03
CA ILE B 246 -5.07 -22.01 4.42
C ILE B 246 -5.59 -23.35 4.98
N HIS B 247 -4.81 -24.42 4.81
CA HIS B 247 -5.18 -25.71 5.37
C HIS B 247 -5.52 -25.52 6.84
N PRO B 248 -6.52 -26.23 7.32
CA PRO B 248 -7.30 -27.20 6.57
C PRO B 248 -8.46 -26.53 5.84
N TYR B 249 -8.57 -25.22 5.94
CA TYR B 249 -9.72 -24.52 5.38
C TYR B 249 -9.91 -24.71 3.86
N LEU B 250 -8.82 -24.87 3.10
CA LEU B 250 -8.91 -24.99 1.65
C LEU B 250 -9.88 -26.07 1.20
N ASN B 251 -9.82 -27.23 1.85
CA ASN B 251 -10.58 -28.39 1.40
C ASN B 251 -12.10 -28.27 1.57
N ASN B 252 -12.54 -27.70 2.68
CA ASN B 252 -13.96 -27.53 2.94
C ASN B 252 -14.67 -26.63 1.94
N ALA B 253 -15.60 -27.23 1.19
CA ALA B 253 -16.36 -26.50 0.19
C ALA B 253 -17.21 -25.41 0.81
N ASN B 254 -18.13 -25.80 1.69
CA ASN B 254 -19.08 -24.86 2.27
C ASN B 254 -18.46 -23.52 2.69
N ILE B 255 -17.15 -23.54 2.96
CA ILE B 255 -16.41 -22.32 3.25
C ILE B 255 -15.93 -21.64 1.98
N GLN B 256 -15.03 -22.28 1.25
CA GLN B 256 -14.47 -21.72 0.03
C GLN B 256 -15.50 -21.01 -0.84
N GLN B 257 -16.60 -21.71 -1.16
CA GLN B 257 -17.63 -21.12 -2.01
C GLN B 257 -18.12 -19.79 -1.46
N TRP B 258 -18.00 -19.62 -0.16
CA TRP B 258 -18.43 -18.40 0.51
C TRP B 258 -17.41 -17.29 0.31
N LEU B 259 -16.15 -17.68 0.11
CA LEU B 259 -15.08 -16.70 -0.08
C LEU B 259 -15.00 -16.13 -1.50
N GLU B 260 -15.01 -17.00 -2.50
CA GLU B 260 -14.92 -16.53 -3.88
C GLU B 260 -15.64 -15.19 -4.04
N PRO B 261 -16.97 -15.16 -3.85
CA PRO B 261 -17.71 -13.91 -4.02
C PRO B 261 -17.11 -12.76 -3.21
N ILE B 262 -16.84 -13.02 -1.94
CA ILE B 262 -16.31 -12.00 -1.05
C ILE B 262 -14.87 -11.62 -1.40
N CYS B 263 -14.15 -12.53 -2.04
CA CYS B 263 -12.76 -12.28 -2.37
C CYS B 263 -12.57 -11.60 -3.72
N ASP B 264 -13.38 -12.00 -4.70
CA ASP B 264 -13.29 -11.44 -6.04
C ASP B 264 -13.42 -9.92 -6.04
N ASP B 265 -14.55 -9.42 -5.54
CA ASP B 265 -14.78 -7.98 -5.47
C ASP B 265 -13.62 -7.29 -4.77
N PHE B 266 -13.16 -7.88 -3.67
CA PHE B 266 -12.08 -7.29 -2.88
C PHE B 266 -10.78 -7.20 -3.68
N PHE B 267 -10.24 -8.35 -4.05
CA PHE B 267 -8.98 -8.39 -4.78
C PHE B 267 -9.05 -7.64 -6.09
N ASP B 268 -10.22 -7.63 -6.73
CA ASP B 268 -10.43 -6.75 -7.85
C ASP B 268 -10.18 -5.32 -7.40
N THR B 269 -10.98 -4.83 -6.46
CA THR B 269 -10.80 -3.48 -5.96
C THR B 269 -9.34 -3.21 -5.61
N ILE B 270 -8.68 -4.21 -5.01
CA ILE B 270 -7.26 -4.10 -4.67
C ILE B 270 -6.42 -3.92 -5.92
N MET B 271 -6.33 -4.95 -6.75
CA MET B 271 -5.51 -4.88 -7.96
C MET B 271 -5.66 -3.54 -8.68
N SER B 272 -6.85 -2.95 -8.58
CA SER B 272 -7.14 -1.67 -9.21
C SER B 272 -6.49 -0.51 -8.48
N TRP B 273 -6.69 -0.49 -7.16
CA TRP B 273 -6.27 0.63 -6.33
C TRP B 273 -4.74 0.69 -6.19
N PHE B 274 -4.08 -0.45 -6.32
CA PHE B 274 -2.62 -0.50 -6.21
C PHE B 274 -1.94 -0.72 -7.55
N ASN B 275 -2.62 -0.39 -8.63
CA ASN B 275 -2.03 -0.53 -9.95
C ASN B 275 -1.05 0.62 -10.25
N ASN B 276 0.06 0.29 -10.88
CA ASN B 276 1.11 1.26 -11.17
C ASN B 276 1.70 1.84 -9.89
N SER B 277 1.59 1.07 -8.82
CA SER B 277 2.15 1.43 -7.52
C SER B 277 2.73 0.19 -6.88
N ILE B 278 3.50 0.36 -5.82
CA ILE B 278 4.18 -0.78 -5.19
C ILE B 278 3.18 -1.75 -4.53
N MET B 279 3.40 -3.05 -4.71
CA MET B 279 2.45 -4.05 -4.23
C MET B 279 2.68 -4.44 -2.77
N MET B 280 1.64 -4.30 -1.97
CA MET B 280 1.70 -4.57 -0.54
C MET B 280 1.98 -6.05 -0.27
N TYR B 281 2.87 -6.33 0.67
CA TYR B 281 3.18 -7.70 1.06
C TYR B 281 1.96 -8.32 1.71
N MET B 282 1.69 -9.58 1.35
CA MET B 282 0.53 -10.29 1.88
C MET B 282 0.83 -11.74 2.25
N GLU B 283 0.06 -12.25 3.21
CA GLU B 283 0.24 -13.62 3.69
C GLU B 283 -0.02 -14.62 2.58
N ASN B 284 0.09 -15.90 2.89
CA ASN B 284 -0.17 -16.94 1.89
C ASN B 284 -1.63 -17.00 1.48
N GLY B 285 -2.52 -16.92 2.46
CA GLY B 285 -3.95 -16.85 2.19
C GLY B 285 -4.26 -15.74 1.21
N SER B 286 -3.89 -14.52 1.56
CA SER B 286 -4.13 -13.39 0.67
C SER B 286 -3.47 -13.58 -0.70
N LEU B 287 -2.15 -13.78 -0.73
CA LEU B 287 -1.41 -13.94 -1.98
C LEU B 287 -2.04 -14.95 -2.92
N LEU B 288 -2.20 -16.18 -2.44
CA LEU B 288 -2.87 -17.24 -3.22
C LEU B 288 -4.17 -16.72 -3.79
N GLN B 289 -5.02 -16.17 -2.92
CA GLN B 289 -6.34 -15.65 -3.29
C GLN B 289 -6.28 -14.68 -4.42
N ALA B 290 -5.18 -13.92 -4.51
CA ALA B 290 -4.97 -12.99 -5.61
C ALA B 290 -4.67 -13.73 -6.91
N GLY B 291 -3.82 -14.74 -6.86
CA GLY B 291 -3.54 -15.55 -8.04
C GLY B 291 -4.78 -16.18 -8.66
N MET B 292 -5.74 -16.54 -7.82
CA MET B 292 -6.98 -17.13 -8.30
C MET B 292 -7.87 -16.12 -9.03
N TYR B 293 -7.83 -14.88 -8.59
CA TYR B 293 -8.53 -13.80 -9.28
C TYR B 293 -7.92 -13.54 -10.66
N PHE B 294 -6.62 -13.77 -10.80
CA PHE B 294 -5.94 -13.63 -12.07
C PHE B 294 -6.14 -14.88 -12.94
N GLU B 295 -6.35 -16.03 -12.30
CA GLU B 295 -6.68 -17.25 -13.03
C GLU B 295 -8.09 -17.14 -13.59
N ARG B 296 -9.01 -16.65 -12.76
CA ARG B 296 -10.42 -16.51 -13.12
C ARG B 296 -10.66 -15.38 -14.11
N HIS B 297 -9.92 -14.28 -13.96
CA HIS B 297 -10.11 -13.12 -14.83
C HIS B 297 -8.89 -12.83 -15.69
N PRO B 298 -8.71 -13.60 -16.78
CA PRO B 298 -7.52 -13.47 -17.64
C PRO B 298 -7.31 -12.05 -18.16
N GLY B 299 -8.29 -11.18 -17.91
CA GLY B 299 -8.25 -9.81 -18.41
C GLY B 299 -7.41 -8.89 -17.55
N ALA B 300 -7.54 -8.99 -16.24
CA ALA B 300 -6.80 -8.10 -15.37
C ALA B 300 -5.30 -8.21 -15.66
N MET B 301 -4.88 -9.35 -16.18
CA MET B 301 -3.48 -9.56 -16.52
C MET B 301 -2.99 -8.33 -17.27
N VAL B 302 -3.90 -7.72 -18.03
CA VAL B 302 -3.55 -6.59 -18.86
C VAL B 302 -4.00 -5.25 -18.27
N SER B 303 -5.22 -5.22 -17.73
CA SER B 303 -5.78 -3.98 -17.20
C SER B 303 -5.02 -3.44 -16.00
N TYR B 304 -4.34 -4.32 -15.28
CA TYR B 304 -3.57 -3.93 -14.12
C TYR B 304 -2.16 -4.50 -14.20
N ASN B 305 -1.58 -4.44 -15.39
CA ASN B 305 -0.35 -5.15 -15.69
C ASN B 305 0.74 -5.11 -14.61
N SER B 306 1.15 -3.90 -14.19
CA SER B 306 2.18 -3.77 -13.15
C SER B 306 1.73 -4.49 -11.89
N SER B 307 0.57 -4.08 -11.38
CA SER B 307 -0.10 -4.74 -10.27
C SER B 307 -0.08 -6.27 -10.41
N PHE B 308 -0.08 -6.75 -11.65
CA PHE B 308 -0.06 -8.19 -11.91
C PHE B 308 1.34 -8.81 -11.83
N ILE B 309 2.33 -8.16 -12.41
CA ILE B 309 3.67 -8.72 -12.40
C ILE B 309 4.15 -8.94 -10.97
N GLN B 310 3.98 -7.94 -10.12
CA GLN B 310 4.51 -8.01 -8.75
C GLN B 310 3.93 -9.19 -8.00
N ILE B 311 2.61 -9.34 -8.09
CA ILE B 311 1.93 -10.48 -7.51
C ILE B 311 2.64 -11.76 -7.88
N VAL B 312 2.75 -12.00 -9.18
CA VAL B 312 3.46 -13.17 -9.73
C VAL B 312 4.95 -13.28 -9.34
N MET B 313 5.57 -12.16 -9.00
CA MET B 313 6.95 -12.18 -8.52
C MET B 313 7.03 -12.67 -7.09
N ASN B 314 5.97 -12.42 -6.32
CA ASN B 314 5.88 -12.86 -4.93
C ASN B 314 5.37 -14.29 -4.87
N GLY B 315 4.46 -14.60 -5.77
CA GLY B 315 3.93 -15.95 -5.88
C GLY B 315 5.04 -16.90 -6.23
N SER B 316 5.59 -16.75 -7.43
CA SER B 316 6.73 -17.54 -7.88
C SER B 316 7.72 -17.88 -6.76
N ARG B 317 8.01 -16.91 -5.91
CA ARG B 317 8.99 -17.08 -4.84
C ARG B 317 8.40 -17.79 -3.62
N ARG B 318 7.09 -17.69 -3.46
CA ARG B 318 6.42 -18.18 -2.25
C ARG B 318 6.34 -19.70 -2.14
N ASP B 319 7.09 -20.25 -1.20
CA ASP B 319 7.09 -21.69 -0.98
C ASP B 319 5.69 -22.20 -0.70
N GLY B 320 5.33 -23.31 -1.34
CA GLY B 320 4.03 -23.92 -1.14
C GLY B 320 3.07 -23.61 -2.27
N MET B 321 3.47 -22.74 -3.18
CA MET B 321 2.59 -22.31 -4.26
C MET B 321 3.38 -21.83 -5.47
N GLN B 322 4.66 -22.19 -5.48
CA GLN B 322 5.56 -21.73 -6.53
C GLN B 322 5.13 -22.19 -7.91
N GLU B 323 4.65 -23.42 -8.01
CA GLU B 323 4.24 -23.96 -9.30
C GLU B 323 2.93 -23.34 -9.76
N ARG B 324 1.95 -23.28 -8.87
CA ARG B 324 0.64 -22.73 -9.24
C ARG B 324 0.78 -21.34 -9.83
N PHE B 325 1.70 -20.55 -9.29
CA PHE B 325 1.95 -19.23 -9.85
C PHE B 325 2.75 -19.29 -11.16
N ARG B 326 3.81 -20.10 -11.17
CA ARG B 326 4.59 -20.31 -12.38
C ARG B 326 3.67 -20.72 -13.53
N GLU B 327 2.66 -21.51 -13.21
CA GLU B 327 1.68 -21.88 -14.21
C GLU B 327 0.99 -20.63 -14.69
N LEU B 328 0.27 -19.96 -13.79
CA LEU B 328 -0.51 -18.77 -14.17
C LEU B 328 0.28 -17.83 -15.08
N TYR B 329 1.57 -17.69 -14.82
CA TYR B 329 2.38 -16.80 -15.63
C TYR B 329 2.45 -17.27 -17.09
N GLU B 330 2.75 -18.55 -17.28
CA GLU B 330 2.96 -19.08 -18.63
C GLU B 330 1.66 -19.18 -19.42
N VAL B 331 0.56 -18.73 -18.82
CA VAL B 331 -0.72 -18.60 -19.51
C VAL B 331 -0.94 -17.14 -19.88
N TYR B 332 -0.16 -16.27 -19.25
CA TYR B 332 -0.19 -14.85 -19.51
C TYR B 332 0.65 -14.55 -20.73
N LEU B 333 1.87 -15.10 -20.76
CA LEU B 333 2.81 -14.81 -21.84
C LEU B 333 2.45 -15.48 -23.16
N LYS B 334 1.21 -15.96 -23.23
CA LYS B 334 0.66 -16.44 -24.49
C LYS B 334 -0.05 -15.28 -25.19
N ASN B 335 -0.14 -14.15 -24.50
CA ASN B 335 -0.88 -13.01 -25.01
C ASN B 335 -0.26 -12.53 -26.31
N GLU B 336 -1.08 -12.22 -27.30
CA GLU B 336 -0.57 -11.75 -28.58
C GLU B 336 0.24 -10.46 -28.40
N LYS B 337 0.08 -9.85 -27.23
CA LYS B 337 0.83 -8.64 -26.88
C LYS B 337 2.15 -9.00 -26.19
N VAL B 338 2.29 -10.26 -25.78
CA VAL B 338 3.49 -10.71 -25.07
C VAL B 338 4.32 -11.71 -25.87
N TYR B 339 3.67 -12.72 -26.43
CA TYR B 339 4.35 -13.78 -27.16
C TYR B 339 5.51 -13.27 -28.00
N PRO B 340 5.26 -12.22 -28.81
CA PRO B 340 6.36 -11.71 -29.65
C PRO B 340 7.64 -11.62 -28.83
N VAL B 341 7.54 -11.10 -27.62
CA VAL B 341 8.69 -10.97 -26.74
C VAL B 341 9.26 -12.32 -26.36
N THR B 342 8.40 -13.21 -25.88
CA THR B 342 8.83 -14.52 -25.39
C THR B 342 9.83 -15.24 -26.32
N GLN B 343 9.61 -15.14 -27.63
CA GLN B 343 10.52 -15.74 -28.59
C GLN B 343 11.65 -14.77 -28.95
N GLN B 344 12.34 -14.24 -27.93
CA GLN B 344 13.42 -13.29 -28.15
C GLN B 344 14.81 -13.88 -27.91
N SER B 345 15.77 -13.48 -28.75
CA SER B 345 17.13 -13.99 -28.72
C SER B 345 17.66 -14.31 -27.32
N ASP B 346 17.46 -13.39 -26.38
CA ASP B 346 17.93 -13.60 -25.01
C ASP B 346 16.89 -13.26 -23.94
N PHE B 347 15.85 -14.09 -23.86
CA PHE B 347 14.83 -14.01 -22.81
C PHE B 347 14.71 -15.34 -22.09
N GLY B 348 14.37 -15.29 -20.81
CA GLY B 348 14.22 -16.51 -20.02
C GLY B 348 15.47 -17.36 -20.03
N LEU B 349 15.29 -18.67 -20.15
CA LEU B 349 16.40 -19.61 -20.10
C LEU B 349 17.40 -19.36 -21.24
N CYS B 350 16.97 -18.61 -22.26
CA CYS B 350 17.78 -18.36 -23.46
C CYS B 350 17.78 -19.60 -24.35
N ASP B 351 17.20 -20.67 -23.85
CA ASP B 351 17.07 -21.92 -24.59
C ASP B 351 16.35 -21.63 -25.90
N GLY B 352 15.43 -20.68 -25.87
CA GLY B 352 14.60 -20.38 -27.03
C GLY B 352 13.22 -20.98 -26.82
N SER B 353 13.09 -21.76 -25.76
CA SER B 353 11.82 -22.35 -25.38
C SER B 353 10.72 -21.28 -25.29
N GLY B 354 11.11 -20.07 -24.93
CA GLY B 354 10.15 -19.02 -24.67
C GLY B 354 9.54 -19.28 -23.30
N LYS B 355 10.24 -20.07 -22.51
CA LYS B 355 9.82 -20.38 -21.15
C LYS B 355 10.76 -19.68 -20.16
N PRO B 356 10.19 -19.12 -19.10
CA PRO B 356 10.99 -18.44 -18.07
C PRO B 356 11.91 -19.38 -17.29
N ASP B 357 13.18 -19.00 -17.14
CA ASP B 357 14.13 -19.76 -16.32
C ASP B 357 13.76 -19.62 -14.83
N TRP B 358 13.46 -20.72 -14.16
CA TRP B 358 12.93 -20.64 -12.81
C TRP B 358 13.86 -21.10 -11.66
N ASP B 359 15.08 -21.51 -11.96
CA ASP B 359 15.98 -21.98 -10.90
C ASP B 359 16.97 -20.92 -10.46
N ASP B 360 16.46 -19.70 -10.24
CA ASP B 360 17.28 -18.57 -9.84
C ASP B 360 18.08 -18.85 -8.57
N ASP B 361 19.06 -17.98 -8.31
CA ASP B 361 19.66 -17.91 -6.98
C ASP B 361 20.03 -16.47 -6.64
N SER B 362 19.73 -15.56 -7.55
CA SER B 362 20.00 -14.14 -7.36
C SER B 362 18.97 -13.28 -8.09
N ASP B 363 17.86 -13.89 -8.48
CA ASP B 363 16.77 -13.19 -9.18
C ASP B 363 17.23 -12.19 -10.24
N LEU B 364 18.20 -12.59 -11.06
CA LEU B 364 18.76 -11.71 -12.07
C LEU B 364 18.48 -12.20 -13.49
N ALA B 365 17.55 -13.15 -13.61
CA ALA B 365 17.14 -13.66 -14.92
C ALA B 365 16.07 -12.76 -15.54
N TYR B 366 15.94 -12.76 -16.86
CA TYR B 366 14.99 -11.86 -17.50
C TYR B 366 13.66 -12.55 -17.83
N ASN B 367 12.79 -12.65 -16.83
CA ASN B 367 11.51 -13.31 -17.06
C ASN B 367 10.39 -12.30 -17.21
N TRP B 368 10.33 -11.35 -16.28
CA TRP B 368 9.20 -10.44 -16.20
C TRP B 368 9.02 -9.53 -17.42
N VAL B 369 7.79 -9.49 -17.94
CA VAL B 369 7.47 -8.70 -19.12
C VAL B 369 6.30 -7.76 -18.84
N LEU B 370 6.57 -6.45 -18.79
CA LEU B 370 5.54 -5.47 -18.54
C LEU B 370 4.99 -4.88 -19.85
N LEU B 371 3.71 -4.47 -19.83
CA LEU B 371 3.07 -3.84 -20.99
C LEU B 371 2.72 -2.41 -20.65
N SER B 372 2.72 -1.56 -21.68
CA SER B 372 2.44 -0.13 -21.50
C SER B 372 1.04 0.10 -20.96
N SER B 373 0.91 1.06 -20.05
CA SER B 373 -0.37 1.42 -19.47
C SER B 373 -1.20 2.23 -20.47
N GLN B 374 -0.66 2.41 -21.68
CA GLN B 374 -1.36 3.11 -22.75
C GLN B 374 -1.29 2.31 -24.05
N ASP B 375 -2.21 2.57 -24.97
CA ASP B 375 -2.18 1.89 -26.27
C ASP B 375 -1.12 2.50 -27.18
N ASP B 376 0.09 1.98 -27.07
CA ASP B 376 1.18 2.39 -27.97
C ASP B 376 2.16 1.24 -28.27
N GLY B 377 1.68 0.01 -28.16
CA GLY B 377 2.47 -1.17 -28.46
C GLY B 377 3.87 -1.11 -27.88
N MET B 378 3.96 -0.97 -26.57
CA MET B 378 5.25 -0.90 -25.88
C MET B 378 5.29 -1.86 -24.71
N ALA B 379 6.44 -2.49 -24.51
CA ALA B 379 6.60 -3.48 -23.45
C ALA B 379 8.07 -3.67 -23.14
N MET B 380 8.43 -3.63 -21.87
CA MET B 380 9.81 -3.84 -21.48
C MET B 380 10.02 -5.22 -20.86
N MET B 381 11.29 -5.64 -20.81
CA MET B 381 11.68 -6.89 -20.19
C MET B 381 12.77 -6.63 -19.13
N CYS B 382 12.68 -7.24 -17.96
CA CYS B 382 13.60 -6.92 -16.87
C CYS B 382 13.89 -8.05 -15.91
N SER B 383 14.72 -7.78 -14.90
CA SER B 383 15.08 -8.77 -13.90
C SER B 383 14.66 -8.33 -12.50
N LEU B 384 14.10 -9.25 -11.72
CA LEU B 384 13.66 -8.92 -10.37
C LEU B 384 14.63 -7.96 -9.70
N SER B 385 15.92 -8.26 -9.80
CA SER B 385 16.91 -7.40 -9.15
C SER B 385 16.85 -6.02 -9.79
N HIS B 386 16.78 -5.98 -11.12
CA HIS B 386 16.76 -4.71 -11.82
C HIS B 386 15.46 -3.98 -11.59
N MET B 387 14.35 -4.68 -11.80
CA MET B 387 13.04 -4.13 -11.50
C MET B 387 13.10 -3.42 -10.14
N VAL B 388 13.64 -4.11 -9.15
CA VAL B 388 13.80 -3.51 -7.83
C VAL B 388 14.62 -2.22 -7.89
N ASP B 389 15.91 -2.33 -8.21
CA ASP B 389 16.80 -1.17 -8.31
C ASP B 389 16.06 0.11 -8.72
N MET B 390 15.51 0.07 -9.93
CA MET B 390 14.84 1.20 -10.56
C MET B 390 13.57 1.57 -9.83
N LEU B 391 13.35 0.96 -8.66
CA LEU B 391 12.18 1.24 -7.83
C LEU B 391 12.45 2.23 -6.72
N SER B 392 13.71 2.57 -6.49
CA SER B 392 14.04 3.55 -5.46
C SER B 392 14.89 4.69 -5.98
N PRO B 393 14.49 5.93 -5.64
CA PRO B 393 15.34 7.08 -6.01
C PRO B 393 16.81 7.02 -5.63
N ASN B 394 17.10 6.80 -4.36
CA ASN B 394 18.46 6.72 -3.85
C ASN B 394 19.43 5.78 -4.58
N THR B 395 18.93 4.67 -5.13
CA THR B 395 19.81 3.73 -5.81
C THR B 395 20.67 4.44 -6.87
N SER B 396 21.87 3.90 -7.11
CA SER B 396 22.80 4.51 -8.06
C SER B 396 22.57 3.99 -9.48
N THR B 397 21.33 4.04 -9.96
CA THR B 397 20.98 3.51 -11.28
C THR B 397 20.70 4.62 -12.31
N ASN B 398 20.10 4.26 -13.43
CA ASN B 398 19.85 5.20 -14.51
C ASN B 398 18.57 4.84 -15.27
N TRP B 399 17.82 3.90 -14.71
CA TRP B 399 16.52 3.54 -15.25
C TRP B 399 16.53 3.12 -16.71
N MET B 400 17.66 2.56 -17.15
CA MET B 400 17.77 2.00 -18.50
C MET B 400 18.06 0.50 -18.44
N SER B 401 17.94 -0.06 -17.24
CA SER B 401 18.28 -1.45 -16.93
C SER B 401 17.23 -2.44 -17.39
N PHE B 402 16.92 -2.45 -18.68
CA PHE B 402 15.91 -3.35 -19.22
C PHE B 402 15.96 -3.42 -20.75
N PHE B 403 14.99 -4.11 -21.33
CA PHE B 403 14.88 -4.22 -22.78
C PHE B 403 13.55 -3.65 -23.23
N LEU B 404 13.59 -2.50 -23.88
CA LEU B 404 12.37 -1.85 -24.38
C LEU B 404 11.96 -2.39 -25.75
N TYR B 405 10.66 -2.56 -25.94
CA TYR B 405 10.13 -3.12 -27.19
C TYR B 405 8.93 -2.35 -27.72
N LYS B 406 9.04 -1.80 -28.92
CA LYS B 406 7.89 -1.22 -29.60
C LYS B 406 7.36 -2.23 -30.62
N ASP B 407 6.16 -2.74 -30.39
CA ASP B 407 5.56 -3.75 -31.26
C ASP B 407 6.48 -4.95 -31.46
N GLY B 408 7.02 -5.47 -30.36
CA GLY B 408 7.84 -6.67 -30.40
C GLY B 408 9.17 -6.52 -31.14
N GLU B 409 9.56 -5.28 -31.42
CA GLU B 409 10.83 -5.02 -32.06
C GLU B 409 11.80 -4.33 -31.11
N VAL B 410 12.95 -4.94 -30.90
CA VAL B 410 13.94 -4.40 -29.96
C VAL B 410 14.22 -2.94 -30.25
N GLN B 411 14.79 -2.23 -29.29
CA GLN B 411 14.96 -0.79 -29.45
C GLN B 411 16.24 -0.29 -28.81
N ASN B 412 16.76 0.81 -29.34
CA ASN B 412 17.85 1.54 -28.69
C ASN B 412 17.26 2.48 -27.66
N THR B 413 17.08 1.97 -26.44
CA THR B 413 16.44 2.72 -25.36
C THR B 413 16.87 4.18 -25.31
N PHE B 414 18.13 4.45 -25.61
CA PHE B 414 18.68 5.78 -25.40
C PHE B 414 17.96 6.89 -26.17
N GLY B 415 17.40 6.57 -27.33
CA GLY B 415 16.68 7.54 -28.12
C GLY B 415 15.29 7.82 -27.57
N TYR B 416 15.11 7.55 -26.28
CA TYR B 416 13.80 7.68 -25.63
C TYR B 416 13.82 8.68 -24.48
N SER B 417 12.75 9.46 -24.37
CA SER B 417 12.56 10.35 -23.24
C SER B 417 12.18 9.52 -22.04
N LEU B 418 13.05 9.48 -21.03
CA LEU B 418 12.79 8.69 -19.84
C LEU B 418 11.52 9.13 -19.13
N SER B 419 11.36 10.43 -18.94
CA SER B 419 10.10 10.93 -18.38
C SER B 419 8.91 10.44 -19.19
N ASN B 420 8.76 10.96 -20.40
CA ASN B 420 7.63 10.57 -21.24
C ASN B 420 7.44 9.05 -21.33
N LEU B 421 8.48 8.31 -21.00
CA LEU B 421 8.42 6.85 -21.10
C LEU B 421 7.82 6.27 -19.84
N PHE B 422 8.37 6.66 -18.69
CA PHE B 422 7.88 6.19 -17.41
C PHE B 422 6.54 6.84 -17.04
N SER B 423 6.23 7.99 -17.65
CA SER B 423 5.04 8.71 -17.24
C SER B 423 3.79 8.23 -17.96
N GLU B 424 3.94 7.66 -19.14
CA GLU B 424 2.77 7.30 -19.94
C GLU B 424 2.68 5.83 -20.34
N SER B 425 3.81 5.12 -20.29
CA SER B 425 3.84 3.71 -20.67
C SER B 425 3.98 2.78 -19.47
N PHE B 426 4.88 3.11 -18.55
CA PHE B 426 5.14 2.26 -17.39
C PHE B 426 5.27 3.12 -16.15
N PRO B 427 4.13 3.65 -15.67
CA PRO B 427 4.03 4.65 -14.60
C PRO B 427 4.64 4.22 -13.24
N ILE B 428 5.00 2.96 -13.12
CA ILE B 428 5.62 2.48 -11.88
C ILE B 428 6.96 3.17 -11.65
N PHE B 429 7.93 2.91 -12.54
CA PHE B 429 9.27 3.48 -12.45
C PHE B 429 9.29 5.01 -12.48
N SER B 430 8.11 5.61 -12.58
CA SER B 430 7.99 7.06 -12.74
C SER B 430 8.19 7.85 -11.46
N ILE B 431 7.68 7.34 -10.34
CA ILE B 431 7.86 8.03 -9.07
C ILE B 431 9.31 8.00 -8.62
N PRO B 432 9.95 6.82 -8.69
CA PRO B 432 11.38 6.72 -8.38
C PRO B 432 12.26 7.54 -9.31
N TYR B 433 11.86 7.66 -10.58
CA TYR B 433 12.66 8.43 -11.54
C TYR B 433 12.50 9.95 -11.38
N HIS B 434 11.26 10.42 -11.30
CA HIS B 434 11.00 11.87 -11.21
C HIS B 434 11.29 12.43 -9.81
N LYS B 435 11.84 11.59 -8.95
CA LYS B 435 12.36 12.08 -7.67
C LYS B 435 13.89 12.11 -7.74
N ALA B 436 14.45 11.14 -8.44
CA ALA B 436 15.89 11.11 -8.67
C ALA B 436 16.27 12.29 -9.55
N PHE B 437 15.27 12.84 -10.23
CA PHE B 437 15.44 14.01 -11.07
C PHE B 437 15.44 15.25 -10.20
N SER B 438 14.36 15.43 -9.45
CA SER B 438 14.25 16.54 -8.51
C SER B 438 15.56 16.72 -7.76
N GLN B 439 16.09 15.61 -7.25
CA GLN B 439 17.33 15.66 -6.49
C GLN B 439 18.51 16.18 -7.32
N ASN B 440 18.62 15.70 -8.56
CA ASN B 440 19.71 16.08 -9.44
C ASN B 440 19.74 17.59 -9.70
N PHE B 441 20.88 18.22 -9.45
CA PHE B 441 20.99 19.69 -9.53
C PHE B 441 21.47 20.22 -10.89
N VAL B 442 21.73 19.31 -11.82
CA VAL B 442 22.21 19.71 -13.15
C VAL B 442 21.28 20.72 -13.80
N SER B 443 19.98 20.43 -13.75
CA SER B 443 18.96 21.27 -14.38
C SER B 443 18.84 22.63 -13.68
N GLY B 444 19.18 22.67 -12.40
CA GLY B 444 19.17 23.91 -11.65
C GLY B 444 20.37 24.78 -11.97
N ILE B 445 21.52 24.14 -12.17
CA ILE B 445 22.73 24.84 -12.58
C ILE B 445 22.56 25.39 -14.00
N LEU B 446 22.14 24.53 -14.92
CA LEU B 446 21.88 24.93 -16.31
C LEU B 446 20.84 26.04 -16.38
N ASP B 447 20.20 26.36 -15.26
CA ASP B 447 19.21 27.43 -15.22
C ASP B 447 19.90 28.77 -14.95
N ILE B 448 21.02 28.73 -14.24
CA ILE B 448 21.81 29.93 -13.97
C ILE B 448 22.65 30.32 -15.18
N LEU B 449 23.47 29.38 -15.65
CA LEU B 449 24.33 29.62 -16.82
C LEU B 449 23.58 30.33 -17.96
N ILE B 450 22.79 29.57 -18.71
CA ILE B 450 22.02 30.15 -19.80
C ILE B 450 20.84 30.98 -19.27
N SER B 451 20.33 31.89 -20.09
CA SER B 451 19.19 32.73 -19.72
C SER B 451 18.28 33.03 -20.92
N ASP B 452 18.73 32.64 -22.11
CA ASP B 452 17.97 32.83 -23.34
C ASP B 452 17.09 31.61 -23.62
N ASN B 453 15.93 31.56 -22.98
CA ASN B 453 15.05 30.38 -22.97
C ASN B 453 14.90 29.61 -24.28
N GLU B 454 14.71 30.32 -25.39
CA GLU B 454 14.61 29.65 -26.69
C GLU B 454 15.65 28.55 -26.77
N LEU B 455 16.73 28.71 -26.01
CA LEU B 455 17.79 27.72 -25.95
C LEU B 455 17.74 26.91 -24.65
N LYS B 456 17.52 27.59 -23.52
CA LYS B 456 17.54 26.92 -22.21
C LYS B 456 16.69 25.66 -22.21
N GLU B 457 15.42 25.80 -22.57
CA GLU B 457 14.51 24.65 -22.62
C GLU B 457 14.82 23.76 -23.83
N ARG B 458 16.05 23.83 -24.32
CA ARG B 458 16.49 22.97 -25.42
C ARG B 458 17.58 22.00 -24.99
N PHE B 459 18.23 22.30 -23.87
CA PHE B 459 19.24 21.42 -23.30
C PHE B 459 18.68 20.64 -22.13
N ILE B 460 17.73 21.24 -21.42
CA ILE B 460 17.06 20.54 -20.33
C ILE B 460 16.25 19.35 -20.85
N GLU B 461 15.47 19.57 -21.91
CA GLU B 461 14.62 18.52 -22.44
C GLU B 461 15.40 17.48 -23.24
N ALA B 462 16.71 17.66 -23.32
CA ALA B 462 17.57 16.68 -23.99
C ALA B 462 18.43 15.92 -22.98
N LEU B 463 18.45 16.41 -21.75
CA LEU B 463 19.16 15.72 -20.67
C LEU B 463 18.28 14.66 -20.01
N ASN B 464 17.07 14.48 -20.54
CA ASN B 464 16.21 13.42 -20.05
C ASN B 464 16.32 12.20 -20.95
N SER B 465 17.27 12.26 -21.88
CA SER B 465 17.55 11.13 -22.77
C SER B 465 19.05 11.06 -23.09
N ASN B 466 19.45 10.04 -23.84
CA ASN B 466 20.85 9.90 -24.22
C ASN B 466 21.16 10.43 -25.61
N LYS B 467 20.94 9.59 -26.63
CA LYS B 467 21.11 10.01 -28.02
C LYS B 467 20.00 10.99 -28.40
N SER B 468 20.36 12.03 -29.15
CA SER B 468 19.36 12.98 -29.63
C SER B 468 19.40 13.10 -31.15
N ASP B 469 18.25 12.84 -31.79
CA ASP B 469 18.12 12.98 -33.22
C ASP B 469 18.04 14.46 -33.61
N TYR B 470 18.37 15.32 -32.65
CA TYR B 470 18.48 16.74 -32.90
C TYR B 470 19.93 17.15 -32.71
N LYS B 471 20.54 17.68 -33.76
CA LYS B 471 21.96 17.99 -33.73
C LYS B 471 22.24 19.42 -34.23
N MET B 472 23.22 20.08 -33.59
CA MET B 472 23.62 21.42 -33.99
C MET B 472 24.86 21.40 -34.90
N ILE B 473 25.04 20.31 -35.65
CA ILE B 473 26.21 20.14 -36.50
C ILE B 473 26.26 21.15 -37.65
N ALA B 474 25.09 21.53 -38.16
CA ALA B 474 25.01 22.51 -39.23
C ALA B 474 25.55 23.88 -38.79
N ASP B 475 25.90 24.73 -39.76
CA ASP B 475 26.56 26.01 -39.46
C ASP B 475 25.65 27.07 -38.83
N ASP B 476 24.47 27.27 -39.41
CA ASP B 476 23.50 28.22 -38.85
C ASP B 476 23.12 27.84 -37.42
N GLN B 477 23.39 26.58 -37.06
CA GLN B 477 23.13 26.09 -35.71
C GLN B 477 24.23 26.56 -34.76
N GLN B 478 25.47 26.42 -35.18
CA GLN B 478 26.61 26.94 -34.41
C GLN B 478 26.50 28.46 -34.35
N ARG B 479 25.67 29.03 -35.20
CA ARG B 479 25.41 30.45 -35.21
C ARG B 479 24.45 30.81 -34.08
N LYS B 480 23.62 29.86 -33.69
CA LYS B 480 22.73 30.04 -32.54
C LYS B 480 23.51 29.87 -31.24
N LEU B 481 24.34 28.83 -31.19
CA LEU B 481 25.10 28.50 -29.98
C LEU B 481 26.18 29.52 -29.66
N ALA B 482 27.07 29.77 -30.62
CA ALA B 482 28.16 30.72 -30.42
C ALA B 482 27.64 32.04 -29.85
N CYS B 483 26.47 32.45 -30.32
CA CYS B 483 25.83 33.67 -29.84
C CYS B 483 25.68 33.64 -28.32
N VAL B 484 25.41 32.45 -27.79
CA VAL B 484 25.18 32.29 -26.36
C VAL B 484 26.45 32.41 -25.53
N TRP B 485 27.46 31.61 -25.86
CA TRP B 485 28.65 31.46 -25.00
C TRP B 485 29.80 32.44 -25.25
N ASN B 486 29.75 33.17 -26.36
CA ASN B 486 30.79 34.15 -26.65
C ASN B 486 31.09 35.04 -25.44
N PRO B 487 30.03 35.59 -24.81
CA PRO B 487 30.20 36.46 -23.63
C PRO B 487 30.69 35.75 -22.38
N PHE B 488 30.80 34.42 -22.43
CA PHE B 488 31.15 33.64 -21.25
C PHE B 488 32.55 33.06 -21.32
N LEU B 489 32.91 32.53 -22.48
CA LEU B 489 34.22 31.91 -22.67
C LEU B 489 35.32 32.95 -22.90
N ASP B 490 36.53 32.47 -23.08
CA ASP B 490 37.70 33.32 -23.30
C ASP B 490 38.72 32.59 -24.18
N GLY B 491 38.37 32.38 -25.44
CA GLY B 491 39.18 31.56 -26.32
C GLY B 491 39.03 30.10 -25.92
N TRP B 492 39.92 29.64 -25.05
CA TRP B 492 39.86 28.27 -24.53
C TRP B 492 40.08 28.22 -23.02
N GLU B 493 39.79 29.33 -22.32
CA GLU B 493 39.90 29.37 -20.87
C GLU B 493 38.72 30.12 -20.27
N LEU B 494 38.62 30.14 -18.94
CA LEU B 494 37.45 30.68 -18.27
C LEU B 494 37.51 32.19 -18.08
N ASN B 495 36.67 32.92 -18.82
CA ASN B 495 36.59 34.38 -18.72
C ASN B 495 36.40 34.85 -17.28
N ALA B 496 37.44 35.45 -16.71
CA ALA B 496 37.48 35.80 -15.29
C ALA B 496 36.16 36.31 -14.70
N GLN B 497 35.43 37.12 -15.45
CA GLN B 497 34.17 37.68 -14.95
C GLN B 497 33.20 36.57 -14.56
N HIS B 498 33.23 35.48 -15.32
CA HIS B 498 32.36 34.33 -15.09
C HIS B 498 32.69 33.66 -13.76
N VAL B 499 33.97 33.35 -13.57
CA VAL B 499 34.47 32.73 -12.34
C VAL B 499 34.05 33.54 -11.10
N ASP B 500 33.62 34.78 -11.33
CA ASP B 500 33.10 35.60 -10.24
C ASP B 500 31.70 35.11 -9.89
N MET B 501 30.81 35.10 -10.87
CA MET B 501 29.44 34.63 -10.67
C MET B 501 29.42 33.17 -10.22
N ILE B 502 30.20 32.34 -10.92
CA ILE B 502 30.23 30.92 -10.64
C ILE B 502 30.48 30.62 -9.17
N MET B 503 31.65 30.97 -8.67
CA MET B 503 32.02 30.66 -7.30
C MET B 503 31.30 31.54 -6.27
N GLY B 504 30.33 32.31 -6.76
CA GLY B 504 29.61 33.22 -5.88
C GLY B 504 28.14 32.85 -5.68
N SER B 505 27.53 32.31 -6.74
CA SER B 505 26.11 31.98 -6.70
C SER B 505 25.78 30.89 -5.72
N HIS B 506 24.49 30.69 -5.48
CA HIS B 506 24.01 29.67 -4.56
C HIS B 506 24.66 28.32 -4.82
N VAL B 507 25.23 28.16 -6.01
CA VAL B 507 25.87 26.91 -6.41
C VAL B 507 27.05 26.54 -5.51
N LEU B 508 28.10 27.34 -5.52
CA LEU B 508 29.30 27.01 -4.75
C LEU B 508 29.52 27.90 -3.53
N LYS B 509 28.64 28.88 -3.34
CA LYS B 509 28.78 29.80 -2.23
C LYS B 509 28.79 29.06 -0.90
N ASP B 510 29.90 29.15 -0.18
CA ASP B 510 30.05 28.51 1.12
C ASP B 510 30.33 27.01 0.98
N MET B 511 31.23 26.66 0.08
CA MET B 511 31.55 25.25 -0.15
C MET B 511 33.06 24.98 -0.11
N PRO B 512 33.48 24.06 0.76
CA PRO B 512 34.89 23.69 0.94
C PRO B 512 35.63 23.56 -0.38
N LEU B 513 36.92 23.85 -0.38
CA LEU B 513 37.73 23.77 -1.59
C LEU B 513 37.73 22.36 -2.15
N ARG B 514 37.55 21.38 -1.27
CA ARG B 514 37.49 19.99 -1.68
C ARG B 514 36.25 19.74 -2.54
N LYS B 515 35.08 20.03 -1.99
CA LYS B 515 33.81 19.78 -2.67
C LYS B 515 33.55 20.77 -3.79
N GLN B 516 33.89 22.04 -3.56
CA GLN B 516 33.73 23.09 -4.57
C GLN B 516 34.45 22.70 -5.85
N ALA B 517 35.72 22.31 -5.71
CA ALA B 517 36.49 21.84 -6.86
C ALA B 517 35.81 20.65 -7.49
N GLU B 518 35.58 19.62 -6.67
CA GLU B 518 34.90 18.42 -7.13
C GLU B 518 33.80 18.73 -8.14
N ILE B 519 32.84 19.55 -7.71
CA ILE B 519 31.70 19.89 -8.54
C ILE B 519 32.11 20.28 -9.95
N LEU B 520 33.07 21.20 -10.05
CA LEU B 520 33.47 21.74 -11.34
C LEU B 520 33.77 20.64 -12.36
N PHE B 521 34.40 19.56 -11.90
CA PHE B 521 34.74 18.47 -12.80
C PHE B 521 33.50 17.94 -13.52
N CYS B 522 32.44 17.70 -12.77
CA CYS B 522 31.21 17.15 -13.33
C CYS B 522 30.63 18.05 -14.42
N LEU B 523 30.36 19.29 -14.05
CA LEU B 523 29.78 20.26 -14.97
C LEU B 523 30.60 20.32 -16.23
N GLY B 524 31.92 20.30 -16.07
CA GLY B 524 32.81 20.22 -17.21
C GLY B 524 32.50 18.97 -18.01
N GLY B 525 32.33 17.86 -17.30
CA GLY B 525 32.03 16.59 -17.93
C GLY B 525 30.74 16.65 -18.72
N VAL B 526 29.79 17.43 -18.22
CA VAL B 526 28.47 17.53 -18.84
C VAL B 526 28.55 17.98 -20.29
N PHE B 527 29.25 19.09 -20.51
CA PHE B 527 29.30 19.71 -21.84
C PHE B 527 30.13 18.92 -22.84
N CYS B 528 31.02 18.07 -22.34
CA CYS B 528 31.73 17.18 -23.25
C CYS B 528 30.72 16.29 -23.95
N LYS B 529 29.81 15.70 -23.17
CA LYS B 529 28.81 14.79 -23.71
C LYS B 529 27.84 15.51 -24.64
N TYR B 530 27.63 16.79 -24.38
CA TYR B 530 26.78 17.60 -25.24
C TYR B 530 27.32 17.64 -26.66
N SER B 531 28.62 17.87 -26.79
CA SER B 531 29.26 17.94 -28.10
C SER B 531 29.73 16.57 -28.56
N SER B 532 29.16 15.52 -27.96
CA SER B 532 29.61 14.16 -28.25
C SER B 532 28.97 13.63 -29.53
N SER B 533 29.64 12.66 -30.16
CA SER B 533 29.08 11.99 -31.33
C SER B 533 27.70 11.45 -30.98
N ASP B 534 27.48 11.26 -29.68
CA ASP B 534 26.21 10.73 -29.19
C ASP B 534 25.10 11.79 -29.21
N MET B 535 25.44 13.04 -28.91
CA MET B 535 24.45 14.10 -28.83
C MET B 535 24.47 15.05 -30.03
N PHE B 536 24.63 16.34 -29.73
CA PHE B 536 24.56 17.39 -30.74
C PHE B 536 25.56 17.24 -31.89
N GLY B 537 26.82 16.99 -31.57
CA GLY B 537 27.82 16.83 -32.61
C GLY B 537 27.73 15.49 -33.29
N THR B 538 28.23 15.41 -34.52
CA THR B 538 28.41 14.15 -35.20
C THR B 538 29.81 13.62 -34.87
N GLU B 539 30.07 12.36 -35.20
CA GLU B 539 31.38 11.76 -34.90
C GLU B 539 32.47 12.30 -35.83
N TYR B 540 32.04 12.96 -36.91
CA TYR B 540 32.98 13.57 -37.85
C TYR B 540 33.24 15.03 -37.47
N ASP B 541 32.17 15.81 -37.34
CA ASP B 541 32.28 17.20 -36.94
C ASP B 541 31.64 17.43 -35.58
N SER B 542 32.30 18.24 -34.75
CA SER B 542 31.82 18.49 -33.39
C SER B 542 31.83 19.99 -33.07
N PRO B 543 30.75 20.48 -32.42
CA PRO B 543 30.57 21.88 -32.01
C PRO B 543 31.72 22.43 -31.15
N GLU B 544 32.57 23.27 -31.76
CA GLU B 544 33.79 23.73 -31.11
C GLU B 544 33.57 24.69 -29.95
N ILE B 545 32.40 25.30 -29.89
CA ILE B 545 32.11 26.28 -28.84
C ILE B 545 31.91 25.59 -27.49
N LEU B 546 31.34 24.40 -27.51
CA LEU B 546 31.10 23.64 -26.28
C LEU B 546 32.38 23.01 -25.74
N ARG B 547 33.08 22.26 -26.60
CA ARG B 547 34.37 21.70 -26.25
C ARG B 547 35.21 22.80 -25.63
N ARG B 548 35.10 23.99 -26.20
CA ARG B 548 35.79 25.16 -25.66
C ARG B 548 35.42 25.37 -24.20
N TYR B 549 34.14 25.63 -23.93
CA TYR B 549 33.69 25.90 -22.57
C TYR B 549 34.16 24.82 -21.61
N ALA B 550 33.90 23.57 -21.97
CA ALA B 550 34.33 22.42 -21.18
C ALA B 550 35.74 22.62 -20.65
N ASN B 551 36.67 22.83 -21.57
CA ASN B 551 38.08 22.98 -21.23
C ASN B 551 38.31 23.94 -20.06
N GLY B 552 37.51 24.98 -19.99
CA GLY B 552 37.64 25.97 -18.94
C GLY B 552 37.21 25.44 -17.59
N LEU B 553 36.13 24.67 -17.60
CA LEU B 553 35.58 24.13 -16.36
C LEU B 553 36.52 23.10 -15.75
N ILE B 554 37.05 22.21 -16.58
CA ILE B 554 38.02 21.24 -16.12
C ILE B 554 39.28 21.93 -15.61
N GLU B 555 39.50 23.17 -16.06
CA GLU B 555 40.67 23.95 -15.67
C GLU B 555 40.44 24.72 -14.37
N GLN B 556 39.40 25.55 -14.35
CA GLN B 556 39.11 26.37 -13.17
C GLN B 556 38.80 25.49 -11.96
N ALA B 557 38.59 24.21 -12.21
CA ALA B 557 38.44 23.23 -11.15
C ALA B 557 39.81 22.97 -10.54
N TYR B 558 40.80 22.84 -11.42
CA TYR B 558 42.17 22.55 -11.01
C TYR B 558 42.68 23.57 -10.00
N LYS B 559 42.49 24.85 -10.29
CA LYS B 559 42.99 25.91 -9.44
C LYS B 559 42.17 26.07 -8.16
N THR B 560 41.19 25.20 -7.97
CA THR B 560 40.36 25.24 -6.76
C THR B 560 40.85 24.22 -5.74
N ASP B 561 41.19 23.03 -6.24
CA ASP B 561 41.74 21.97 -5.40
C ASP B 561 42.16 20.79 -6.28
N PRO B 562 43.46 20.67 -6.55
CA PRO B 562 44.00 19.64 -7.45
C PRO B 562 43.90 18.23 -6.87
N GLN B 563 43.70 18.12 -5.56
CA GLN B 563 43.56 16.83 -4.91
C GLN B 563 42.28 16.12 -5.34
N VAL B 564 41.65 16.65 -6.39
CA VAL B 564 40.44 16.07 -6.95
C VAL B 564 40.75 15.36 -8.26
N PHE B 565 41.67 15.93 -9.03
CA PHE B 565 42.09 15.33 -10.29
C PHE B 565 43.03 14.16 -10.06
N GLY B 566 43.67 14.14 -8.89
CA GLY B 566 44.67 13.14 -8.58
C GLY B 566 45.88 13.27 -9.47
N SER B 567 46.02 12.34 -10.40
CA SER B 567 47.12 12.37 -11.37
C SER B 567 47.05 13.62 -12.23
N VAL B 568 48.20 14.01 -12.78
CA VAL B 568 48.24 15.13 -13.71
C VAL B 568 48.51 14.62 -15.13
N TYR B 569 48.94 13.37 -15.23
CA TYR B 569 49.05 12.72 -16.53
C TYR B 569 47.67 12.76 -17.17
N TYR B 570 46.67 12.53 -16.33
CA TYR B 570 45.28 12.57 -16.74
C TYR B 570 44.93 13.96 -17.25
N TYR B 571 45.04 14.94 -16.36
CA TYR B 571 44.67 16.33 -16.66
C TYR B 571 45.22 16.81 -18.01
N ASN B 572 46.47 16.45 -18.31
CA ASN B 572 47.09 16.87 -19.57
C ASN B 572 46.48 16.15 -20.78
N ASP B 573 46.15 14.88 -20.59
CA ASP B 573 45.53 14.09 -21.65
C ASP B 573 44.06 14.46 -21.83
N ILE B 574 43.44 14.98 -20.78
CA ILE B 574 42.07 15.44 -20.85
C ILE B 574 41.97 16.60 -21.84
N LEU B 575 42.92 17.52 -21.75
CA LEU B 575 42.99 18.64 -22.67
C LEU B 575 43.55 18.19 -24.00
N ASP B 576 44.54 17.30 -23.95
CA ASP B 576 45.15 16.77 -25.16
C ASP B 576 44.12 16.05 -26.03
N ARG B 577 42.86 16.06 -25.59
CA ARG B 577 41.78 15.41 -26.32
C ARG B 577 40.61 16.35 -26.62
N LEU B 578 40.22 17.15 -25.63
CA LEU B 578 39.08 18.05 -25.81
C LEU B 578 39.36 19.19 -26.79
N GLN B 579 40.64 19.48 -27.02
CA GLN B 579 41.04 20.55 -27.93
C GLN B 579 41.65 20.01 -29.23
N GLY B 580 42.72 19.22 -29.09
CA GLY B 580 43.42 18.68 -30.24
C GLY B 580 44.83 18.23 -29.90
N CYS B 587 37.19 12.69 -31.28
CA CYS B 587 35.98 11.96 -30.91
C CYS B 587 35.59 12.31 -29.48
N THR B 588 34.71 13.30 -29.34
CA THR B 588 34.26 13.77 -28.04
C THR B 588 33.53 12.67 -27.26
N ALA B 589 33.34 11.53 -27.92
CA ALA B 589 32.66 10.41 -27.31
C ALA B 589 33.52 9.69 -26.29
N VAL B 590 34.68 9.21 -26.74
CA VAL B 590 35.59 8.44 -25.90
C VAL B 590 35.90 9.15 -24.57
N LEU B 591 35.90 10.47 -24.62
CA LEU B 591 36.27 11.28 -23.46
C LEU B 591 35.19 11.31 -22.38
N THR B 592 33.93 11.37 -22.79
CA THR B 592 32.81 11.50 -21.87
C THR B 592 32.84 10.46 -20.76
N ASP B 593 32.68 9.19 -21.12
CA ASP B 593 32.72 8.10 -20.16
C ASP B 593 34.08 8.08 -19.44
N MET B 594 35.14 8.33 -20.19
CA MET B 594 36.47 8.43 -19.63
C MET B 594 36.47 9.31 -18.39
N LEU B 595 35.65 10.35 -18.41
CA LEU B 595 35.56 11.29 -17.29
C LEU B 595 34.42 10.95 -16.34
N THR B 596 33.38 10.31 -16.86
CA THR B 596 32.23 9.91 -16.04
C THR B 596 32.62 8.79 -15.08
N GLU B 597 33.45 7.86 -15.56
CA GLU B 597 33.82 6.67 -14.79
C GLU B 597 34.82 6.98 -13.68
N HIS B 598 35.61 8.03 -13.88
CA HIS B 598 36.60 8.43 -12.88
C HIS B 598 35.89 9.13 -11.73
N ALA B 599 34.78 9.77 -12.04
CA ALA B 599 34.02 10.52 -11.05
C ALA B 599 33.22 9.59 -10.14
N LYS B 600 32.60 8.59 -10.75
CA LYS B 600 31.89 7.57 -9.98
C LYS B 600 32.87 6.79 -9.13
N GLU B 601 34.16 7.03 -9.35
CA GLU B 601 35.22 6.32 -8.65
C GLU B 601 35.91 7.18 -7.59
N SER B 602 36.15 8.44 -7.93
CA SER B 602 36.88 9.35 -7.04
C SER B 602 35.97 10.03 -6.01
N PHE B 603 34.73 10.30 -6.40
CA PHE B 603 33.77 10.92 -5.49
C PHE B 603 32.33 10.71 -5.96
N PRO B 604 31.89 9.44 -5.95
CA PRO B 604 30.56 9.03 -6.38
C PRO B 604 29.44 9.88 -5.79
N GLU B 605 29.54 10.20 -4.51
CA GLU B 605 28.44 10.87 -3.81
C GLU B 605 28.10 12.23 -4.41
N ILE B 606 29.12 12.92 -4.92
CA ILE B 606 28.92 14.24 -5.53
C ILE B 606 28.51 14.10 -7.00
N PHE B 607 28.84 12.95 -7.59
CA PHE B 607 28.54 12.69 -8.99
C PHE B 607 27.07 12.28 -9.23
N SER B 608 26.50 11.55 -8.28
CA SER B 608 25.12 11.10 -8.39
C SER B 608 24.18 12.26 -8.10
N LEU B 609 24.76 13.41 -7.80
CA LEU B 609 23.98 14.58 -7.45
C LEU B 609 24.12 15.72 -8.46
N TYR B 610 25.21 15.71 -9.22
CA TYR B 610 25.52 16.81 -10.13
C TYR B 610 25.86 16.32 -11.54
N TYR B 611 24.97 15.51 -12.12
CA TYR B 611 25.18 14.93 -13.44
C TYR B 611 23.95 14.12 -13.85
N PRO B 612 23.43 14.37 -15.06
CA PRO B 612 22.16 13.82 -15.57
C PRO B 612 21.92 12.35 -15.21
N VAL B 613 20.95 12.10 -14.34
CA VAL B 613 20.58 10.75 -13.95
C VAL B 613 20.51 9.80 -15.15
N ALA B 614 20.02 10.31 -16.28
CA ALA B 614 19.80 9.46 -17.45
C ALA B 614 21.08 9.21 -18.26
N TRP B 615 22.19 9.76 -17.79
CA TRP B 615 23.49 9.56 -18.44
C TRP B 615 24.43 8.77 -17.54
N ARG B 616 23.96 8.45 -16.33
CA ARG B 616 24.80 7.76 -15.36
C ARG B 616 25.41 6.50 -15.98
N GLY C 1 -25.23 7.47 8.09
CA GLY C 1 -25.83 7.69 6.78
C GLY C 1 -26.94 8.73 6.77
N SER C 2 -28.12 8.31 7.19
CA SER C 2 -29.30 9.20 7.23
C SER C 2 -29.47 9.87 8.59
N MET C 3 -28.52 9.62 9.48
CA MET C 3 -28.48 10.26 10.79
C MET C 3 -27.82 11.63 10.66
N ALA C 4 -27.35 11.94 9.45
CA ALA C 4 -26.60 13.16 9.20
C ALA C 4 -27.49 14.31 8.72
N ALA C 5 -28.66 13.96 8.19
CA ALA C 5 -29.65 14.95 7.81
C ALA C 5 -30.30 15.50 9.06
N SER C 6 -30.73 14.59 9.94
CA SER C 6 -31.21 14.96 11.26
C SER C 6 -30.15 15.78 11.99
N ARG C 7 -28.89 15.48 11.71
CA ARG C 7 -27.78 16.15 12.37
C ARG C 7 -27.70 17.64 12.01
N ARG C 8 -28.15 18.00 10.82
CA ARG C 8 -28.08 19.39 10.39
C ARG C 8 -29.30 20.19 10.80
N LEU C 9 -30.47 19.63 10.54
CA LEU C 9 -31.73 20.30 10.90
C LEU C 9 -31.67 20.80 12.34
N MET C 10 -31.28 19.92 13.26
CA MET C 10 -31.15 20.28 14.67
C MET C 10 -30.50 21.66 14.82
N LYS C 11 -29.36 21.83 14.16
CA LYS C 11 -28.65 23.10 14.18
C LYS C 11 -29.51 24.19 13.55
N GLU C 12 -30.15 23.85 12.44
CA GLU C 12 -30.94 24.81 11.68
C GLU C 12 -32.15 25.31 12.48
N LEU C 13 -32.64 24.47 13.38
CA LEU C 13 -33.83 24.80 14.17
C LEU C 13 -33.54 25.83 15.26
N GLU C 14 -32.56 25.53 16.11
CA GLU C 14 -32.20 26.43 17.20
C GLU C 14 -31.94 27.86 16.66
N GLU C 15 -31.39 27.94 15.45
CA GLU C 15 -31.16 29.23 14.80
C GLU C 15 -32.47 29.95 14.59
N ILE C 16 -33.51 29.18 14.27
CA ILE C 16 -34.85 29.71 14.09
C ILE C 16 -35.51 29.97 15.45
N ARG C 17 -35.29 29.06 16.39
CA ARG C 17 -35.85 29.18 17.73
C ARG C 17 -35.47 30.52 18.37
N LYS C 18 -34.29 31.03 18.02
CA LYS C 18 -33.83 32.32 18.51
C LYS C 18 -34.39 33.47 17.66
N CYS C 19 -33.73 33.73 16.53
CA CYS C 19 -34.14 34.82 15.63
C CYS C 19 -35.63 34.73 15.29
N GLY C 20 -35.99 33.68 14.55
CA GLY C 20 -37.38 33.45 14.18
C GLY C 20 -37.77 34.10 12.87
N MET C 21 -38.58 33.38 12.08
CA MET C 21 -39.10 33.92 10.83
C MET C 21 -40.38 34.70 11.12
N LYS C 22 -40.55 35.84 10.47
CA LYS C 22 -41.70 36.72 10.72
C LYS C 22 -42.87 36.48 9.76
N ASN C 23 -42.63 35.67 8.72
CA ASN C 23 -43.68 35.32 7.78
C ASN C 23 -43.96 33.82 7.76
N PHE C 24 -43.20 33.08 8.57
CA PHE C 24 -43.43 31.66 8.76
C PHE C 24 -43.47 31.36 10.24
N ARG C 25 -44.61 30.91 10.74
CA ARG C 25 -44.76 30.64 12.16
C ARG C 25 -45.36 29.26 12.44
N ASN C 26 -45.14 28.78 13.67
CA ASN C 26 -45.74 27.54 14.15
C ASN C 26 -45.18 26.27 13.52
N ILE C 27 -43.86 26.10 13.60
CA ILE C 27 -43.21 24.92 13.06
C ILE C 27 -43.18 23.79 14.10
N GLN C 28 -43.91 22.71 13.81
CA GLN C 28 -44.02 21.60 14.74
C GLN C 28 -43.45 20.31 14.16
N VAL C 29 -42.49 19.72 14.85
CA VAL C 29 -41.88 18.47 14.41
C VAL C 29 -41.36 17.66 15.59
N ASP C 30 -41.82 16.41 15.68
CA ASP C 30 -41.41 15.51 16.75
C ASP C 30 -39.93 15.12 16.59
N GLU C 31 -39.24 14.98 17.72
CA GLU C 31 -37.79 14.72 17.70
C GLU C 31 -37.42 13.35 17.14
N ALA C 32 -38.41 12.50 16.89
CA ALA C 32 -38.16 11.17 16.35
C ALA C 32 -37.83 11.22 14.86
N ASN C 33 -38.86 11.39 14.04
CA ASN C 33 -38.70 11.45 12.60
C ASN C 33 -37.71 12.53 12.19
N LEU C 34 -38.16 13.78 12.19
CA LEU C 34 -37.32 14.93 11.85
C LEU C 34 -37.05 15.03 10.34
N LEU C 35 -37.45 14.02 9.58
CA LEU C 35 -37.29 14.06 8.13
C LEU C 35 -38.42 14.84 7.49
N THR C 36 -39.35 15.33 8.31
CA THR C 36 -40.47 16.13 7.83
C THR C 36 -40.90 17.17 8.86
N TRP C 37 -41.39 18.31 8.38
CA TRP C 37 -41.87 19.39 9.24
C TRP C 37 -43.28 19.82 8.84
N GLN C 38 -44.00 20.39 9.79
CA GLN C 38 -45.31 21.01 9.51
C GLN C 38 -45.24 22.48 9.91
N GLY C 39 -46.14 23.28 9.37
CA GLY C 39 -46.15 24.70 9.67
C GLY C 39 -47.23 25.51 8.98
N LEU C 40 -47.18 26.83 9.16
CA LEU C 40 -48.15 27.73 8.55
C LEU C 40 -47.48 28.86 7.80
N ILE C 41 -47.87 29.05 6.53
CA ILE C 41 -47.42 30.20 5.77
C ILE C 41 -48.51 31.27 5.80
N VAL C 42 -48.29 32.28 6.64
CA VAL C 42 -49.26 33.35 6.82
C VAL C 42 -48.79 34.65 6.18
N PRO C 43 -49.28 34.93 4.95
CA PRO C 43 -48.86 36.11 4.18
C PRO C 43 -49.55 37.40 4.60
N ASP C 44 -48.88 38.53 4.39
CA ASP C 44 -49.42 39.82 4.81
C ASP C 44 -49.92 40.66 3.64
N ASN C 45 -49.46 40.34 2.44
CA ASN C 45 -49.91 41.03 1.24
C ASN C 45 -51.14 40.36 0.63
N PRO C 46 -52.25 41.10 0.49
CA PRO C 46 -53.46 40.59 -0.15
C PRO C 46 -53.14 39.99 -1.51
N PRO C 47 -54.04 39.15 -2.07
CA PRO C 47 -55.36 38.76 -1.54
C PRO C 47 -55.33 37.48 -0.72
N TYR C 48 -54.35 37.33 0.17
CA TYR C 48 -54.27 36.14 0.99
C TYR C 48 -54.16 36.48 2.49
N ASP C 49 -54.71 37.63 2.87
CA ASP C 49 -54.66 38.04 4.26
C ASP C 49 -55.96 37.59 4.95
N LYS C 50 -57.09 38.07 4.45
CA LYS C 50 -58.38 37.70 4.99
C LYS C 50 -58.86 36.34 4.46
N PHE C 53 -52.63 28.72 5.61
CA PHE C 53 -52.14 27.64 4.76
C PHE C 53 -51.17 26.76 5.52
N ARG C 54 -51.43 25.45 5.53
CA ARG C 54 -50.55 24.53 6.23
C ARG C 54 -49.56 23.83 5.30
N ILE C 55 -48.42 24.47 5.05
CA ILE C 55 -47.37 23.84 4.27
C ILE C 55 -46.79 22.66 5.06
N GLU C 56 -46.26 21.67 4.36
CA GLU C 56 -45.69 20.51 5.02
C GLU C 56 -44.38 20.11 4.35
N ILE C 57 -43.32 20.88 4.61
CA ILE C 57 -42.03 20.59 3.98
C ILE C 57 -41.49 19.25 4.46
N ASN C 58 -41.19 18.38 3.50
CA ASN C 58 -40.71 17.04 3.82
C ASN C 58 -39.25 16.85 3.40
N PHE C 59 -38.37 16.84 4.39
CA PHE C 59 -36.96 16.65 4.15
C PHE C 59 -36.68 15.20 3.77
N PRO C 60 -35.78 14.99 2.81
CA PRO C 60 -35.35 13.66 2.39
C PRO C 60 -34.25 13.18 3.33
N ALA C 61 -33.83 11.92 3.18
CA ALA C 61 -32.78 11.38 4.03
C ALA C 61 -31.39 11.87 3.64
N GLU C 62 -31.10 11.88 2.35
CA GLU C 62 -29.78 12.25 1.86
C GLU C 62 -29.50 13.74 2.05
N TYR C 63 -30.51 14.46 2.54
CA TYR C 63 -30.38 15.90 2.80
C TYR C 63 -29.10 16.16 3.60
N PRO C 64 -28.43 17.29 3.34
CA PRO C 64 -28.77 18.36 2.41
C PRO C 64 -28.09 18.22 1.07
N PHE C 65 -28.26 17.08 0.41
CA PHE C 65 -27.68 16.88 -0.92
C PHE C 65 -28.83 16.60 -1.88
N LYS C 66 -30.02 16.88 -1.39
CA LYS C 66 -31.24 16.91 -2.17
C LYS C 66 -32.07 18.03 -1.54
N PRO C 67 -33.01 18.60 -2.29
CA PRO C 67 -33.80 19.69 -1.72
C PRO C 67 -34.95 19.13 -0.90
N PRO C 68 -35.57 19.98 -0.08
CA PRO C 68 -36.79 19.62 0.66
C PRO C 68 -38.00 19.70 -0.27
N LYS C 69 -39.05 18.95 0.04
CA LYS C 69 -40.27 18.99 -0.77
C LYS C 69 -41.38 19.71 -0.02
N ILE C 70 -41.45 21.03 -0.19
CA ILE C 70 -42.53 21.81 0.38
C ILE C 70 -43.86 21.47 -0.31
N THR C 71 -44.82 20.98 0.46
CA THR C 71 -46.12 20.60 -0.08
C THR C 71 -47.26 21.14 0.77
N PHE C 72 -48.33 21.57 0.12
CA PHE C 72 -49.45 22.21 0.81
C PHE C 72 -50.53 21.23 1.28
N LYS C 73 -50.81 21.24 2.58
CA LYS C 73 -51.88 20.44 3.16
C LYS C 73 -53.16 21.27 3.28
N THR C 74 -53.27 22.28 2.43
CA THR C 74 -54.42 23.18 2.42
C THR C 74 -54.78 23.58 0.99
N LYS C 75 -56.07 23.68 0.70
CA LYS C 75 -56.51 24.06 -0.64
C LYS C 75 -56.08 25.50 -0.96
N ILE C 76 -55.44 25.68 -2.10
CA ILE C 76 -54.95 27.00 -2.48
C ILE C 76 -55.30 27.37 -3.91
N TYR C 77 -55.46 28.67 -4.15
CA TYR C 77 -55.77 29.19 -5.47
C TYR C 77 -54.59 29.98 -6.02
N HIS C 78 -53.56 29.26 -6.46
CA HIS C 78 -52.37 29.88 -7.03
C HIS C 78 -52.04 29.19 -8.34
N PRO C 79 -51.57 29.95 -9.33
CA PRO C 79 -51.15 29.39 -10.62
C PRO C 79 -49.85 28.60 -10.54
N ASN C 80 -49.24 28.56 -9.35
CA ASN C 80 -47.99 27.84 -9.16
C ASN C 80 -48.13 26.67 -8.19
N ILE C 81 -49.35 26.45 -7.70
CA ILE C 81 -49.62 25.39 -6.73
C ILE C 81 -50.73 24.44 -7.20
N ASP C 82 -50.36 23.19 -7.45
CA ASP C 82 -51.32 22.18 -7.89
C ASP C 82 -52.31 21.86 -6.78
N GLU C 83 -53.47 21.33 -7.16
CA GLU C 83 -54.51 20.99 -6.19
C GLU C 83 -54.04 19.93 -5.20
N LYS C 84 -53.03 19.17 -5.58
CA LYS C 84 -52.43 18.17 -4.70
C LYS C 84 -51.47 18.86 -3.73
N GLY C 85 -51.29 20.17 -3.93
CA GLY C 85 -50.43 20.96 -3.07
C GLY C 85 -49.06 21.21 -3.68
N GLN C 86 -48.76 20.47 -4.75
CA GLN C 86 -47.44 20.53 -5.36
C GLN C 86 -47.03 21.94 -5.76
N VAL C 87 -45.75 22.26 -5.58
CA VAL C 87 -45.20 23.55 -5.98
C VAL C 87 -43.96 23.38 -6.86
N CYS C 88 -43.84 24.21 -7.88
CA CYS C 88 -42.69 24.19 -8.77
C CYS C 88 -41.73 25.30 -8.41
N LEU C 89 -41.06 25.15 -7.27
CA LEU C 89 -40.17 26.17 -6.73
C LEU C 89 -38.79 26.10 -7.39
N PRO C 90 -38.18 27.27 -7.62
CA PRO C 90 -36.84 27.34 -8.21
C PRO C 90 -35.76 26.98 -7.19
N VAL C 91 -35.82 27.59 -6.01
CA VAL C 91 -34.81 27.38 -4.97
C VAL C 91 -34.61 25.91 -4.60
N ILE C 92 -35.71 25.17 -4.44
CA ILE C 92 -35.63 23.76 -4.15
C ILE C 92 -35.71 22.94 -5.44
N SER C 93 -35.15 23.49 -6.52
CA SER C 93 -35.10 22.80 -7.81
C SER C 93 -33.68 22.32 -8.09
N ALA C 94 -33.58 21.16 -8.71
CA ALA C 94 -32.27 20.51 -8.92
C ALA C 94 -31.37 21.23 -9.93
N GLU C 95 -31.65 22.50 -10.21
CA GLU C 95 -30.78 23.27 -11.08
C GLU C 95 -30.14 24.41 -10.31
N ASN C 96 -30.79 24.82 -9.21
CA ASN C 96 -30.30 25.93 -8.41
C ASN C 96 -29.86 25.46 -7.03
N TRP C 97 -29.88 24.14 -6.81
CA TRP C 97 -29.62 23.61 -5.48
C TRP C 97 -28.15 23.52 -5.10
N LYS C 98 -27.76 24.34 -4.13
CA LYS C 98 -26.46 24.26 -3.51
C LYS C 98 -26.66 23.70 -2.11
N PRO C 99 -25.80 22.76 -1.69
CA PRO C 99 -25.99 22.18 -0.34
C PRO C 99 -25.92 23.24 0.76
N ALA C 100 -25.59 24.47 0.40
CA ALA C 100 -25.36 25.51 1.39
C ALA C 100 -26.60 26.36 1.67
N THR C 101 -27.72 25.98 1.09
CA THR C 101 -28.94 26.75 1.29
C THR C 101 -29.61 26.38 2.62
N LYS C 102 -30.02 27.40 3.38
CA LYS C 102 -30.75 27.19 4.63
C LYS C 102 -32.21 26.91 4.32
N THR C 103 -33.05 26.92 5.35
CA THR C 103 -34.50 26.82 5.14
C THR C 103 -35.14 28.21 5.21
N ASP C 104 -34.59 29.07 6.06
CA ASP C 104 -35.08 30.44 6.15
C ASP C 104 -34.94 31.18 4.82
N GLN C 105 -34.23 30.54 3.88
CA GLN C 105 -34.06 31.07 2.54
C GLN C 105 -35.01 30.38 1.56
N VAL C 106 -35.24 29.08 1.78
CA VAL C 106 -36.12 28.33 0.91
C VAL C 106 -37.57 28.77 1.11
N ILE C 107 -37.85 29.35 2.27
CA ILE C 107 -39.19 29.85 2.56
C ILE C 107 -39.33 31.30 2.12
N GLN C 108 -38.40 32.16 2.53
CA GLN C 108 -38.38 33.54 2.06
C GLN C 108 -38.55 33.61 0.55
N SER C 109 -38.22 32.52 -0.13
CA SER C 109 -38.40 32.41 -1.58
C SER C 109 -39.82 31.96 -1.90
N LEU C 110 -40.25 30.86 -1.29
CA LEU C 110 -41.59 30.33 -1.53
C LEU C 110 -42.68 31.32 -1.09
N ILE C 111 -42.33 32.20 -0.16
CA ILE C 111 -43.26 33.23 0.32
C ILE C 111 -43.35 34.37 -0.68
N ALA C 112 -42.21 34.99 -0.97
CA ALA C 112 -42.16 36.12 -1.90
C ALA C 112 -42.71 35.74 -3.28
N LEU C 113 -43.00 34.46 -3.47
CA LEU C 113 -43.59 33.98 -4.71
C LEU C 113 -45.07 34.33 -4.81
N VAL C 114 -45.76 34.30 -3.67
CA VAL C 114 -47.19 34.60 -3.64
C VAL C 114 -47.46 36.10 -3.73
N ASN C 115 -46.45 36.91 -3.41
CA ASN C 115 -46.58 38.36 -3.50
C ASN C 115 -46.31 38.87 -4.91
N ASP C 116 -45.87 37.96 -5.77
CA ASP C 116 -45.59 38.29 -7.17
C ASP C 116 -45.43 37.00 -7.95
N PRO C 117 -46.54 36.32 -8.24
CA PRO C 117 -46.56 35.00 -8.91
C PRO C 117 -45.91 35.04 -10.28
N GLN C 118 -45.84 33.89 -10.94
CA GLN C 118 -45.21 33.80 -12.25
C GLN C 118 -45.90 32.76 -13.12
N PRO C 119 -46.35 33.18 -14.32
CA PRO C 119 -46.94 32.28 -15.32
C PRO C 119 -45.88 31.62 -16.18
N GLU C 120 -44.61 31.84 -15.83
CA GLU C 120 -43.50 31.25 -16.57
C GLU C 120 -43.35 29.77 -16.26
N HIS C 121 -43.52 29.42 -14.98
CA HIS C 121 -43.47 28.03 -14.56
C HIS C 121 -44.76 27.63 -13.83
N PRO C 122 -45.91 27.76 -14.52
CA PRO C 122 -47.22 27.48 -13.91
C PRO C 122 -47.50 25.99 -13.87
N LEU C 123 -48.13 25.53 -12.79
CA LEU C 123 -48.46 24.11 -12.63
C LEU C 123 -49.95 23.86 -12.88
N ARG C 124 -50.66 24.89 -13.36
CA ARG C 124 -52.08 24.76 -13.66
C ARG C 124 -52.52 25.74 -14.74
N ALA C 125 -53.06 25.19 -15.83
CA ALA C 125 -53.58 26.00 -16.91
C ALA C 125 -55.01 26.43 -16.62
N ASP C 126 -55.44 26.19 -15.38
CA ASP C 126 -56.80 26.50 -14.96
C ASP C 126 -57.02 28.01 -14.82
N LEU C 127 -56.01 28.72 -14.35
CA LEU C 127 -56.11 30.16 -14.12
C LEU C 127 -54.82 30.88 -14.49
N ALA C 128 -54.04 30.28 -15.37
CA ALA C 128 -52.79 30.88 -15.84
C ALA C 128 -53.09 32.10 -16.70
N GLU C 129 -53.88 31.90 -17.74
CA GLU C 129 -54.32 33.00 -18.60
C GLU C 129 -55.26 33.92 -17.83
N GLU C 130 -55.95 33.35 -16.84
CA GLU C 130 -56.86 34.12 -16.01
C GLU C 130 -56.15 35.31 -15.38
N TYR C 131 -54.97 35.06 -14.81
CA TYR C 131 -54.16 36.11 -14.23
C TYR C 131 -53.65 37.02 -15.35
N SER C 132 -53.43 36.44 -16.53
CA SER C 132 -52.87 37.17 -17.66
C SER C 132 -53.77 38.29 -18.18
N LYS C 133 -54.98 37.93 -18.60
CA LYS C 133 -55.89 38.89 -19.21
C LYS C 133 -56.61 39.77 -18.17
N ASP C 134 -57.42 39.15 -17.33
CA ASP C 134 -58.21 39.89 -16.35
C ASP C 134 -57.65 39.73 -14.93
N ARG C 135 -57.09 40.79 -14.38
CA ARG C 135 -56.50 40.75 -13.04
C ARG C 135 -57.55 40.79 -11.95
N LYS C 136 -58.45 41.77 -12.04
CA LYS C 136 -59.51 41.93 -11.04
C LYS C 136 -60.32 40.66 -10.87
N LYS C 137 -60.28 39.80 -11.89
CA LYS C 137 -61.02 38.53 -11.87
C LYS C 137 -60.26 37.44 -11.11
N PHE C 138 -58.98 37.66 -10.88
CA PHE C 138 -58.16 36.73 -10.12
C PHE C 138 -57.96 37.22 -8.69
N CYS C 139 -58.43 38.43 -8.43
CA CYS C 139 -58.37 39.02 -7.08
C CYS C 139 -59.76 39.13 -6.46
N LYS C 140 -60.78 39.04 -7.32
CA LYS C 140 -62.16 38.99 -6.86
C LYS C 140 -62.63 37.55 -6.85
N ASN C 141 -61.74 36.66 -7.27
CA ASN C 141 -62.01 35.22 -7.25
C ASN C 141 -60.99 34.49 -6.39
N ALA C 142 -60.11 35.26 -5.77
CA ALA C 142 -59.08 34.70 -4.89
C ALA C 142 -59.46 34.88 -3.42
N GLU C 143 -59.73 36.12 -3.03
CA GLU C 143 -60.14 36.42 -1.65
C GLU C 143 -61.34 35.58 -1.26
N GLU C 144 -62.00 35.00 -2.25
CA GLU C 144 -63.13 34.11 -2.01
C GLU C 144 -62.64 32.70 -1.67
N PHE C 145 -61.88 32.10 -2.58
CA PHE C 145 -61.38 30.75 -2.39
C PHE C 145 -60.46 30.66 -1.17
N THR C 146 -59.82 31.77 -0.84
CA THR C 146 -58.95 31.81 0.34
C THR C 146 -59.78 31.75 1.62
N LYS C 147 -60.96 32.36 1.59
CA LYS C 147 -61.81 32.45 2.78
C LYS C 147 -62.82 31.29 2.89
N LYS C 148 -62.82 30.40 1.90
CA LYS C 148 -63.76 29.29 1.90
C LYS C 148 -63.15 28.00 2.45
N TYR C 149 -61.82 27.94 2.51
CA TYR C 149 -61.13 26.74 2.98
C TYR C 149 -59.98 27.09 3.91
N GLY D 1 22.99 -7.41 -7.89
CA GLY D 1 23.98 -6.47 -8.38
C GLY D 1 24.57 -6.89 -9.71
N SER D 2 25.85 -6.54 -9.92
CA SER D 2 26.58 -6.83 -11.16
C SER D 2 26.75 -8.33 -11.42
N MET D 3 26.12 -9.14 -10.60
CA MET D 3 26.19 -10.58 -10.77
C MET D 3 25.41 -10.95 -12.03
N ALA D 4 24.74 -9.96 -12.62
CA ALA D 4 23.87 -10.20 -13.77
C ALA D 4 24.60 -9.99 -15.10
N ALA D 5 25.68 -9.23 -15.08
CA ALA D 5 26.53 -9.06 -16.25
C ALA D 5 27.32 -10.34 -16.48
N SER D 6 27.96 -10.83 -15.41
CA SER D 6 28.59 -12.13 -15.42
C SER D 6 27.59 -13.18 -15.86
N ARG D 7 26.33 -12.99 -15.49
CA ARG D 7 25.29 -13.97 -15.79
C ARG D 7 25.04 -14.11 -17.30
N ARG D 8 25.29 -13.04 -18.06
CA ARG D 8 25.03 -13.08 -19.49
C ARG D 8 26.25 -13.56 -20.28
N LEU D 9 27.41 -13.00 -19.97
CA LEU D 9 28.64 -13.39 -20.64
C LEU D 9 28.77 -14.91 -20.68
N MET D 10 28.60 -15.55 -19.52
CA MET D 10 28.64 -17.01 -19.43
C MET D 10 27.91 -17.65 -20.60
N LYS D 11 26.67 -17.21 -20.84
CA LYS D 11 25.87 -17.72 -21.94
C LYS D 11 26.55 -17.37 -23.26
N GLU D 12 27.05 -16.14 -23.35
CA GLU D 12 27.64 -15.63 -24.58
C GLU D 12 28.90 -16.39 -24.96
N LEU D 13 29.61 -16.90 -23.96
CA LEU D 13 30.87 -17.62 -24.20
C LEU D 13 30.66 -19.00 -24.80
N GLU D 14 29.85 -19.82 -24.15
CA GLU D 14 29.58 -21.17 -24.64
C GLU D 14 29.15 -21.13 -26.11
N GLU D 15 28.41 -20.09 -26.48
CA GLU D 15 27.98 -19.92 -27.86
C GLU D 15 29.20 -19.78 -28.78
N ILE D 16 30.23 -19.11 -28.27
CA ILE D 16 31.48 -18.95 -29.00
C ILE D 16 32.30 -20.22 -28.91
N ARG D 17 32.30 -20.85 -27.73
CA ARG D 17 33.04 -22.09 -27.52
C ARG D 17 32.67 -23.15 -28.55
N LYS D 18 31.42 -23.12 -29.00
CA LYS D 18 30.95 -24.05 -30.02
C LYS D 18 31.27 -23.53 -31.43
N CYS D 19 30.43 -22.63 -31.94
CA CYS D 19 30.62 -22.08 -33.27
C CYS D 19 32.04 -21.54 -33.47
N GLY D 20 32.37 -20.47 -32.74
CA GLY D 20 33.69 -19.89 -32.81
C GLY D 20 33.84 -18.80 -33.85
N MET D 21 34.55 -17.73 -33.51
CA MET D 21 34.84 -16.66 -34.45
C MET D 21 36.09 -17.02 -35.26
N LYS D 22 36.06 -16.73 -36.56
CA LYS D 22 37.17 -17.10 -37.45
C LYS D 22 38.20 -15.99 -37.64
N ASN D 23 37.87 -14.79 -37.17
CA ASN D 23 38.79 -13.66 -37.24
C ASN D 23 39.17 -13.14 -35.85
N PHE D 24 38.59 -13.76 -34.83
CA PHE D 24 38.95 -13.47 -33.44
C PHE D 24 39.25 -14.79 -32.73
N ARG D 25 40.49 -14.95 -32.28
CA ARG D 25 40.89 -16.20 -31.62
C ARG D 25 41.60 -15.96 -30.31
N ASN D 26 41.62 -16.99 -29.47
CA ASN D 26 42.38 -16.99 -28.22
C ASN D 26 41.83 -16.07 -27.13
N ILE D 27 40.55 -16.26 -26.79
CA ILE D 27 39.92 -15.45 -25.75
C ILE D 27 40.15 -16.08 -24.38
N GLN D 28 40.91 -15.38 -23.54
CA GLN D 28 41.23 -15.91 -22.21
C GLN D 28 40.68 -15.02 -21.10
N VAL D 29 39.88 -15.62 -20.22
CA VAL D 29 39.30 -14.90 -19.10
C VAL D 29 39.03 -15.80 -17.90
N ASP D 30 39.59 -15.45 -16.75
CA ASP D 30 39.42 -16.23 -15.53
C ASP D 30 37.99 -16.14 -15.03
N GLU D 31 37.48 -17.24 -14.48
CA GLU D 31 36.08 -17.33 -14.07
C GLU D 31 35.73 -16.42 -12.89
N ALA D 32 36.74 -15.79 -12.28
CA ALA D 32 36.51 -14.90 -11.15
C ALA D 32 35.95 -13.55 -11.59
N ASN D 33 36.83 -12.70 -12.13
CA ASN D 33 36.44 -11.38 -12.60
C ASN D 33 35.31 -11.45 -13.61
N LEU D 34 35.67 -11.79 -14.85
CA LEU D 34 34.69 -11.93 -15.94
C LEU D 34 34.18 -10.57 -16.48
N LEU D 35 34.54 -9.49 -15.78
CA LEU D 35 34.16 -8.15 -16.23
C LEU D 35 35.11 -7.66 -17.30
N THR D 36 36.10 -8.49 -17.64
CA THR D 36 37.09 -8.15 -18.66
C THR D 36 37.58 -9.38 -19.40
N TRP D 37 37.90 -9.21 -20.68
CA TRP D 37 38.43 -10.30 -21.49
C TRP D 37 39.72 -9.88 -22.19
N GLN D 38 40.54 -10.87 -22.54
CA GLN D 38 41.73 -10.66 -23.35
C GLN D 38 41.63 -11.49 -24.62
N GLY D 39 42.36 -11.12 -25.66
CA GLY D 39 42.30 -11.84 -26.91
C GLY D 39 43.20 -11.31 -28.00
N LEU D 40 43.08 -11.89 -29.19
CA LEU D 40 43.88 -11.48 -30.34
C LEU D 40 43.02 -11.20 -31.56
N ILE D 41 43.20 -10.02 -32.17
CA ILE D 41 42.54 -9.72 -33.43
C ILE D 41 43.53 -9.96 -34.56
N VAL D 42 43.38 -11.09 -35.25
CA VAL D 42 44.28 -11.48 -36.32
C VAL D 42 43.62 -11.33 -37.69
N PRO D 43 43.89 -10.20 -38.37
CA PRO D 43 43.26 -9.88 -39.66
C PRO D 43 43.92 -10.60 -40.86
N ASP D 44 43.13 -10.83 -41.91
CA ASP D 44 43.61 -11.58 -43.06
C ASP D 44 43.87 -10.68 -44.27
N ASN D 45 43.27 -9.49 -44.27
CA ASN D 45 43.49 -8.51 -45.33
C ASN D 45 44.65 -7.57 -45.02
N PRO D 46 45.65 -7.55 -45.91
CA PRO D 46 46.80 -6.64 -45.76
C PRO D 46 46.32 -5.20 -45.55
N PRO D 47 47.18 -4.32 -45.02
CA PRO D 47 48.59 -4.52 -44.66
C PRO D 47 48.80 -4.90 -43.20
N TYR D 48 47.98 -5.80 -42.67
CA TYR D 48 48.11 -6.23 -41.28
C TYR D 48 48.24 -7.76 -41.17
N ASP D 49 48.90 -8.35 -42.16
CA ASP D 49 49.11 -9.79 -42.20
C ASP D 49 50.37 -10.21 -41.44
N LYS D 50 51.12 -9.23 -40.93
CA LYS D 50 52.38 -9.51 -40.26
C LYS D 50 52.21 -10.00 -38.82
N GLY D 51 50.96 -10.13 -38.39
CA GLY D 51 50.67 -10.62 -37.05
C GLY D 51 49.22 -10.50 -36.64
N ALA D 52 49.00 -10.36 -35.34
CA ALA D 52 47.67 -10.13 -34.76
C ALA D 52 47.80 -9.23 -33.54
N PHE D 53 46.68 -8.66 -33.09
CA PHE D 53 46.74 -7.63 -32.06
C PHE D 53 45.89 -7.90 -30.81
N ARG D 54 46.48 -7.61 -29.65
CA ARG D 54 45.82 -7.87 -28.38
C ARG D 54 44.78 -6.79 -28.08
N ILE D 55 43.51 -7.16 -28.23
CA ILE D 55 42.41 -6.33 -27.79
C ILE D 55 42.03 -6.74 -26.37
N GLU D 56 41.44 -5.82 -25.61
CA GLU D 56 41.04 -6.12 -24.24
C GLU D 56 39.67 -5.54 -23.94
N ILE D 57 38.62 -6.18 -24.47
CA ILE D 57 37.28 -5.67 -24.29
C ILE D 57 36.87 -5.72 -22.82
N ASN D 58 36.47 -4.57 -22.29
CA ASN D 58 36.12 -4.46 -20.88
C ASN D 58 34.64 -4.20 -20.70
N PHE D 59 33.92 -5.23 -20.26
CA PHE D 59 32.50 -5.13 -20.01
C PHE D 59 32.24 -4.32 -18.75
N PRO D 60 31.20 -3.47 -18.79
CA PRO D 60 30.79 -2.69 -17.63
C PRO D 60 29.88 -3.53 -16.76
N ALA D 61 29.50 -3.01 -15.59
CA ALA D 61 28.64 -3.76 -14.68
C ALA D 61 27.19 -3.75 -15.13
N GLU D 62 26.70 -2.59 -15.53
CA GLU D 62 25.30 -2.43 -15.92
C GLU D 62 24.99 -3.15 -17.23
N TYR D 63 26.01 -3.70 -17.86
CA TYR D 63 25.85 -4.46 -19.10
C TYR D 63 24.74 -5.49 -18.95
N PRO D 64 23.97 -5.75 -20.00
CA PRO D 64 24.08 -5.19 -21.36
C PRO D 64 23.20 -3.98 -21.60
N PHE D 65 23.32 -2.95 -20.78
CA PHE D 65 22.54 -1.73 -20.97
C PHE D 65 23.52 -0.58 -21.16
N LYS D 66 24.76 -0.98 -21.38
CA LYS D 66 25.84 -0.10 -21.80
C LYS D 66 26.70 -0.97 -22.70
N PRO D 67 27.47 -0.34 -23.60
CA PRO D 67 28.29 -1.15 -24.50
C PRO D 67 29.58 -1.58 -23.81
N PRO D 68 30.29 -2.54 -24.40
CA PRO D 68 31.62 -2.94 -23.95
C PRO D 68 32.66 -1.96 -24.46
N LYS D 69 33.79 -1.84 -23.75
CA LYS D 69 34.85 -0.94 -24.20
C LYS D 69 36.03 -1.73 -24.73
N ILE D 70 36.00 -2.01 -26.02
CA ILE D 70 37.11 -2.68 -26.68
C ILE D 70 38.32 -1.75 -26.73
N THR D 71 39.42 -2.17 -26.11
CA THR D 71 40.64 -1.37 -26.07
C THR D 71 41.88 -2.19 -26.41
N PHE D 72 42.81 -1.58 -27.14
CA PHE D 72 43.99 -2.29 -27.63
C PHE D 72 45.18 -2.25 -26.67
N LYS D 73 45.66 -3.43 -26.28
CA LYS D 73 46.85 -3.55 -25.44
C LYS D 73 48.08 -3.78 -26.32
N THR D 74 48.00 -3.32 -27.56
CA THR D 74 49.09 -3.47 -28.53
C THR D 74 49.19 -2.23 -29.41
N LYS D 75 50.40 -1.81 -29.73
CA LYS D 75 50.62 -0.65 -30.60
C LYS D 75 50.07 -0.91 -32.00
N ILE D 76 49.25 0.01 -32.48
CA ILE D 76 48.61 -0.17 -33.79
C ILE D 76 48.73 1.08 -34.66
N TYR D 77 48.76 0.87 -35.96
CA TYR D 77 48.84 1.96 -36.92
C TYR D 77 47.55 2.05 -37.73
N HIS D 78 46.51 2.56 -37.09
CA HIS D 78 45.21 2.72 -37.73
C HIS D 78 44.71 4.14 -37.49
N PRO D 79 44.05 4.73 -38.50
CA PRO D 79 43.47 6.07 -38.37
C PRO D 79 42.24 6.08 -37.45
N ASN D 80 41.84 4.92 -36.97
CA ASN D 80 40.67 4.82 -36.09
C ASN D 80 41.02 4.34 -34.67
N ILE D 81 42.31 4.13 -34.43
CA ILE D 81 42.77 3.63 -33.13
C ILE D 81 43.85 4.54 -32.52
N ASP D 82 43.51 5.16 -31.39
CA ASP D 82 44.45 6.06 -30.70
C ASP D 82 45.62 5.26 -30.13
N GLU D 83 46.72 5.95 -29.88
CA GLU D 83 47.92 5.29 -29.36
C GLU D 83 47.67 4.68 -27.98
N LYS D 84 46.66 5.18 -27.28
CA LYS D 84 46.26 4.62 -26.00
C LYS D 84 45.43 3.35 -26.23
N GLY D 85 45.15 3.06 -27.49
CA GLY D 85 44.40 1.88 -27.86
C GLY D 85 42.94 2.17 -28.15
N GLN D 86 42.50 3.37 -27.78
CA GLN D 86 41.10 3.76 -27.90
C GLN D 86 40.56 3.58 -29.32
N VAL D 87 39.32 3.12 -29.43
CA VAL D 87 38.65 2.98 -30.73
C VAL D 87 37.29 3.69 -30.73
N CYS D 88 36.97 4.35 -31.84
CA CYS D 88 35.69 5.03 -32.00
C CYS D 88 34.75 4.17 -32.83
N LEU D 89 34.27 3.09 -32.23
CA LEU D 89 33.43 2.10 -32.91
C LEU D 89 31.98 2.56 -32.92
N PRO D 90 31.27 2.30 -34.03
CA PRO D 90 29.85 2.64 -34.15
C PRO D 90 28.97 1.67 -33.35
N VAL D 91 29.18 0.38 -33.54
CA VAL D 91 28.35 -0.65 -32.90
C VAL D 91 28.31 -0.51 -31.37
N ILE D 92 29.45 -0.25 -30.76
CA ILE D 92 29.50 -0.04 -29.32
C ILE D 92 29.42 1.45 -29.00
N SER D 93 28.67 2.18 -29.81
CA SER D 93 28.44 3.60 -29.58
C SER D 93 27.02 3.85 -29.07
N ALA D 94 26.87 4.82 -28.18
CA ALA D 94 25.59 5.06 -27.51
C ALA D 94 24.50 5.61 -28.42
N GLU D 95 24.65 5.47 -29.74
CA GLU D 95 23.62 5.90 -30.66
C GLU D 95 23.05 4.70 -31.40
N ASN D 96 23.84 3.64 -31.48
CA ASN D 96 23.42 2.45 -32.20
C ASN D 96 23.25 1.27 -31.26
N TRP D 97 23.36 1.52 -29.97
CA TRP D 97 23.37 0.42 -29.00
C TRP D 97 21.98 -0.09 -28.62
N LYS D 98 21.71 -1.32 -29.03
CA LYS D 98 20.52 -2.04 -28.61
C LYS D 98 20.98 -3.12 -27.63
N PRO D 99 20.27 -3.30 -26.51
CA PRO D 99 20.68 -4.31 -25.55
C PRO D 99 20.72 -5.72 -26.15
N ALA D 100 20.29 -5.86 -27.41
CA ALA D 100 20.17 -7.17 -28.03
C ALA D 100 21.39 -7.56 -28.85
N THR D 101 22.44 -6.75 -28.80
CA THR D 101 23.62 -7.03 -29.59
C THR D 101 24.52 -8.04 -28.89
N LYS D 102 24.98 -9.04 -29.64
CA LYS D 102 25.91 -10.03 -29.09
C LYS D 102 27.32 -9.46 -29.09
N THR D 103 28.32 -10.31 -28.84
CA THR D 103 29.70 -9.89 -28.97
C THR D 103 30.27 -10.35 -30.31
N ASP D 104 29.82 -11.50 -30.77
CA ASP D 104 30.26 -12.01 -32.07
C ASP D 104 29.85 -11.04 -33.18
N GLN D 105 29.04 -10.05 -32.82
CA GLN D 105 28.63 -9.01 -33.75
C GLN D 105 29.45 -7.74 -33.54
N VAL D 106 29.79 -7.46 -32.28
CA VAL D 106 30.56 -6.26 -31.96
C VAL D 106 31.99 -6.40 -32.44
N ILE D 107 32.41 -7.64 -32.65
CA ILE D 107 33.75 -7.92 -33.15
C ILE D 107 33.73 -7.98 -34.68
N GLN D 108 32.84 -8.78 -35.24
CA GLN D 108 32.70 -8.84 -36.68
C GLN D 108 32.61 -7.43 -37.26
N SER D 109 32.24 -6.47 -36.42
CA SER D 109 32.18 -5.07 -36.83
C SER D 109 33.56 -4.42 -36.67
N LEU D 110 34.13 -4.54 -35.49
CA LEU D 110 35.45 -3.95 -35.22
C LEU D 110 36.53 -4.57 -36.10
N ILE D 111 36.29 -5.79 -36.58
CA ILE D 111 37.23 -6.46 -37.47
C ILE D 111 37.11 -5.93 -38.88
N ALA D 112 35.90 -6.01 -39.45
CA ALA D 112 35.65 -5.55 -40.81
C ALA D 112 35.98 -4.07 -40.99
N LEU D 113 36.31 -3.40 -39.87
CA LEU D 113 36.72 -2.01 -39.90
C LEU D 113 38.14 -1.84 -40.42
N VAL D 114 39.01 -2.79 -40.08
CA VAL D 114 40.40 -2.74 -40.50
C VAL D 114 40.57 -3.13 -41.96
N ASN D 115 39.59 -3.83 -42.51
CA ASN D 115 39.63 -4.25 -43.90
C ASN D 115 39.11 -3.15 -44.83
N ASP D 116 38.58 -2.10 -44.21
CA ASP D 116 38.07 -0.95 -44.96
C ASP D 116 37.86 0.21 -43.99
N PRO D 117 38.94 0.86 -43.57
CA PRO D 117 38.92 1.92 -42.56
C PRO D 117 38.06 3.11 -42.99
N GLN D 118 37.93 4.11 -42.13
CA GLN D 118 37.11 5.27 -42.42
C GLN D 118 37.70 6.55 -41.79
N PRO D 119 37.95 7.56 -42.64
CA PRO D 119 38.42 8.87 -42.20
C PRO D 119 37.26 9.77 -41.74
N GLU D 120 36.05 9.20 -41.72
CA GLU D 120 34.87 9.94 -41.29
C GLU D 120 34.85 10.13 -39.78
N HIS D 121 35.24 9.09 -39.04
CA HIS D 121 35.33 9.17 -37.59
C HIS D 121 36.74 8.82 -37.11
N PRO D 122 37.76 9.57 -37.58
CA PRO D 122 39.15 9.28 -37.25
C PRO D 122 39.52 9.79 -35.87
N LEU D 123 40.33 9.02 -35.14
CA LEU D 123 40.76 9.41 -33.80
C LEU D 123 42.20 9.92 -33.80
N ARG D 124 42.76 10.09 -34.99
CA ARG D 124 44.13 10.61 -35.13
C ARG D 124 44.34 11.34 -36.45
N ALA D 125 44.73 12.61 -36.36
CA ALA D 125 45.02 13.41 -37.54
C ALA D 125 46.46 13.18 -37.98
N ASP D 126 47.08 12.17 -37.40
CA ASP D 126 48.48 11.86 -37.68
C ASP D 126 48.65 11.23 -39.07
N LEU D 127 47.68 10.40 -39.47
CA LEU D 127 47.75 9.73 -40.76
C LEU D 127 46.38 9.64 -41.43
N ALA D 128 45.49 10.55 -41.06
CA ALA D 128 44.17 10.62 -41.66
C ALA D 128 44.26 11.03 -43.12
N GLU D 129 44.88 12.17 -43.37
CA GLU D 129 45.12 12.65 -44.72
C GLU D 129 46.11 11.75 -45.43
N GLU D 130 46.97 11.11 -44.65
CA GLU D 130 47.97 10.19 -45.17
C GLU D 130 47.31 9.10 -46.00
N TYR D 131 46.26 8.50 -45.45
CA TYR D 131 45.49 7.50 -46.17
C TYR D 131 44.77 8.15 -47.34
N SER D 132 44.42 9.42 -47.17
CA SER D 132 43.62 10.14 -48.16
C SER D 132 44.37 10.35 -49.48
N LYS D 133 45.51 11.03 -49.41
CA LYS D 133 46.27 11.38 -50.60
C LYS D 133 47.08 10.21 -51.15
N ASP D 134 48.05 9.75 -50.39
CA ASP D 134 48.95 8.69 -50.83
C ASP D 134 48.63 7.37 -50.13
N ARG D 135 48.10 6.41 -50.90
CA ARG D 135 47.74 5.11 -50.35
C ARG D 135 48.96 4.21 -50.14
N LYS D 136 49.78 4.06 -51.18
CA LYS D 136 50.97 3.22 -51.11
C LYS D 136 51.87 3.62 -49.93
N LYS D 137 51.72 4.86 -49.47
CA LYS D 137 52.52 5.37 -48.35
C LYS D 137 51.94 4.95 -47.01
N PHE D 138 50.70 4.49 -47.00
CA PHE D 138 50.07 4.00 -45.78
C PHE D 138 50.09 2.47 -45.75
N CYS D 139 50.52 1.86 -46.84
CA CYS D 139 50.65 0.41 -46.93
C CYS D 139 52.11 -0.01 -47.00
N LYS D 140 52.98 0.95 -47.29
CA LYS D 140 54.41 0.72 -47.23
C LYS D 140 54.96 1.28 -45.93
N ASN D 141 54.05 1.84 -45.14
CA ASN D 141 54.39 2.37 -43.82
C ASN D 141 53.56 1.69 -42.74
N ALA D 142 52.75 0.73 -43.16
CA ALA D 142 51.92 -0.04 -42.24
C ALA D 142 52.52 -1.41 -41.95
N GLU D 143 52.78 -2.18 -43.01
CA GLU D 143 53.38 -3.50 -42.87
C GLU D 143 54.67 -3.42 -42.07
N GLU D 144 55.21 -2.20 -41.93
CA GLU D 144 56.40 -1.97 -41.14
C GLU D 144 56.04 -1.86 -39.66
N PHE D 145 55.18 -0.91 -39.33
CA PHE D 145 54.79 -0.70 -37.94
C PHE D 145 54.09 -1.92 -37.36
N THR D 146 53.45 -2.70 -38.21
CA THR D 146 52.78 -3.92 -37.78
C THR D 146 53.81 -4.97 -37.37
N LYS D 147 54.94 -4.99 -38.08
CA LYS D 147 55.96 -6.00 -37.86
C LYS D 147 57.01 -5.57 -36.84
N LYS D 148 56.91 -4.35 -36.35
CA LYS D 148 57.89 -3.84 -35.39
C LYS D 148 57.45 -3.99 -33.93
N TYR D 149 56.15 -4.21 -33.72
CA TYR D 149 55.61 -4.32 -32.36
C TYR D 149 54.58 -5.44 -32.24
N GLY D 150 53.74 -5.56 -33.27
CA GLY D 150 52.63 -6.50 -33.26
C GLY D 150 53.02 -7.90 -32.83
N GLU D 151 52.30 -8.43 -31.85
CA GLU D 151 52.56 -9.79 -31.35
C GLU D 151 52.35 -10.83 -32.45
N LYS D 152 52.84 -12.04 -32.23
CA LYS D 152 52.79 -13.12 -33.22
C LYS D 152 51.37 -13.43 -33.67
#